data_9V4C
#
_entry.id   9V4C
#
_cell.length_a   98.818
_cell.length_b   117.353
_cell.length_c   204.235
_cell.angle_alpha   90.00
_cell.angle_beta   90.00
_cell.angle_gamma   90.00
#
_symmetry.space_group_name_H-M   'P 21 21 21'
#
loop_
_entity.id
_entity.type
_entity.pdbx_description
1 polymer 'Fructose-6-phosphate aldolase'
2 water water
#
_entity_poly.entity_id   1
_entity_poly.type   'polypeptide(L)'
_entity_poly.pdbx_seq_one_letter_code
;GGMELYLDTADIVAIKRLAKVLPISGVTTNPSIVAKSGKPIFLLLNELQEVLGSDKLLFAQVLSSNADEMIKETYQLRKA
VPSIVTKIPVNAQGLIAIKELTQQGIPTLGTAVYGAGQGFLAALAGAKYIAPYVNRIDAQGGNSKDTVLELQKLLDLHCP
QSLVLAASFRTPRQALDCILAGCKSITLPVDVAELFISDPAVDAVITKFDQDWCNAFGTLSF
;
_entity_poly.pdbx_strand_id   A,B,C,D,E,F,G,H,I,J
#
# COMPACT_ATOMS: atom_id res chain seq x y z
N GLY A 2 13.03 10.83 25.53
CA GLY A 2 12.59 10.62 26.90
C GLY A 2 11.78 9.35 27.11
N MET A 3 12.36 8.20 26.79
CA MET A 3 11.73 6.91 27.07
C MET A 3 11.90 6.56 28.55
N GLU A 4 10.83 6.03 29.14
CA GLU A 4 10.85 5.60 30.54
C GLU A 4 10.47 4.13 30.58
N LEU A 5 11.37 3.31 31.12
CA LEU A 5 11.18 1.87 31.24
C LEU A 5 10.93 1.50 32.71
N TYR A 6 9.82 0.83 32.98
CA TYR A 6 9.46 0.41 34.32
C TYR A 6 9.30 -1.10 34.40
N LEU A 7 9.46 -1.64 35.61
CA LEU A 7 9.15 -3.04 35.87
C LEU A 7 7.78 -3.17 36.52
N ASP A 8 6.99 -4.12 36.02
CA ASP A 8 5.62 -4.32 36.45
C ASP A 8 5.60 -5.56 37.36
N THR A 9 5.91 -5.35 38.64
CA THR A 9 6.10 -6.45 39.57
C THR A 9 6.14 -5.92 41.00
N ALA A 10 5.89 -6.82 41.95
CA ALA A 10 6.15 -6.55 43.37
C ALA A 10 7.20 -7.50 43.94
N ASP A 11 7.95 -8.18 43.07
CA ASP A 11 8.94 -9.18 43.49
C ASP A 11 10.26 -8.46 43.75
N ILE A 12 10.57 -8.23 45.03
CA ILE A 12 11.72 -7.42 45.42
C ILE A 12 13.02 -8.07 44.96
N VAL A 13 13.10 -9.40 45.03
CA VAL A 13 14.29 -10.09 44.55
C VAL A 13 14.52 -9.81 43.07
N ALA A 14 13.47 -9.98 42.26
CA ALA A 14 13.61 -9.71 40.83
C ALA A 14 13.93 -8.24 40.57
N ILE A 15 13.30 -7.33 41.31
CA ILE A 15 13.50 -5.90 41.08
C ILE A 15 14.95 -5.51 41.36
N LYS A 16 15.49 -5.98 42.48
CA LYS A 16 16.88 -5.70 42.82
C LYS A 16 17.81 -6.15 41.70
N ARG A 17 17.55 -7.34 41.15
CA ARG A 17 18.42 -7.89 40.12
C ARG A 17 18.25 -7.15 38.79
N LEU A 18 17.00 -6.95 38.37
CA LEU A 18 16.78 -6.33 37.08
C LEU A 18 17.14 -4.85 37.10
N ALA A 19 17.06 -4.19 38.27
CA ALA A 19 17.46 -2.79 38.33
C ALA A 19 18.96 -2.62 38.14
N LYS A 20 19.77 -3.62 38.49
CA LYS A 20 21.20 -3.53 38.22
C LYS A 20 21.49 -3.70 36.73
N VAL A 21 20.64 -4.47 36.03
CA VAL A 21 20.86 -4.78 34.62
C VAL A 21 20.24 -3.72 33.71
N LEU A 22 19.00 -3.38 33.95
CA LEU A 22 18.29 -2.63 32.94
C LEU A 22 18.25 -1.14 33.30
N PRO A 23 18.13 -0.26 32.31
CA PRO A 23 17.99 1.18 32.63
C PRO A 23 16.54 1.52 32.99
N ILE A 24 16.12 1.13 34.17
CA ILE A 24 14.73 1.29 34.56
C ILE A 24 14.55 2.61 35.29
N SER A 25 13.38 3.22 35.11
CA SER A 25 13.01 4.44 35.81
C SER A 25 12.20 4.19 37.08
N GLY A 26 11.78 2.96 37.34
CA GLY A 26 10.96 2.72 38.52
C GLY A 26 10.11 1.47 38.35
N VAL A 27 9.04 1.40 39.13
CA VAL A 27 8.23 0.19 39.24
C VAL A 27 6.75 0.56 39.26
N THR A 28 5.93 -0.19 38.52
CA THR A 28 4.48 -0.07 38.58
C THR A 28 3.89 -1.25 39.33
N THR A 29 2.78 -1.00 40.02
CA THR A 29 2.02 -2.05 40.69
C THR A 29 0.55 -1.89 40.33
N ASN A 30 -0.24 -2.91 40.69
CA ASN A 30 -1.69 -2.86 40.58
C ASN A 30 -2.24 -3.74 41.68
N PRO A 31 -3.56 -3.73 41.92
CA PRO A 31 -4.04 -4.44 43.12
C PRO A 31 -3.80 -5.95 43.09
N SER A 32 -3.81 -6.57 41.90
CA SER A 32 -3.50 -8.00 41.84
C SER A 32 -2.04 -8.26 42.14
N ILE A 33 -1.14 -7.42 41.62
CA ILE A 33 0.28 -7.61 41.89
C ILE A 33 0.58 -7.45 43.37
N VAL A 34 -0.02 -6.43 44.00
CA VAL A 34 0.20 -6.25 45.43
C VAL A 34 -0.43 -7.39 46.21
N ALA A 35 -1.62 -7.84 45.78
CA ALA A 35 -2.28 -8.96 46.44
C ALA A 35 -1.42 -10.22 46.37
N LYS A 36 -0.81 -10.49 45.21
CA LYS A 36 -0.01 -11.69 45.05
C LYS A 36 1.21 -11.66 45.98
N SER A 37 1.78 -10.48 46.19
CA SER A 37 2.91 -10.36 47.11
C SER A 37 2.52 -10.66 48.53
N GLY A 38 1.22 -10.57 48.85
CA GLY A 38 0.74 -10.79 50.21
C GLY A 38 1.17 -9.74 51.21
N LYS A 39 1.83 -8.67 50.77
CA LYS A 39 2.27 -7.68 51.73
C LYS A 39 1.30 -6.52 51.80
N PRO A 40 1.04 -5.99 53.00
CA PRO A 40 0.34 -4.71 53.09
C PRO A 40 1.05 -3.67 52.22
N ILE A 41 0.26 -2.79 51.59
CA ILE A 41 0.81 -1.97 50.52
C ILE A 41 1.83 -0.97 51.07
N PHE A 42 1.60 -0.44 52.28
CA PHE A 42 2.52 0.56 52.80
C PHE A 42 3.87 -0.06 53.17
N LEU A 43 3.87 -1.29 53.68
CA LEU A 43 5.13 -2.00 53.85
C LEU A 43 5.81 -2.26 52.51
N LEU A 44 5.04 -2.70 51.51
CA LEU A 44 5.62 -2.94 50.20
C LEU A 44 6.21 -1.67 49.60
N LEU A 45 5.49 -0.55 49.73
CA LEU A 45 5.96 0.72 49.17
C LEU A 45 7.27 1.17 49.81
N ASN A 46 7.40 0.99 51.12
CA ASN A 46 8.67 1.32 51.75
C ASN A 46 9.78 0.36 51.31
N GLU A 47 9.46 -0.92 51.19
CA GLU A 47 10.43 -1.86 50.64
C GLU A 47 10.90 -1.45 49.25
N LEU A 48 9.96 -1.00 48.41
CA LEU A 48 10.31 -0.60 47.05
C LEU A 48 11.19 0.64 47.04
N GLN A 49 10.91 1.61 47.92
CA GLN A 49 11.76 2.80 48.00
C GLN A 49 13.19 2.43 48.39
N GLU A 50 13.34 1.44 49.26
CA GLU A 50 14.66 1.04 49.74
C GLU A 50 15.50 0.43 48.61
N VAL A 51 14.94 -0.57 47.91
CA VAL A 51 15.68 -1.22 46.83
C VAL A 51 15.95 -0.24 45.69
N LEU A 52 14.96 0.55 45.31
CA LEU A 52 15.11 1.42 44.14
C LEU A 52 15.95 2.65 44.43
N GLY A 53 15.80 3.25 45.61
CA GLY A 53 16.37 4.54 45.88
C GLY A 53 15.38 5.65 45.66
N SER A 54 15.91 6.88 45.56
CA SER A 54 15.10 8.09 45.55
C SER A 54 14.97 8.74 44.18
N ASP A 55 15.81 8.37 43.21
CA ASP A 55 15.67 8.92 41.86
C ASP A 55 14.53 8.27 41.06
N LYS A 56 13.92 7.22 41.58
CA LYS A 56 13.01 6.40 40.78
C LYS A 56 11.55 6.78 41.07
N LEU A 57 10.67 6.23 40.25
CA LEU A 57 9.26 6.59 40.27
C LEU A 57 8.42 5.35 40.56
N LEU A 58 7.47 5.47 41.47
CA LEU A 58 6.57 4.37 41.79
C LEU A 58 5.15 4.68 41.29
N PHE A 59 4.40 3.63 40.98
CA PHE A 59 3.00 3.73 40.58
C PHE A 59 2.17 2.75 41.41
N ALA A 60 1.05 3.23 41.95
CA ALA A 60 0.15 2.39 42.73
C ALA A 60 -1.29 2.79 42.43
N GLN A 61 -2.22 1.84 42.62
CA GLN A 61 -3.61 1.96 42.18
C GLN A 61 -4.58 2.16 43.35
N VAL A 62 -5.51 3.09 43.19
CA VAL A 62 -6.60 3.22 44.13
C VAL A 62 -7.50 1.98 44.07
N LEU A 63 -8.32 1.81 45.10
CA LEU A 63 -9.16 0.63 45.28
C LEU A 63 -10.64 0.88 45.06
N SER A 64 -11.19 1.98 45.55
CA SER A 64 -12.64 2.05 45.59
C SER A 64 -13.18 2.45 44.23
N SER A 65 -14.50 2.27 44.07
CA SER A 65 -15.20 2.69 42.88
C SER A 65 -15.84 4.06 43.00
N ASN A 66 -15.69 4.73 44.15
CA ASN A 66 -16.27 6.05 44.37
C ASN A 66 -15.18 7.12 44.34
N ALA A 67 -15.47 8.23 43.66
CA ALA A 67 -14.47 9.26 43.43
C ALA A 67 -13.95 9.85 44.74
N ASP A 68 -14.84 10.07 45.72
CA ASP A 68 -14.38 10.71 46.95
C ASP A 68 -13.38 9.80 47.68
N GLU A 69 -13.64 8.50 47.72
CA GLU A 69 -12.72 7.60 48.40
C GLU A 69 -11.46 7.33 47.55
N MET A 70 -11.58 7.33 46.22
CA MET A 70 -10.38 7.27 45.38
C MET A 70 -9.43 8.41 45.71
N ILE A 71 -9.97 9.62 45.87
CA ILE A 71 -9.15 10.76 46.20
C ILE A 71 -8.54 10.60 47.58
N LYS A 72 -9.32 10.15 48.55
CA LYS A 72 -8.77 9.88 49.87
C LYS A 72 -7.65 8.84 49.80
N GLU A 73 -7.83 7.82 48.97
CA GLU A 73 -6.79 6.80 48.82
C GLU A 73 -5.55 7.37 48.15
N THR A 74 -5.73 8.28 47.18
CA THR A 74 -4.60 8.98 46.58
C THR A 74 -3.79 9.72 47.64
N TYR A 75 -4.47 10.45 48.54
CA TYR A 75 -3.78 11.16 49.61
C TYR A 75 -2.98 10.22 50.50
N GLN A 76 -3.52 9.03 50.79
CA GLN A 76 -2.80 8.07 51.62
C GLN A 76 -1.51 7.62 50.93
N LEU A 77 -1.60 7.30 49.63
CA LEU A 77 -0.41 6.90 48.87
C LEU A 77 0.62 8.03 48.83
N ARG A 78 0.17 9.26 48.57
CA ARG A 78 1.09 10.38 48.50
C ARG A 78 1.76 10.62 49.85
N LYS A 79 1.02 10.45 50.94
CA LYS A 79 1.62 10.60 52.26
C LYS A 79 2.75 9.58 52.46
N ALA A 80 2.53 8.33 52.06
CA ALA A 80 3.55 7.30 52.20
C ALA A 80 4.70 7.51 51.22
N VAL A 81 4.39 7.95 50.00
CA VAL A 81 5.39 8.15 48.94
C VAL A 81 5.09 9.48 48.25
N PRO A 82 5.79 10.57 48.58
CA PRO A 82 5.33 11.89 48.15
C PRO A 82 5.36 12.12 46.64
N SER A 83 6.21 11.38 45.91
CA SER A 83 6.30 11.53 44.47
C SER A 83 5.50 10.51 43.68
N ILE A 84 4.74 9.64 44.36
CA ILE A 84 4.08 8.54 43.67
C ILE A 84 3.08 9.05 42.63
N VAL A 85 2.94 8.30 41.54
CA VAL A 85 1.90 8.52 40.54
C VAL A 85 0.77 7.54 40.83
N THR A 86 -0.44 8.07 40.98
CA THR A 86 -1.58 7.25 41.35
C THR A 86 -2.31 6.76 40.10
N LYS A 87 -2.59 5.46 40.04
CA LYS A 87 -3.29 4.85 38.92
C LYS A 87 -4.78 4.80 39.20
N ILE A 88 -5.57 5.25 38.22
CA ILE A 88 -7.00 5.40 38.38
C ILE A 88 -7.69 4.79 37.17
N PRO A 89 -8.59 3.83 37.35
CA PRO A 89 -9.27 3.23 36.19
C PRO A 89 -10.10 4.26 35.44
N VAL A 90 -10.04 4.21 34.12
CA VAL A 90 -10.74 5.19 33.30
C VAL A 90 -12.20 4.79 33.11
N ASN A 91 -13.04 5.22 34.06
CA ASN A 91 -14.49 5.08 33.99
C ASN A 91 -15.07 6.37 34.55
N ALA A 92 -16.40 6.42 34.72
CA ALA A 92 -17.05 7.68 35.08
C ALA A 92 -16.48 8.24 36.38
N GLN A 93 -16.49 7.44 37.46
CA GLN A 93 -15.93 7.91 38.73
C GLN A 93 -14.44 8.18 38.62
N GLY A 94 -13.73 7.36 37.84
CA GLY A 94 -12.30 7.57 37.69
C GLY A 94 -11.98 8.90 37.03
N LEU A 95 -12.76 9.28 36.02
CA LEU A 95 -12.56 10.55 35.34
C LEU A 95 -12.79 11.73 36.29
N ILE A 96 -13.77 11.60 37.19
CA ILE A 96 -14.00 12.64 38.19
C ILE A 96 -12.79 12.78 39.10
N ALA A 97 -12.25 11.66 39.58
CA ALA A 97 -11.04 11.71 40.41
C ALA A 97 -9.88 12.37 39.66
N ILE A 98 -9.66 11.96 38.41
CA ILE A 98 -8.55 12.49 37.63
C ILE A 98 -8.65 14.01 37.49
N LYS A 99 -9.87 14.52 37.25
CA LYS A 99 -10.03 15.97 37.12
C LYS A 99 -9.77 16.70 38.44
N GLU A 100 -10.26 16.15 39.55
CA GLU A 100 -10.00 16.75 40.86
C GLU A 100 -8.50 16.77 41.17
N LEU A 101 -7.81 15.64 40.96
CA LEU A 101 -6.40 15.56 41.30
C LEU A 101 -5.55 16.45 40.40
N THR A 102 -5.89 16.52 39.11
CA THR A 102 -5.22 17.44 38.21
C THR A 102 -5.38 18.89 38.68
N GLN A 103 -6.57 19.25 39.16
CA GLN A 103 -6.80 20.61 39.68
C GLN A 103 -5.82 20.96 40.79
N GLN A 104 -5.35 19.96 41.53
CA GLN A 104 -4.45 20.15 42.65
C GLN A 104 -3.00 19.86 42.29
N GLY A 105 -2.70 19.63 41.02
CA GLY A 105 -1.33 19.38 40.63
C GLY A 105 -0.79 18.01 41.01
N ILE A 106 -1.67 17.05 41.27
CA ILE A 106 -1.28 15.71 41.68
C ILE A 106 -1.25 14.83 40.43
N PRO A 107 -0.11 14.21 40.09
CA PRO A 107 -0.03 13.46 38.82
C PRO A 107 -0.77 12.14 38.92
N THR A 108 -1.40 11.74 37.81
CA THR A 108 -2.17 10.50 37.80
C THR A 108 -1.87 9.73 36.53
N LEU A 109 -2.31 8.48 36.54
CA LEU A 109 -2.27 7.60 35.40
C LEU A 109 -3.68 7.03 35.22
N GLY A 110 -4.25 7.19 34.03
CA GLY A 110 -5.50 6.52 33.72
C GLY A 110 -5.25 5.10 33.25
N THR A 111 -5.74 4.11 34.00
CA THR A 111 -5.40 2.72 33.74
C THR A 111 -6.64 1.94 33.29
N ALA A 112 -6.44 0.64 33.02
CA ALA A 112 -7.51 -0.24 32.53
C ALA A 112 -8.14 0.30 31.25
N VAL A 113 -7.29 0.69 30.30
CA VAL A 113 -7.72 1.32 29.06
C VAL A 113 -7.78 0.25 27.98
N TYR A 114 -8.98 0.02 27.43
CA TYR A 114 -9.24 -0.99 26.42
C TYR A 114 -9.53 -0.40 25.05
N GLY A 115 -9.65 0.91 24.94
CA GLY A 115 -9.95 1.55 23.67
C GLY A 115 -9.28 2.90 23.60
N ALA A 116 -9.03 3.36 22.37
CA ALA A 116 -8.29 4.61 22.22
C ALA A 116 -9.10 5.82 22.67
N GLY A 117 -10.41 5.84 22.38
CA GLY A 117 -11.23 6.96 22.81
C GLY A 117 -11.32 7.07 24.33
N GLN A 118 -11.54 5.94 24.99
CA GLN A 118 -11.48 5.87 26.45
C GLN A 118 -10.19 6.48 27.00
N GLY A 119 -9.03 5.99 26.52
CA GLY A 119 -7.76 6.51 27.03
C GLY A 119 -7.59 7.99 26.73
N PHE A 120 -8.05 8.43 25.55
CA PHE A 120 -7.90 9.83 25.16
C PHE A 120 -8.68 10.76 26.10
N LEU A 121 -9.87 10.32 26.56
CA LEU A 121 -10.65 11.12 27.51
C LEU A 121 -9.92 11.33 28.83
N ALA A 122 -9.18 10.31 29.30
CA ALA A 122 -8.40 10.48 30.53
C ALA A 122 -7.29 11.50 30.34
N ALA A 123 -6.62 11.48 29.18
CA ALA A 123 -5.60 12.49 28.93
C ALA A 123 -6.22 13.89 28.91
N LEU A 124 -7.36 14.06 28.24
CA LEU A 124 -8.00 15.37 28.22
C LEU A 124 -8.42 15.80 29.62
N ALA A 125 -8.80 14.85 30.48
CA ALA A 125 -9.15 15.19 31.85
C ALA A 125 -7.93 15.50 32.71
N GLY A 126 -6.72 15.21 32.23
CA GLY A 126 -5.50 15.68 32.88
C GLY A 126 -4.49 14.60 33.27
N ALA A 127 -4.73 13.33 33.03
CA ALA A 127 -3.78 12.29 33.43
C ALA A 127 -2.51 12.40 32.59
N LYS A 128 -1.35 12.36 33.25
CA LYS A 128 -0.11 12.45 32.50
C LYS A 128 0.16 11.16 31.73
N TYR A 129 -0.17 10.01 32.32
CA TYR A 129 0.06 8.70 31.72
C TYR A 129 -1.26 8.03 31.41
N ILE A 130 -1.30 7.31 30.29
CA ILE A 130 -2.44 6.50 29.89
C ILE A 130 -1.94 5.08 29.64
N ALA A 131 -2.49 4.09 30.34
CA ALA A 131 -1.97 2.73 30.25
C ALA A 131 -2.99 1.81 29.58
N PRO A 132 -2.88 1.56 28.28
CA PRO A 132 -3.69 0.49 27.67
C PRO A 132 -3.25 -0.87 28.20
N TYR A 133 -4.22 -1.77 28.37
CA TYR A 133 -3.91 -3.14 28.78
C TYR A 133 -3.72 -3.95 27.52
N VAL A 134 -2.49 -3.88 26.98
CA VAL A 134 -2.16 -4.40 25.66
C VAL A 134 -2.61 -5.84 25.52
N ASN A 135 -2.11 -6.71 26.39
CA ASN A 135 -2.40 -8.14 26.26
C ASN A 135 -3.87 -8.45 26.48
N ARG A 136 -4.53 -7.73 27.39
CA ARG A 136 -5.95 -7.97 27.60
C ARG A 136 -6.77 -7.65 26.35
N ILE A 137 -6.35 -6.63 25.59
CA ILE A 137 -6.99 -6.33 24.31
C ILE A 137 -6.85 -7.51 23.34
N ASP A 138 -5.62 -8.05 23.21
CA ASP A 138 -5.44 -9.24 22.37
C ASP A 138 -6.19 -10.44 22.93
N ALA A 139 -6.30 -10.57 24.25
CA ALA A 139 -6.91 -11.76 24.83
C ALA A 139 -8.40 -11.84 24.57
N GLN A 140 -9.06 -10.70 24.35
CA GLN A 140 -10.51 -10.62 24.20
C GLN A 140 -10.89 -10.33 22.75
N GLY A 141 -10.13 -10.89 21.81
CA GLY A 141 -10.46 -10.82 20.40
C GLY A 141 -10.22 -9.49 19.72
N GLY A 142 -9.46 -8.58 20.33
CA GLY A 142 -9.11 -7.33 19.69
C GLY A 142 -7.78 -7.43 18.95
N ASN A 143 -7.21 -6.26 18.64
CA ASN A 143 -5.90 -6.13 18.00
C ASN A 143 -5.17 -5.02 18.74
N SER A 144 -4.34 -5.39 19.73
CA SER A 144 -3.70 -4.39 20.58
C SER A 144 -2.80 -3.47 19.79
N LYS A 145 -2.11 -3.99 18.76
CA LYS A 145 -1.25 -3.14 17.95
C LYS A 145 -2.05 -1.99 17.32
N ASP A 146 -3.24 -2.29 16.78
CA ASP A 146 -4.08 -1.24 16.20
C ASP A 146 -4.55 -0.24 17.26
N THR A 147 -4.99 -0.75 18.41
CA THR A 147 -5.48 0.12 19.47
C THR A 147 -4.40 1.07 19.98
N VAL A 148 -3.20 0.53 20.23
CA VAL A 148 -2.09 1.36 20.72
C VAL A 148 -1.68 2.40 19.68
N LEU A 149 -1.64 1.99 18.39
CA LEU A 149 -1.35 2.96 17.33
C LEU A 149 -2.34 4.12 17.37
N GLU A 150 -3.63 3.83 17.52
CA GLU A 150 -4.62 4.89 17.53
C GLU A 150 -4.45 5.80 18.75
N LEU A 151 -4.24 5.21 19.92
CA LEU A 151 -4.12 6.01 21.14
C LEU A 151 -2.90 6.92 21.06
N GLN A 152 -1.76 6.39 20.63
CA GLN A 152 -0.57 7.22 20.49
C GLN A 152 -0.77 8.33 19.47
N LYS A 153 -1.48 8.03 18.38
CA LYS A 153 -1.80 9.03 17.37
C LYS A 153 -2.64 10.18 17.96
N LEU A 154 -3.67 9.85 18.74
CA LEU A 154 -4.46 10.90 19.38
C LEU A 154 -3.60 11.77 20.30
N LEU A 155 -2.71 11.16 21.09
CA LEU A 155 -1.86 11.96 21.96
C LEU A 155 -0.93 12.87 21.15
N ASP A 156 -0.33 12.34 20.08
CA ASP A 156 0.56 13.16 19.24
C ASP A 156 -0.21 14.30 18.58
N LEU A 157 -1.45 14.06 18.15
CA LEU A 157 -2.24 15.09 17.47
C LEU A 157 -2.77 16.12 18.44
N HIS A 158 -3.20 15.71 19.63
CA HIS A 158 -4.07 16.54 20.45
C HIS A 158 -3.62 16.74 21.90
N CYS A 159 -2.80 15.86 22.49
CA CYS A 159 -2.44 15.98 23.91
CA CYS A 159 -2.44 15.95 23.91
C CYS A 159 -0.94 15.75 24.10
N PRO A 160 -0.12 16.71 23.70
CA PRO A 160 1.34 16.53 23.80
C PRO A 160 1.86 16.48 25.23
N GLN A 161 1.09 16.88 26.24
CA GLN A 161 1.52 16.78 27.63
C GLN A 161 1.23 15.43 28.27
N SER A 162 0.61 14.49 27.56
CA SER A 162 0.41 13.15 28.08
C SER A 162 1.24 12.15 27.28
N LEU A 163 1.41 10.96 27.85
CA LEU A 163 2.11 9.89 27.17
C LEU A 163 1.43 8.57 27.45
N VAL A 164 1.65 7.62 26.55
CA VAL A 164 1.17 6.26 26.77
C VAL A 164 2.17 5.54 27.66
N LEU A 165 1.67 4.85 28.67
CA LEU A 165 2.48 3.94 29.47
C LEU A 165 1.95 2.55 29.14
N ALA A 166 2.56 1.92 28.16
CA ALA A 166 2.06 0.64 27.69
C ALA A 166 2.30 -0.44 28.74
N ALA A 167 1.31 -1.30 28.93
CA ALA A 167 1.32 -2.26 30.03
C ALA A 167 0.68 -3.56 29.59
N SER A 168 0.88 -4.61 30.41
CA SER A 168 0.22 -5.90 30.25
C SER A 168 0.75 -6.65 29.02
N PHE A 169 1.69 -7.57 29.23
CA PHE A 169 2.41 -8.19 28.12
C PHE A 169 2.65 -9.66 28.37
N ARG A 170 2.47 -10.46 27.32
CA ARG A 170 2.89 -11.84 27.38
C ARG A 170 4.05 -12.15 26.42
N THR A 171 4.31 -11.29 25.43
CA THR A 171 5.38 -11.48 24.48
C THR A 171 6.18 -10.20 24.30
N PRO A 172 7.48 -10.33 24.02
CA PRO A 172 8.28 -9.16 23.63
C PRO A 172 7.82 -8.51 22.35
N ARG A 173 7.19 -9.26 21.44
CA ARG A 173 6.64 -8.66 20.22
C ARG A 173 5.58 -7.60 20.53
N GLN A 174 4.67 -7.90 21.48
CA GLN A 174 3.68 -6.88 21.91
C GLN A 174 4.37 -5.62 22.42
N ALA A 175 5.41 -5.78 23.26
CA ALA A 175 6.09 -4.63 23.82
C ALA A 175 6.87 -3.87 22.76
N LEU A 176 7.53 -4.58 21.86
CA LEU A 176 8.27 -3.92 20.80
C LEU A 176 7.33 -3.11 19.89
N ASP A 177 6.19 -3.71 19.52
CA ASP A 177 5.24 -2.97 18.69
C ASP A 177 4.77 -1.69 19.37
N CYS A 178 4.70 -1.69 20.70
CA CYS A 178 4.28 -0.51 21.44
C CYS A 178 5.31 0.61 21.31
N ILE A 179 6.60 0.30 21.50
CA ILE A 179 7.55 1.39 21.42
C ILE A 179 7.79 1.81 19.98
N LEU A 180 7.60 0.89 19.02
CA LEU A 180 7.62 1.27 17.61
C LEU A 180 6.44 2.18 17.25
N ALA A 181 5.31 2.02 17.91
CA ALA A 181 4.21 2.96 17.69
C ALA A 181 4.53 4.35 18.23
N GLY A 182 5.54 4.47 19.10
CA GLY A 182 5.92 5.75 19.66
C GLY A 182 5.59 5.97 21.13
N CYS A 183 5.07 4.97 21.84
CA CYS A 183 4.83 5.09 23.27
C CYS A 183 6.11 5.50 23.98
N LYS A 184 6.01 6.53 24.81
CA LYS A 184 7.18 7.09 25.47
C LYS A 184 7.46 6.44 26.82
N SER A 185 6.62 5.51 27.26
CA SER A 185 6.87 4.75 28.47
C SER A 185 6.21 3.39 28.35
N ILE A 186 6.75 2.43 29.08
CA ILE A 186 6.30 1.04 29.02
C ILE A 186 6.72 0.36 30.32
N THR A 187 5.89 -0.55 30.81
CA THR A 187 6.21 -1.31 32.01
C THR A 187 6.14 -2.79 31.67
N LEU A 188 7.26 -3.53 31.91
CA LEU A 188 7.38 -4.93 31.53
C LEU A 188 7.29 -5.84 32.75
N PRO A 189 6.54 -6.93 32.67
CA PRO A 189 6.68 -8.00 33.65
C PRO A 189 8.04 -8.67 33.52
N VAL A 190 8.42 -9.41 34.57
CA VAL A 190 9.79 -9.94 34.65
C VAL A 190 10.08 -10.87 33.47
N ASP A 191 9.14 -11.77 33.14
CA ASP A 191 9.45 -12.79 32.14
C ASP A 191 9.70 -12.17 30.76
N VAL A 192 8.94 -11.14 30.39
CA VAL A 192 9.13 -10.47 29.11
C VAL A 192 10.44 -9.66 29.11
N ALA A 193 10.71 -8.93 30.21
CA ALA A 193 11.98 -8.22 30.31
C ALA A 193 13.17 -9.15 30.12
N GLU A 194 13.13 -10.32 30.75
CA GLU A 194 14.26 -11.25 30.61
C GLU A 194 14.42 -11.72 29.16
N LEU A 195 13.31 -11.92 28.46
CA LEU A 195 13.37 -12.43 27.08
C LEU A 195 14.14 -11.48 26.17
N PHE A 196 13.99 -10.16 26.37
CA PHE A 196 14.73 -9.20 25.54
C PHE A 196 16.24 -9.38 25.66
N ILE A 197 16.72 -9.90 26.79
CA ILE A 197 18.15 -9.90 27.05
C ILE A 197 18.71 -11.31 27.16
N SER A 198 18.04 -12.31 26.59
CA SER A 198 18.56 -13.67 26.62
C SER A 198 18.19 -14.42 25.33
N ASP A 199 18.89 -14.12 24.26
CA ASP A 199 18.75 -14.77 22.95
C ASP A 199 19.81 -15.85 22.81
N PRO A 200 19.44 -17.09 22.46
CA PRO A 200 20.49 -18.12 22.29
C PRO A 200 21.47 -17.80 21.18
N ALA A 201 21.05 -17.01 20.20
CA ALA A 201 21.98 -16.59 19.15
C ALA A 201 23.12 -15.75 19.71
N VAL A 202 22.86 -14.97 20.76
CA VAL A 202 23.89 -14.11 21.31
C VAL A 202 24.94 -14.94 22.04
N ASP A 203 24.48 -15.83 22.93
CA ASP A 203 25.38 -16.75 23.61
C ASP A 203 26.25 -17.51 22.61
N ALA A 204 25.63 -17.97 21.50
CA ALA A 204 26.35 -18.78 20.53
C ALA A 204 27.48 -18.01 19.86
N VAL A 205 27.24 -16.75 19.48
CA VAL A 205 28.30 -16.00 18.83
C VAL A 205 29.38 -15.62 19.84
N ILE A 206 29.00 -15.35 21.09
CA ILE A 206 30.01 -15.07 22.11
C ILE A 206 30.86 -16.30 22.37
N THR A 207 30.24 -17.48 22.39
CA THR A 207 31.01 -18.72 22.55
C THR A 207 32.00 -18.90 21.41
N LYS A 208 31.58 -18.59 20.17
CA LYS A 208 32.49 -18.70 19.03
C LYS A 208 33.64 -17.72 19.14
N PHE A 209 33.34 -16.47 19.55
CA PHE A 209 34.39 -15.50 19.82
C PHE A 209 35.43 -16.04 20.79
N ASP A 210 34.97 -16.58 21.93
CA ASP A 210 35.88 -17.06 22.95
C ASP A 210 36.70 -18.25 22.45
N GLN A 211 36.08 -19.14 21.68
CA GLN A 211 36.83 -20.26 21.12
C GLN A 211 37.90 -19.76 20.16
N ASP A 212 37.56 -18.82 19.28
CA ASP A 212 38.55 -18.30 18.36
C ASP A 212 39.70 -17.63 19.10
N TRP A 213 39.38 -16.84 20.13
CA TRP A 213 40.42 -16.18 20.90
C TRP A 213 41.32 -17.18 21.61
N CYS A 214 40.72 -18.17 22.26
CA CYS A 214 41.51 -19.17 22.98
C CYS A 214 42.35 -20.03 22.04
N ASN A 215 41.88 -20.28 20.81
CA ASN A 215 42.67 -21.01 19.83
C ASN A 215 43.91 -20.23 19.41
N ALA A 216 43.82 -18.91 19.34
CA ALA A 216 44.96 -18.11 18.91
C ALA A 216 45.90 -17.78 20.06
N PHE A 217 45.37 -17.46 21.25
CA PHE A 217 46.20 -16.88 22.29
C PHE A 217 46.20 -17.67 23.60
N GLY A 218 45.42 -18.71 23.73
CA GLY A 218 45.51 -19.55 24.93
C GLY A 218 44.70 -19.13 26.14
N THR A 219 44.72 -17.85 26.50
CA THR A 219 43.96 -17.34 27.63
C THR A 219 42.97 -16.27 27.18
N LEU A 220 41.81 -16.23 27.84
CA LEU A 220 40.77 -15.24 27.56
C LEU A 220 41.12 -13.95 28.28
N SER A 221 42.17 -13.30 27.79
CA SER A 221 42.66 -12.07 28.38
C SER A 221 43.51 -11.34 27.34
N PHE A 222 43.69 -10.05 27.57
CA PHE A 222 44.52 -9.24 26.70
C PHE A 222 45.99 -9.49 27.03
N GLY B 1 -1.60 19.52 19.91
CA GLY B 1 -2.14 20.40 20.93
C GLY B 1 -3.52 20.99 20.62
N GLY B 2 -4.42 20.94 21.61
CA GLY B 2 -5.71 21.58 21.52
C GLY B 2 -6.85 20.67 21.06
N MET B 3 -7.64 20.16 21.98
CA MET B 3 -8.87 19.46 21.63
C MET B 3 -10.02 20.11 22.38
N GLU B 4 -11.11 20.36 21.67
CA GLU B 4 -12.33 20.91 22.26
C GLU B 4 -13.43 19.86 22.11
N LEU B 5 -13.90 19.32 23.23
CA LEU B 5 -14.97 18.33 23.26
C LEU B 5 -16.27 19.00 23.71
N TYR B 6 -17.33 18.83 22.92
CA TYR B 6 -18.61 19.45 23.20
C TYR B 6 -19.67 18.37 23.35
N LEU B 7 -20.74 18.72 24.05
CA LEU B 7 -21.94 17.89 24.14
C LEU B 7 -23.00 18.43 23.17
N ASP B 8 -23.61 17.53 22.39
CA ASP B 8 -24.58 17.93 21.37
C ASP B 8 -25.97 17.59 21.88
N THR B 9 -26.54 18.47 22.71
CA THR B 9 -27.79 18.16 23.40
C THR B 9 -28.35 19.41 24.04
N ALA B 10 -29.64 19.35 24.41
CA ALA B 10 -30.27 20.40 25.20
C ALA B 10 -30.93 19.83 26.45
N ASP B 11 -30.58 18.61 26.84
CA ASP B 11 -31.05 18.02 28.09
C ASP B 11 -30.15 18.52 29.22
N ILE B 12 -30.68 19.46 30.00
CA ILE B 12 -29.90 20.10 31.06
C ILE B 12 -29.45 19.06 32.10
N VAL B 13 -30.28 18.05 32.34
CA VAL B 13 -29.92 17.05 33.35
C VAL B 13 -28.73 16.23 32.88
N ALA B 14 -28.73 15.80 31.62
CA ALA B 14 -27.61 15.03 31.10
C ALA B 14 -26.35 15.88 31.04
N ILE B 15 -26.47 17.15 30.63
CA ILE B 15 -25.32 18.03 30.55
C ILE B 15 -24.66 18.16 31.92
N LYS B 16 -25.46 18.49 32.94
CA LYS B 16 -24.92 18.63 34.29
C LYS B 16 -24.18 17.37 34.72
N ARG B 17 -24.76 16.21 34.41
CA ARG B 17 -24.16 14.94 34.79
C ARG B 17 -22.87 14.68 34.02
N LEU B 18 -22.92 14.82 32.70
CA LEU B 18 -21.76 14.50 31.88
C LEU B 18 -20.66 15.57 32.00
N ALA B 19 -21.02 16.83 32.26
CA ALA B 19 -19.99 17.84 32.44
C ALA B 19 -19.15 17.59 33.68
N LYS B 20 -19.73 16.95 34.71
CA LYS B 20 -18.94 16.55 35.87
C LYS B 20 -17.91 15.49 35.49
N VAL B 21 -18.30 14.54 34.66
CA VAL B 21 -17.48 13.37 34.35
C VAL B 21 -16.50 13.65 33.21
N LEU B 22 -16.99 14.18 32.11
CA LEU B 22 -16.19 14.39 30.91
C LEU B 22 -15.52 15.75 30.94
N PRO B 23 -14.34 15.88 30.32
CA PRO B 23 -13.69 17.20 30.17
C PRO B 23 -14.24 17.97 28.97
N ILE B 24 -15.37 18.67 29.16
CA ILE B 24 -16.06 19.28 28.03
C ILE B 24 -15.81 20.78 28.01
N SER B 25 -15.80 21.33 26.80
CA SER B 25 -15.60 22.76 26.58
C SER B 25 -16.89 23.53 26.34
N GLY B 26 -18.05 22.86 26.29
CA GLY B 26 -19.30 23.56 26.02
C GLY B 26 -20.33 22.65 25.39
N VAL B 27 -21.35 23.27 24.80
CA VAL B 27 -22.53 22.58 24.29
C VAL B 27 -22.90 23.16 22.93
N THR B 28 -23.27 22.28 21.99
CA THR B 28 -23.83 22.69 20.71
C THR B 28 -25.32 22.33 20.66
N THR B 29 -26.08 23.17 19.97
CA THR B 29 -27.50 22.94 19.76
C THR B 29 -27.81 23.12 18.28
N ASN B 30 -28.98 22.63 17.88
CA ASN B 30 -29.53 22.90 16.56
C ASN B 30 -31.04 22.99 16.72
N PRO B 31 -31.76 23.46 15.67
CA PRO B 31 -33.21 23.71 15.86
C PRO B 31 -33.99 22.50 16.30
N SER B 32 -33.64 21.29 15.83
CA SER B 32 -34.38 20.11 16.26
C SER B 32 -34.08 19.80 17.73
N ILE B 33 -32.83 19.95 18.15
CA ILE B 33 -32.47 19.72 19.55
C ILE B 33 -33.24 20.66 20.46
N VAL B 34 -33.30 21.95 20.10
CA VAL B 34 -34.03 22.90 20.93
C VAL B 34 -35.52 22.58 20.93
N ALA B 35 -36.07 22.21 19.77
CA ALA B 35 -37.50 21.91 19.68
C ALA B 35 -37.87 20.70 20.53
N LYS B 36 -37.04 19.66 20.53
CA LYS B 36 -37.32 18.48 21.33
C LYS B 36 -37.22 18.76 22.84
N SER B 37 -36.49 19.80 23.25
CA SER B 37 -36.45 20.17 24.66
C SER B 37 -37.73 20.88 25.09
N GLY B 38 -38.40 21.56 24.16
CA GLY B 38 -39.59 22.31 24.48
C GLY B 38 -39.36 23.63 25.16
N LYS B 39 -38.11 24.04 25.36
CA LYS B 39 -37.80 25.29 26.03
C LYS B 39 -37.54 26.38 25.01
N PRO B 40 -38.11 27.57 25.20
CA PRO B 40 -37.74 28.70 24.35
C PRO B 40 -36.24 28.90 24.36
N ILE B 41 -35.69 29.38 23.24
CA ILE B 41 -34.23 29.34 23.07
C ILE B 41 -33.53 30.23 24.08
N PHE B 42 -34.09 31.41 24.38
CA PHE B 42 -33.42 32.29 25.33
C PHE B 42 -33.42 31.73 26.74
N LEU B 43 -34.49 31.03 27.13
CA LEU B 43 -34.49 30.36 28.44
C LEU B 43 -33.47 29.24 28.47
N LEU B 44 -33.43 28.41 27.42
CA LEU B 44 -32.45 27.33 27.34
C LEU B 44 -31.04 27.87 27.48
N LEU B 45 -30.71 28.95 26.77
CA LEU B 45 -29.36 29.48 26.82
C LEU B 45 -29.00 29.99 28.22
N ASN B 46 -29.97 30.56 28.95
CA ASN B 46 -29.72 30.92 30.34
C ASN B 46 -29.46 29.68 31.20
N GLU B 47 -30.27 28.64 31.03
CA GLU B 47 -30.02 27.41 31.79
C GLU B 47 -28.66 26.80 31.43
N LEU B 48 -28.29 26.85 30.15
CA LEU B 48 -26.99 26.33 29.74
C LEU B 48 -25.85 27.08 30.42
N GLN B 49 -25.92 28.41 30.44
CA GLN B 49 -24.84 29.20 31.05
C GLN B 49 -24.74 28.93 32.55
N GLU B 50 -25.88 28.85 33.23
CA GLU B 50 -25.87 28.56 34.66
C GLU B 50 -25.19 27.22 34.94
N VAL B 51 -25.56 26.18 34.19
CA VAL B 51 -25.01 24.85 34.47
C VAL B 51 -23.55 24.75 34.06
N LEU B 52 -23.15 25.42 32.98
CA LEU B 52 -21.80 25.29 32.46
C LEU B 52 -20.81 26.24 33.10
N GLY B 53 -21.26 27.41 33.53
CA GLY B 53 -20.33 28.44 33.97
C GLY B 53 -19.99 29.39 32.85
N SER B 54 -19.06 30.29 33.14
CA SER B 54 -18.71 31.37 32.23
C SER B 54 -17.55 31.03 31.30
N ASP B 55 -16.74 30.03 31.61
CA ASP B 55 -15.55 29.73 30.84
C ASP B 55 -15.82 28.85 29.61
N LYS B 56 -17.07 28.55 29.29
CA LYS B 56 -17.38 27.57 28.26
C LYS B 56 -18.01 28.24 27.05
N LEU B 57 -18.23 27.45 26.01
CA LEU B 57 -18.60 27.96 24.71
C LEU B 57 -19.92 27.34 24.29
N LEU B 58 -20.84 28.17 23.83
CA LEU B 58 -22.15 27.74 23.34
C LEU B 58 -22.24 27.97 21.83
N PHE B 59 -22.97 27.09 21.15
CA PHE B 59 -23.25 27.20 19.73
C PHE B 59 -24.75 27.08 19.50
N ALA B 60 -25.34 28.02 18.75
CA ALA B 60 -26.76 27.94 18.41
C ALA B 60 -26.98 28.37 16.96
N GLN B 61 -28.04 27.84 16.34
CA GLN B 61 -28.25 27.95 14.89
C GLN B 61 -29.30 29.00 14.53
N VAL B 62 -29.07 29.71 13.41
CA VAL B 62 -30.10 30.61 12.86
C VAL B 62 -31.22 29.79 12.24
N LEU B 63 -32.36 30.44 12.03
CA LEU B 63 -33.56 29.81 11.49
C LEU B 63 -33.91 30.26 10.08
N SER B 64 -33.57 31.48 9.69
CA SER B 64 -34.07 32.02 8.43
C SER B 64 -33.27 31.48 7.26
N SER B 65 -33.91 31.48 6.09
CA SER B 65 -33.26 31.03 4.88
C SER B 65 -32.72 32.17 4.02
N ASN B 66 -32.90 33.43 4.43
CA ASN B 66 -32.29 34.56 3.75
C ASN B 66 -31.27 35.26 4.66
N ALA B 67 -30.17 35.71 4.05
CA ALA B 67 -28.98 36.14 4.78
C ALA B 67 -29.23 37.34 5.67
N ASP B 68 -30.08 38.27 5.25
CA ASP B 68 -30.32 39.46 6.08
C ASP B 68 -30.98 39.08 7.39
N GLU B 69 -31.94 38.15 7.35
CA GLU B 69 -32.58 37.69 8.57
C GLU B 69 -31.67 36.76 9.39
N MET B 70 -30.77 36.02 8.73
CA MET B 70 -29.77 35.27 9.47
C MET B 70 -28.89 36.20 10.29
N ILE B 71 -28.48 37.32 9.70
CA ILE B 71 -27.64 38.28 10.38
C ILE B 71 -28.38 38.91 11.55
N LYS B 72 -29.65 39.23 11.37
CA LYS B 72 -30.43 39.76 12.48
C LYS B 72 -30.58 38.71 13.59
N GLU B 73 -30.74 37.44 13.22
CA GLU B 73 -30.87 36.41 14.24
C GLU B 73 -29.56 36.19 14.97
N THR B 74 -28.42 36.34 14.28
CA THR B 74 -27.12 36.29 14.97
C THR B 74 -27.03 37.37 16.03
N TYR B 75 -27.48 38.59 15.72
CA TYR B 75 -27.48 39.68 16.69
C TYR B 75 -28.31 39.33 17.92
N GLN B 76 -29.50 38.76 17.71
CA GLN B 76 -30.30 38.30 18.84
C GLN B 76 -29.54 37.30 19.69
N LEU B 77 -28.90 36.31 19.05
CA LEU B 77 -28.15 35.32 19.82
C LEU B 77 -27.01 35.96 20.59
N ARG B 78 -26.28 36.88 19.94
CA ARG B 78 -25.15 37.53 20.60
C ARG B 78 -25.62 38.36 21.79
N LYS B 79 -26.78 39.00 21.66
CA LYS B 79 -27.32 39.77 22.77
C LYS B 79 -27.62 38.85 23.96
N ALA B 80 -28.14 37.66 23.70
CA ALA B 80 -28.41 36.73 24.80
C ALA B 80 -27.13 36.15 25.37
N VAL B 81 -26.17 35.79 24.51
CA VAL B 81 -24.91 35.19 24.95
C VAL B 81 -23.77 35.85 24.18
N PRO B 82 -23.07 36.83 24.77
CA PRO B 82 -22.11 37.63 24.00
C PRO B 82 -20.98 36.83 23.34
N SER B 83 -20.57 35.71 23.91
CA SER B 83 -19.51 34.90 23.28
C SER B 83 -20.04 33.77 22.39
N ILE B 84 -21.36 33.68 22.17
CA ILE B 84 -21.91 32.53 21.46
C ILE B 84 -21.37 32.44 20.03
N VAL B 85 -21.21 31.21 19.54
CA VAL B 85 -20.84 30.95 18.14
C VAL B 85 -22.11 30.59 17.38
N THR B 86 -22.40 31.33 16.31
CA THR B 86 -23.64 31.17 15.57
C THR B 86 -23.46 30.15 14.43
N LYS B 87 -24.34 29.16 14.38
CA LYS B 87 -24.26 28.14 13.34
C LYS B 87 -25.07 28.58 12.13
N ILE B 88 -24.47 28.47 10.95
CA ILE B 88 -25.06 28.95 9.71
C ILE B 88 -24.94 27.84 8.68
N PRO B 89 -26.03 27.37 8.07
CA PRO B 89 -25.90 26.28 7.10
C PRO B 89 -25.13 26.78 5.89
N VAL B 90 -24.29 25.91 5.35
CA VAL B 90 -23.43 26.29 4.24
C VAL B 90 -24.22 26.09 2.95
N ASN B 91 -24.96 27.12 2.56
CA ASN B 91 -25.56 27.23 1.25
C ASN B 91 -25.32 28.66 0.76
N ALA B 92 -25.97 29.06 -0.34
CA ALA B 92 -25.67 30.35 -0.93
C ALA B 92 -25.93 31.50 0.04
N GLN B 93 -27.11 31.51 0.66
CA GLN B 93 -27.43 32.62 1.57
C GLN B 93 -26.57 32.56 2.83
N GLY B 94 -26.28 31.34 3.31
CA GLY B 94 -25.40 31.20 4.47
C GLY B 94 -24.02 31.77 4.21
N LEU B 95 -23.47 31.51 3.01
CA LEU B 95 -22.15 32.02 2.67
C LEU B 95 -22.16 33.54 2.66
N ILE B 96 -23.24 34.14 2.18
CA ILE B 96 -23.39 35.59 2.24
C ILE B 96 -23.39 36.06 3.68
N ALA B 97 -24.12 35.35 4.55
CA ALA B 97 -24.16 35.73 5.97
C ALA B 97 -22.80 35.56 6.63
N ILE B 98 -22.12 34.43 6.34
CA ILE B 98 -20.80 34.19 6.93
C ILE B 98 -19.81 35.28 6.53
N LYS B 99 -19.84 35.70 5.25
CA LYS B 99 -18.89 36.72 4.80
C LYS B 99 -19.10 38.03 5.54
N GLU B 100 -20.36 38.47 5.65
CA GLU B 100 -20.65 39.73 6.32
C GLU B 100 -20.31 39.66 7.81
N LEU B 101 -20.70 38.58 8.47
CA LEU B 101 -20.44 38.47 9.90
C LEU B 101 -18.93 38.46 10.17
N THR B 102 -18.16 37.81 9.29
CA THR B 102 -16.71 37.84 9.40
C THR B 102 -16.18 39.26 9.26
N GLN B 103 -16.78 40.05 8.36
CA GLN B 103 -16.37 41.44 8.21
C GLN B 103 -16.58 42.23 9.49
N GLN B 104 -17.61 41.88 10.26
CA GLN B 104 -17.91 42.52 11.53
C GLN B 104 -17.20 41.86 12.70
N GLY B 105 -16.34 40.87 12.46
CA GLY B 105 -15.65 40.20 13.53
C GLY B 105 -16.52 39.36 14.45
N ILE B 106 -17.57 38.73 13.93
CA ILE B 106 -18.45 37.89 14.72
C ILE B 106 -18.17 36.43 14.35
N PRO B 107 -17.76 35.58 15.30
CA PRO B 107 -17.38 34.20 14.93
C PRO B 107 -18.59 33.36 14.49
N THR B 108 -18.35 32.46 13.54
CA THR B 108 -19.43 31.63 13.02
C THR B 108 -18.96 30.19 12.87
N LEU B 109 -19.93 29.30 12.76
CA LEU B 109 -19.74 27.90 12.40
C LEU B 109 -20.56 27.61 11.15
N GLY B 110 -19.91 27.03 10.13
CA GLY B 110 -20.58 26.61 8.92
C GLY B 110 -21.10 25.19 9.09
N THR B 111 -22.43 25.02 9.13
CA THR B 111 -23.02 23.74 9.51
C THR B 111 -23.71 23.07 8.32
N ALA B 112 -24.19 21.84 8.56
CA ALA B 112 -24.90 21.04 7.55
C ALA B 112 -23.99 20.77 6.35
N VAL B 113 -22.75 20.41 6.64
CA VAL B 113 -21.75 20.15 5.61
C VAL B 113 -21.79 18.66 5.26
N TYR B 114 -22.03 18.36 3.98
CA TYR B 114 -22.05 16.99 3.49
C TYR B 114 -20.91 16.70 2.54
N GLY B 115 -20.11 17.69 2.17
CA GLY B 115 -19.03 17.50 1.23
C GLY B 115 -17.84 18.37 1.59
N ALA B 116 -16.64 17.89 1.23
CA ALA B 116 -15.42 18.58 1.64
C ALA B 116 -15.31 19.96 1.00
N GLY B 117 -15.62 20.06 -0.30
CA GLY B 117 -15.55 21.36 -0.95
C GLY B 117 -16.54 22.37 -0.40
N GLN B 118 -17.78 21.93 -0.14
CA GLN B 118 -18.77 22.80 0.50
C GLN B 118 -18.24 23.38 1.81
N GLY B 119 -17.69 22.54 2.68
CA GLY B 119 -17.22 23.02 3.97
C GLY B 119 -15.99 23.91 3.82
N PHE B 120 -15.10 23.55 2.88
CA PHE B 120 -13.92 24.37 2.59
C PHE B 120 -14.32 25.80 2.21
N LEU B 121 -15.36 25.96 1.40
CA LEU B 121 -15.81 27.30 1.02
C LEU B 121 -16.23 28.12 2.24
N ALA B 122 -16.87 27.49 3.22
CA ALA B 122 -17.26 28.24 4.41
C ALA B 122 -16.04 28.69 5.21
N ALA B 123 -15.00 27.87 5.25
CA ALA B 123 -13.75 28.27 5.89
C ALA B 123 -13.12 29.44 5.15
N LEU B 124 -13.04 29.37 3.82
CA LEU B 124 -12.56 30.50 3.03
C LEU B 124 -13.42 31.74 3.23
N ALA B 125 -14.72 31.58 3.43
CA ALA B 125 -15.58 32.72 3.66
C ALA B 125 -15.40 33.34 5.05
N GLY B 126 -14.72 32.64 5.96
CA GLY B 126 -14.39 33.19 7.26
C GLY B 126 -14.87 32.40 8.47
N ALA B 127 -15.63 31.31 8.32
CA ALA B 127 -16.09 30.58 9.49
C ALA B 127 -14.93 29.89 10.19
N LYS B 128 -14.83 30.11 11.50
CA LYS B 128 -13.77 29.45 12.27
C LYS B 128 -14.01 27.95 12.38
N TYR B 129 -15.26 27.53 12.59
CA TYR B 129 -15.63 26.13 12.77
C TYR B 129 -16.45 25.62 11.59
N ILE B 130 -16.16 24.39 11.17
CA ILE B 130 -16.84 23.74 10.04
C ILE B 130 -17.36 22.40 10.52
N ALA B 131 -18.67 22.15 10.38
CA ALA B 131 -19.31 20.99 11.00
C ALA B 131 -19.89 20.03 9.96
N PRO B 132 -19.12 19.03 9.53
CA PRO B 132 -19.70 17.97 8.71
C PRO B 132 -20.68 17.14 9.52
N TYR B 133 -21.77 16.73 8.89
CA TYR B 133 -22.76 15.85 9.51
C TYR B 133 -22.34 14.42 9.21
N VAL B 134 -21.42 13.93 10.05
CA VAL B 134 -20.74 12.65 9.82
C VAL B 134 -21.74 11.53 9.59
N ASN B 135 -22.67 11.33 10.52
CA ASN B 135 -23.58 10.19 10.40
C ASN B 135 -24.55 10.33 9.22
N ARG B 136 -24.96 11.56 8.90
CA ARG B 136 -25.84 11.75 7.76
C ARG B 136 -25.13 11.41 6.44
N ILE B 137 -23.83 11.69 6.34
CA ILE B 137 -23.07 11.27 5.17
C ILE B 137 -23.10 9.75 5.03
N ASP B 138 -22.87 9.04 6.15
CA ASP B 138 -22.98 7.58 6.15
C ASP B 138 -24.41 7.12 5.86
N ALA B 139 -25.41 7.85 6.37
CA ALA B 139 -26.79 7.41 6.21
C ALA B 139 -27.28 7.50 4.76
N GLN B 140 -26.63 8.31 3.93
CA GLN B 140 -27.00 8.51 2.54
C GLN B 140 -26.08 7.80 1.55
N GLY B 141 -25.49 6.68 1.94
CA GLY B 141 -24.67 5.94 1.00
C GLY B 141 -23.29 6.51 0.71
N GLY B 142 -22.82 7.48 1.49
CA GLY B 142 -21.48 8.00 1.35
C GLY B 142 -20.50 7.28 2.27
N ASN B 143 -19.36 7.93 2.47
CA ASN B 143 -18.33 7.38 3.35
C ASN B 143 -17.83 8.54 4.19
N SER B 144 -18.37 8.66 5.41
CA SER B 144 -18.06 9.81 6.25
C SER B 144 -16.60 9.88 6.58
N LYS B 145 -15.95 8.73 6.77
CA LYS B 145 -14.52 8.71 7.06
C LYS B 145 -13.72 9.40 5.96
N ASP B 146 -14.03 9.08 4.70
CA ASP B 146 -13.34 9.71 3.56
C ASP B 146 -13.62 11.21 3.50
N THR B 147 -14.89 11.60 3.65
CA THR B 147 -15.25 13.01 3.57
C THR B 147 -14.54 13.83 4.65
N VAL B 148 -14.51 13.31 5.89
CA VAL B 148 -13.87 14.05 6.96
C VAL B 148 -12.36 14.15 6.76
N LEU B 149 -11.73 13.06 6.31
CA LEU B 149 -10.29 13.12 6.01
C LEU B 149 -9.99 14.17 4.94
N GLU B 150 -10.81 14.23 3.89
CA GLU B 150 -10.60 15.24 2.86
C GLU B 150 -10.79 16.65 3.42
N LEU B 151 -11.89 16.89 4.13
CA LEU B 151 -12.13 18.22 4.69
C LEU B 151 -11.00 18.66 5.61
N GLN B 152 -10.58 17.79 6.54
CA GLN B 152 -9.50 18.15 7.45
C GLN B 152 -8.20 18.42 6.69
N LYS B 153 -7.93 17.64 5.63
CA LYS B 153 -6.75 17.87 4.82
C LYS B 153 -6.76 19.25 4.17
N LEU B 154 -7.92 19.68 3.65
CA LEU B 154 -8.02 21.01 3.05
C LEU B 154 -7.77 22.11 4.07
N LEU B 155 -8.26 21.97 5.30
CA LEU B 155 -7.97 22.98 6.30
C LEU B 155 -6.49 22.97 6.68
N ASP B 156 -5.88 21.78 6.79
CA ASP B 156 -4.45 21.70 7.10
C ASP B 156 -3.61 22.32 5.99
N LEU B 157 -3.98 22.07 4.73
CA LEU B 157 -3.22 22.61 3.60
C LEU B 157 -3.40 24.13 3.46
N HIS B 158 -4.62 24.64 3.66
CA HIS B 158 -4.98 25.95 3.12
C HIS B 158 -5.65 26.92 4.08
N CYS B 159 -6.17 26.48 5.22
CA CYS B 159 -6.92 27.37 6.13
CA CYS B 159 -6.93 27.36 6.12
C CYS B 159 -6.56 27.02 7.56
N PRO B 160 -5.35 27.38 7.99
CA PRO B 160 -4.96 27.08 9.38
C PRO B 160 -5.82 27.76 10.44
N GLN B 161 -6.52 28.86 10.09
CA GLN B 161 -7.33 29.55 11.08
C GLN B 161 -8.69 28.90 11.33
N SER B 162 -9.06 27.88 10.56
CA SER B 162 -10.33 27.20 10.76
C SER B 162 -10.11 25.78 11.27
N LEU B 163 -11.14 25.18 11.83
CA LEU B 163 -11.06 23.81 12.29
C LEU B 163 -12.36 23.08 12.05
N VAL B 164 -12.27 21.76 12.06
CA VAL B 164 -13.44 20.89 11.95
C VAL B 164 -14.04 20.72 13.33
N LEU B 165 -15.35 20.91 13.42
CA LEU B 165 -16.13 20.52 14.60
C LEU B 165 -17.01 19.37 14.10
N ALA B 166 -16.49 18.15 14.23
CA ALA B 166 -17.22 16.98 13.76
C ALA B 166 -18.49 16.79 14.59
N ALA B 167 -19.58 16.43 13.91
CA ALA B 167 -20.90 16.38 14.55
C ALA B 167 -21.71 15.26 13.92
N SER B 168 -22.80 14.87 14.58
CA SER B 168 -23.75 13.86 14.09
C SER B 168 -23.15 12.45 14.14
N PHE B 169 -23.45 11.71 15.22
CA PHE B 169 -22.84 10.40 15.47
C PHE B 169 -23.87 9.40 15.97
N ARG B 170 -23.78 8.18 15.44
CA ARG B 170 -24.45 7.03 16.03
C ARG B 170 -23.51 6.00 16.64
N THR B 171 -22.21 6.04 16.33
CA THR B 171 -21.31 5.09 16.94
C THR B 171 -20.04 5.77 17.43
N PRO B 172 -19.37 5.17 18.43
CA PRO B 172 -18.05 5.70 18.84
C PRO B 172 -16.99 5.54 17.77
N ARG B 173 -17.12 4.54 16.89
CA ARG B 173 -16.17 4.39 15.79
C ARG B 173 -16.17 5.62 14.88
N GLN B 174 -17.35 6.17 14.56
CA GLN B 174 -17.41 7.42 13.78
C GLN B 174 -16.70 8.56 14.49
N ALA B 175 -17.00 8.76 15.78
CA ALA B 175 -16.34 9.83 16.53
C ALA B 175 -14.83 9.63 16.59
N LEU B 176 -14.39 8.41 16.91
CA LEU B 176 -12.96 8.12 17.02
C LEU B 176 -12.24 8.40 15.70
N ASP B 177 -12.86 8.01 14.58
CA ASP B 177 -12.20 8.23 13.29
C ASP B 177 -12.05 9.71 12.98
N CYS B 178 -13.02 10.54 13.40
CA CYS B 178 -12.92 11.97 13.18
C CYS B 178 -11.70 12.56 13.88
N ILE B 179 -11.52 12.23 15.16
CA ILE B 179 -10.39 12.82 15.87
C ILE B 179 -9.07 12.19 15.43
N LEU B 180 -9.10 10.92 14.98
CA LEU B 180 -7.92 10.33 14.36
C LEU B 180 -7.55 11.03 13.04
N ALA B 181 -8.55 11.55 12.30
CA ALA B 181 -8.24 12.31 11.09
C ALA B 181 -7.60 13.65 11.40
N GLY B 182 -7.63 14.09 12.66
CA GLY B 182 -7.02 15.36 13.04
C GLY B 182 -8.01 16.45 13.39
N CYS B 183 -9.32 16.17 13.41
CA CYS B 183 -10.30 17.20 13.79
C CYS B 183 -9.99 17.72 15.18
N LYS B 184 -9.91 19.05 15.31
CA LYS B 184 -9.54 19.69 16.56
C LYS B 184 -10.72 19.90 17.49
N SER B 185 -11.94 19.62 17.04
CA SER B 185 -13.10 19.71 17.93
C SER B 185 -14.17 18.75 17.44
N ILE B 186 -15.06 18.38 18.36
CA ILE B 186 -16.06 17.35 18.09
C ILE B 186 -17.20 17.55 19.09
N THR B 187 -18.41 17.20 18.68
CA THR B 187 -19.56 17.32 19.57
C THR B 187 -20.33 16.01 19.60
N LEU B 188 -20.54 15.48 20.80
CA LEU B 188 -21.04 14.13 20.91
C LEU B 188 -22.45 14.12 21.51
N PRO B 189 -23.35 13.32 20.96
CA PRO B 189 -24.64 13.11 21.63
C PRO B 189 -24.42 12.29 22.89
N VAL B 190 -25.42 12.36 23.77
CA VAL B 190 -25.31 11.70 25.08
C VAL B 190 -25.00 10.21 24.92
N ASP B 191 -25.74 9.50 24.06
CA ASP B 191 -25.57 8.05 24.02
C ASP B 191 -24.17 7.65 23.57
N VAL B 192 -23.58 8.36 22.60
CA VAL B 192 -22.24 8.01 22.15
C VAL B 192 -21.18 8.39 23.18
N ALA B 193 -21.35 9.54 23.84
CA ALA B 193 -20.36 9.93 24.84
C ALA B 193 -20.31 8.90 25.97
N GLU B 194 -21.48 8.40 26.39
CA GLU B 194 -21.50 7.41 27.46
C GLU B 194 -20.83 6.12 27.03
N LEU B 195 -20.83 5.80 25.74
CA LEU B 195 -20.30 4.52 25.30
C LEU B 195 -18.79 4.46 25.46
N PHE B 196 -18.11 5.60 25.30
CA PHE B 196 -16.66 5.64 25.50
C PHE B 196 -16.26 5.24 26.93
N ILE B 197 -17.17 5.33 27.89
CA ILE B 197 -16.75 5.06 29.28
C ILE B 197 -17.59 3.96 29.94
N SER B 198 -18.16 3.05 29.16
CA SER B 198 -18.98 1.98 29.72
C SER B 198 -18.67 0.64 29.06
N ASP B 199 -17.42 0.41 28.72
CA ASP B 199 -16.97 -0.89 28.20
C ASP B 199 -17.08 -1.96 29.27
N PRO B 200 -17.70 -3.12 28.97
CA PRO B 200 -17.83 -4.19 30.00
C PRO B 200 -16.50 -4.81 30.40
N ALA B 201 -15.50 -4.80 29.52
CA ALA B 201 -14.18 -5.31 29.90
C ALA B 201 -13.59 -4.54 31.08
N VAL B 202 -13.88 -3.24 31.19
CA VAL B 202 -13.31 -2.45 32.26
C VAL B 202 -13.90 -2.87 33.61
N ASP B 203 -15.23 -3.04 33.66
CA ASP B 203 -15.87 -3.53 34.87
C ASP B 203 -15.33 -4.89 35.29
N ALA B 204 -15.13 -5.80 34.33
CA ALA B 204 -14.71 -7.16 34.69
C ALA B 204 -13.29 -7.19 35.26
N VAL B 205 -12.41 -6.34 34.77
CA VAL B 205 -11.04 -6.38 35.28
C VAL B 205 -10.99 -5.69 36.65
N ILE B 206 -11.82 -4.69 36.88
CA ILE B 206 -11.90 -4.07 38.18
C ILE B 206 -12.47 -5.05 39.21
N THR B 207 -13.53 -5.77 38.83
CA THR B 207 -14.07 -6.83 39.68
C THR B 207 -13.00 -7.84 40.05
N LYS B 208 -12.19 -8.26 39.07
CA LYS B 208 -11.12 -9.21 39.35
C LYS B 208 -10.06 -8.60 40.27
N PHE B 209 -9.76 -7.31 40.11
CA PHE B 209 -8.82 -6.65 41.01
C PHE B 209 -9.34 -6.68 42.46
N ASP B 210 -10.62 -6.32 42.66
CA ASP B 210 -11.17 -6.28 44.01
C ASP B 210 -11.21 -7.66 44.65
N GLN B 211 -11.50 -8.69 43.86
CA GLN B 211 -11.59 -10.04 44.39
C GLN B 211 -10.22 -10.52 44.85
N ASP B 212 -9.20 -10.33 44.01
CA ASP B 212 -7.84 -10.71 44.40
C ASP B 212 -7.41 -9.94 45.65
N TRP B 213 -7.79 -8.67 45.75
CA TRP B 213 -7.42 -7.89 46.92
C TRP B 213 -8.12 -8.40 48.17
N CYS B 214 -9.42 -8.68 48.08
CA CYS B 214 -10.16 -9.14 49.24
C CYS B 214 -9.70 -10.53 49.68
N ASN B 215 -9.39 -11.41 48.73
CA ASN B 215 -8.93 -12.75 49.09
C ASN B 215 -7.59 -12.72 49.80
N ALA B 216 -6.79 -11.68 49.57
CA ALA B 216 -5.50 -11.57 50.24
C ALA B 216 -5.55 -10.77 51.53
N PHE B 217 -6.46 -9.79 51.64
CA PHE B 217 -6.42 -8.83 52.74
C PHE B 217 -7.74 -8.65 53.47
N GLY B 218 -8.82 -9.27 53.02
CA GLY B 218 -10.10 -9.11 53.68
C GLY B 218 -10.89 -7.92 53.20
N THR B 219 -10.45 -6.71 53.54
CA THR B 219 -11.18 -5.49 53.21
C THR B 219 -10.59 -4.79 51.99
N LEU B 220 -11.44 -4.02 51.31
CA LEU B 220 -11.02 -3.20 50.17
C LEU B 220 -10.55 -1.83 50.66
N SER B 221 -9.50 -1.86 51.48
CA SER B 221 -8.84 -0.66 51.96
C SER B 221 -7.34 -0.93 52.05
N PHE B 222 -6.58 0.13 52.24
CA PHE B 222 -5.13 0.04 52.38
C PHE B 222 -4.78 -0.32 53.83
N GLY C 1 23.08 14.02 8.92
CA GLY C 1 24.28 14.37 8.19
C GLY C 1 25.39 13.34 8.27
N GLY C 2 26.35 13.58 9.16
CA GLY C 2 27.57 12.79 9.24
C GLY C 2 27.45 11.28 9.12
N MET C 3 27.72 10.76 7.92
CA MET C 3 27.95 9.33 7.76
C MET C 3 29.35 8.97 8.25
N GLU C 4 29.46 7.87 8.98
CA GLU C 4 30.74 7.32 9.40
C GLU C 4 30.91 5.96 8.77
N LEU C 5 31.93 5.79 7.93
CA LEU C 5 32.21 4.54 7.24
C LEU C 5 33.48 3.93 7.82
N TYR C 6 33.38 2.70 8.31
CA TYR C 6 34.51 2.02 8.94
C TYR C 6 34.86 0.78 8.12
N LEU C 7 36.06 0.27 8.33
CA LEU C 7 36.47 -1.02 7.78
C LEU C 7 36.52 -2.04 8.90
N ASP C 8 36.06 -3.26 8.61
CA ASP C 8 35.84 -4.31 9.60
C ASP C 8 36.86 -5.40 9.32
N THR C 9 38.10 -5.16 9.72
CA THR C 9 39.21 -6.04 9.38
C THR C 9 40.42 -5.68 10.24
N ALA C 10 41.35 -6.62 10.32
CA ALA C 10 42.67 -6.37 10.90
C ALA C 10 43.78 -6.49 9.87
N ASP C 11 43.43 -6.66 8.61
CA ASP C 11 44.40 -6.78 7.52
C ASP C 11 45.03 -5.41 7.23
N ILE C 12 46.25 -5.20 7.75
CA ILE C 12 46.90 -3.88 7.64
C ILE C 12 47.12 -3.50 6.18
N VAL C 13 47.49 -4.46 5.34
CA VAL C 13 47.73 -4.17 3.93
C VAL C 13 46.44 -3.68 3.27
N ALA C 14 45.33 -4.40 3.48
CA ALA C 14 44.07 -4.00 2.87
C ALA C 14 43.55 -2.69 3.47
N ILE C 15 43.87 -2.42 4.73
CA ILE C 15 43.42 -1.18 5.35
C ILE C 15 44.11 0.02 4.70
N LYS C 16 45.43 -0.05 4.51
CA LYS C 16 46.07 1.12 3.91
C LYS C 16 45.67 1.29 2.46
N ARG C 17 45.39 0.19 1.75
CA ARG C 17 44.93 0.31 0.36
C ARG C 17 43.54 0.94 0.29
N LEU C 18 42.59 0.42 1.07
CA LEU C 18 41.21 0.91 0.98
C LEU C 18 41.03 2.28 1.62
N ALA C 19 41.87 2.64 2.60
CA ALA C 19 41.80 3.97 3.18
C ALA C 19 42.26 5.03 2.20
N LYS C 20 43.11 4.68 1.25
CA LYS C 20 43.45 5.61 0.19
C LYS C 20 42.29 5.82 -0.78
N VAL C 21 41.49 4.77 -1.01
CA VAL C 21 40.40 4.86 -1.98
C VAL C 21 39.15 5.44 -1.34
N LEU C 22 38.69 4.84 -0.18
CA LEU C 22 37.40 5.15 0.43
C LEU C 22 37.53 6.23 1.50
N PRO C 23 36.47 7.00 1.73
CA PRO C 23 36.44 7.97 2.85
C PRO C 23 36.11 7.34 4.20
N ILE C 24 37.08 6.66 4.82
CA ILE C 24 36.81 5.86 6.02
C ILE C 24 37.11 6.67 7.28
N SER C 25 36.33 6.40 8.32
CA SER C 25 36.50 7.07 9.60
C SER C 25 37.28 6.24 10.61
N GLY C 26 37.67 5.03 10.28
CA GLY C 26 38.42 4.19 11.20
C GLY C 26 38.17 2.71 10.93
N VAL C 27 38.47 1.90 11.94
CA VAL C 27 38.49 0.44 11.83
C VAL C 27 37.80 -0.16 13.05
N THR C 28 36.89 -1.08 12.82
CA THR C 28 36.27 -1.88 13.88
C THR C 28 36.94 -3.26 13.89
N THR C 29 37.13 -3.81 15.09
CA THR C 29 37.63 -5.16 15.26
C THR C 29 36.71 -5.93 16.21
N ASN C 30 36.82 -7.25 16.16
CA ASN C 30 36.15 -8.09 17.15
C ASN C 30 37.09 -9.23 17.52
N PRO C 31 36.75 -10.10 18.47
CA PRO C 31 37.75 -11.09 18.92
C PRO C 31 38.15 -12.07 17.83
N SER C 32 37.23 -12.47 16.95
CA SER C 32 37.60 -13.38 15.87
C SER C 32 38.49 -12.69 14.84
N ILE C 33 38.20 -11.42 14.54
CA ILE C 33 39.08 -10.67 13.64
C ILE C 33 40.48 -10.57 14.22
N VAL C 34 40.59 -10.25 15.52
CA VAL C 34 41.90 -10.16 16.16
C VAL C 34 42.55 -11.54 16.25
N ALA C 35 41.77 -12.57 16.61
CA ALA C 35 42.33 -13.91 16.68
C ALA C 35 42.90 -14.36 15.35
N LYS C 36 42.19 -14.09 14.25
CA LYS C 36 42.64 -14.50 12.93
C LYS C 36 43.94 -13.80 12.51
N SER C 37 44.16 -12.56 12.97
CA SER C 37 45.40 -11.86 12.64
C SER C 37 46.61 -12.43 13.39
N GLY C 38 46.37 -13.17 14.46
CA GLY C 38 47.43 -13.77 15.25
C GLY C 38 48.21 -12.82 16.12
N LYS C 39 47.94 -11.52 16.05
CA LYS C 39 48.76 -10.58 16.80
C LYS C 39 48.15 -10.30 18.18
N PRO C 40 48.98 -10.13 19.20
CA PRO C 40 48.46 -9.64 20.48
C PRO C 40 47.74 -8.31 20.28
N ILE C 41 46.66 -8.10 21.05
CA ILE C 41 45.77 -6.99 20.73
C ILE C 41 46.47 -5.64 20.89
N PHE C 42 47.43 -5.53 21.81
CA PHE C 42 48.07 -4.23 21.96
C PHE C 42 49.06 -3.96 20.85
N LEU C 43 49.75 -5.00 20.35
CA LEU C 43 50.55 -4.84 19.14
C LEU C 43 49.67 -4.43 17.96
N LEU C 44 48.53 -5.10 17.80
CA LEU C 44 47.65 -4.80 16.70
C LEU C 44 47.13 -3.37 16.79
N LEU C 45 46.72 -2.95 17.99
CA LEU C 45 46.21 -1.60 18.15
C LEU C 45 47.28 -0.57 17.84
N ASN C 46 48.55 -0.89 18.12
CA ASN C 46 49.65 -0.02 17.75
C ASN C 46 49.76 0.14 16.23
N GLU C 47 49.78 -0.99 15.51
CA GLU C 47 49.87 -0.96 14.06
C GLU C 47 48.67 -0.26 13.44
N LEU C 48 47.47 -0.45 14.01
CA LEU C 48 46.29 0.20 13.46
C LEU C 48 46.40 1.71 13.55
N GLN C 49 46.76 2.22 14.73
CA GLN C 49 46.98 3.66 14.90
C GLN C 49 48.02 4.19 13.93
N GLU C 50 49.12 3.44 13.75
CA GLU C 50 50.18 3.89 12.84
C GLU C 50 49.67 3.95 11.40
N VAL C 51 48.95 2.92 10.95
CA VAL C 51 48.47 2.90 9.57
C VAL C 51 47.36 3.92 9.35
N LEU C 52 46.54 4.18 10.37
CA LEU C 52 45.37 5.04 10.17
C LEU C 52 45.64 6.51 10.43
N GLY C 53 46.60 6.85 11.30
CA GLY C 53 46.78 8.23 11.69
C GLY C 53 45.90 8.62 12.85
N SER C 54 46.03 9.88 13.26
CA SER C 54 45.46 10.31 14.53
C SER C 54 44.00 10.72 14.45
N ASP C 55 43.48 10.98 13.25
CA ASP C 55 42.11 11.47 13.11
C ASP C 55 41.07 10.36 13.11
N LYS C 56 41.49 9.10 13.14
CA LYS C 56 40.55 8.01 12.95
C LYS C 56 40.09 7.46 14.29
N LEU C 57 39.12 6.54 14.23
CA LEU C 57 38.50 5.97 15.41
C LEU C 57 38.64 4.46 15.37
N LEU C 58 38.96 3.85 16.51
CA LEU C 58 39.11 2.41 16.63
C LEU C 58 38.07 1.84 17.59
N PHE C 59 37.64 0.61 17.31
CA PHE C 59 36.66 -0.11 18.10
C PHE C 59 37.24 -1.46 18.45
N ALA C 60 37.23 -1.83 19.74
CA ALA C 60 37.70 -3.15 20.15
C ALA C 60 36.78 -3.69 21.25
N GLN C 61 36.70 -5.02 21.30
CA GLN C 61 35.68 -5.71 22.09
C GLN C 61 36.29 -6.32 23.35
N VAL C 62 35.55 -6.20 24.47
CA VAL C 62 35.90 -6.90 25.70
C VAL C 62 35.80 -8.41 25.49
N LEU C 63 36.51 -9.15 26.34
CA LEU C 63 36.53 -10.60 26.34
C LEU C 63 35.69 -11.23 27.43
N SER C 64 35.63 -10.63 28.62
CA SER C 64 35.05 -11.32 29.77
C SER C 64 33.55 -11.43 29.66
N SER C 65 32.99 -12.43 30.34
CA SER C 65 31.55 -12.54 30.45
C SER C 65 31.02 -11.99 31.77
N ASN C 66 31.88 -11.45 32.62
CA ASN C 66 31.49 -10.85 33.89
C ASN C 66 31.62 -9.34 33.80
N ALA C 67 30.61 -8.61 34.29
CA ALA C 67 30.57 -7.16 34.13
C ALA C 67 31.77 -6.47 34.77
N ASP C 68 32.21 -6.93 35.94
CA ASP C 68 33.38 -6.33 36.60
C ASP C 68 34.62 -6.41 35.72
N GLU C 69 34.87 -7.58 35.13
CA GLU C 69 36.06 -7.70 34.31
C GLU C 69 35.88 -7.02 32.95
N MET C 70 34.65 -6.97 32.41
CA MET C 70 34.44 -6.16 31.22
C MET C 70 34.83 -4.72 31.47
N ILE C 71 34.43 -4.18 32.63
CA ILE C 71 34.77 -2.79 32.97
C ILE C 71 36.29 -2.61 33.07
N LYS C 72 36.97 -3.54 33.76
CA LYS C 72 38.42 -3.41 33.84
C LYS C 72 39.08 -3.53 32.48
N GLU C 73 38.58 -4.44 31.63
CA GLU C 73 39.12 -4.58 30.28
C GLU C 73 38.92 -3.32 29.47
N THR C 74 37.76 -2.68 29.61
CA THR C 74 37.56 -1.35 29.02
C THR C 74 38.66 -0.37 29.45
N TYR C 75 39.00 -0.34 30.74
CA TYR C 75 40.05 0.56 31.19
C TYR C 75 41.40 0.20 30.59
N GLN C 76 41.70 -1.11 30.47
CA GLN C 76 42.92 -1.51 29.76
C GLN C 76 42.97 -0.97 28.34
N LEU C 77 41.88 -1.15 27.59
CA LEU C 77 41.84 -0.67 26.20
C LEU C 77 41.99 0.84 26.15
N ARG C 78 41.30 1.56 27.03
CA ARG C 78 41.40 3.02 27.07
C ARG C 78 42.81 3.48 27.45
N LYS C 79 43.51 2.72 28.29
CA LYS C 79 44.89 3.07 28.61
C LYS C 79 45.78 3.01 27.38
N ALA C 80 45.57 1.99 26.53
CA ALA C 80 46.38 1.88 25.32
C ALA C 80 45.97 2.89 24.25
N VAL C 81 44.67 3.12 24.09
CA VAL C 81 44.14 3.98 23.03
C VAL C 81 43.09 4.88 23.68
N PRO C 82 43.49 6.09 24.10
CA PRO C 82 42.58 6.90 24.93
C PRO C 82 41.23 7.23 24.31
N SER C 83 41.13 7.27 22.97
CA SER C 83 39.86 7.56 22.30
C SER C 83 39.11 6.32 21.83
N ILE C 84 39.61 5.11 22.11
CA ILE C 84 39.00 3.91 21.57
C ILE C 84 37.56 3.78 22.06
N VAL C 85 36.70 3.22 21.21
CA VAL C 85 35.34 2.87 21.60
C VAL C 85 35.29 1.38 21.92
N THR C 86 34.80 1.05 23.12
CA THR C 86 34.79 -0.33 23.59
C THR C 86 33.48 -1.01 23.20
N LYS C 87 33.58 -2.17 22.57
CA LYS C 87 32.41 -2.95 22.18
C LYS C 87 32.06 -3.95 23.28
N ILE C 88 30.79 -3.99 23.65
CA ILE C 88 30.32 -4.81 24.75
C ILE C 88 29.06 -5.53 24.28
N PRO C 89 29.02 -6.86 24.36
CA PRO C 89 27.83 -7.60 23.89
C PRO C 89 26.62 -7.22 24.73
N VAL C 90 25.46 -7.11 24.06
CA VAL C 90 24.25 -6.69 24.76
C VAL C 90 23.60 -7.97 25.31
N ASN C 91 24.01 -8.33 26.52
CA ASN C 91 23.38 -9.33 27.37
C ASN C 91 23.34 -8.76 28.78
N ALA C 92 22.94 -9.58 29.76
CA ALA C 92 22.72 -9.04 31.10
C ALA C 92 23.99 -8.39 31.66
N GLN C 93 25.11 -9.13 31.67
CA GLN C 93 26.34 -8.57 32.23
C GLN C 93 26.81 -7.38 31.41
N GLY C 94 26.68 -7.48 30.08
CA GLY C 94 27.04 -6.37 29.21
C GLY C 94 26.28 -5.10 29.51
N LEU C 95 24.98 -5.22 29.84
CA LEU C 95 24.21 -4.02 30.18
C LEU C 95 24.66 -3.40 31.50
N ILE C 96 25.07 -4.22 32.46
CA ILE C 96 25.62 -3.68 33.71
C ILE C 96 26.86 -2.83 33.42
N ALA C 97 27.78 -3.37 32.62
CA ALA C 97 28.99 -2.64 32.25
C ALA C 97 28.68 -1.36 31.52
N ILE C 98 27.76 -1.41 30.55
CA ILE C 98 27.41 -0.21 29.79
C ILE C 98 26.85 0.86 30.73
N LYS C 99 26.00 0.46 31.67
CA LYS C 99 25.40 1.45 32.57
C LYS C 99 26.47 2.17 33.36
N GLU C 100 27.44 1.42 33.89
CA GLU C 100 28.47 2.08 34.69
C GLU C 100 29.38 2.94 33.82
N LEU C 101 29.76 2.44 32.64
CA LEU C 101 30.67 3.20 31.80
C LEU C 101 30.01 4.48 31.28
N THR C 102 28.71 4.43 31.01
CA THR C 102 27.96 5.62 30.63
C THR C 102 27.98 6.67 31.74
N GLN C 103 27.75 6.25 32.99
CA GLN C 103 27.82 7.19 34.11
C GLN C 103 29.19 7.86 34.19
N GLN C 104 30.23 7.16 33.77
CA GLN C 104 31.60 7.65 33.82
C GLN C 104 32.00 8.39 32.54
N GLY C 105 31.07 8.61 31.62
CA GLY C 105 31.39 9.31 30.40
C GLY C 105 32.27 8.56 29.42
N ILE C 106 32.34 7.24 29.50
CA ILE C 106 33.17 6.44 28.62
C ILE C 106 32.31 5.92 27.48
N PRO C 107 32.66 6.17 26.22
CA PRO C 107 31.80 5.75 25.10
C PRO C 107 31.89 4.26 24.85
N THR C 108 30.74 3.67 24.54
CA THR C 108 30.66 2.24 24.31
C THR C 108 29.83 1.97 23.06
N LEU C 109 30.04 0.78 22.52
CA LEU C 109 29.20 0.22 21.49
C LEU C 109 28.56 -1.05 22.01
N GLY C 110 27.24 -1.17 21.86
CA GLY C 110 26.58 -2.42 22.19
C GLY C 110 26.55 -3.33 20.99
N THR C 111 27.21 -4.49 21.08
CA THR C 111 27.39 -5.35 19.92
C THR C 111 26.61 -6.66 20.08
N ALA C 112 26.72 -7.50 19.05
CA ALA C 112 26.00 -8.78 18.96
C ALA C 112 24.48 -8.58 19.13
N VAL C 113 23.95 -7.56 18.46
CA VAL C 113 22.53 -7.25 18.51
C VAL C 113 21.80 -8.03 17.42
N TYR C 114 20.83 -8.84 17.82
CA TYR C 114 20.06 -9.67 16.92
C TYR C 114 18.59 -9.27 16.85
N GLY C 115 18.17 -8.32 17.68
CA GLY C 115 16.78 -7.89 17.69
C GLY C 115 16.71 -6.44 18.05
N ALA C 116 15.63 -5.79 17.62
CA ALA C 116 15.49 -4.35 17.83
C ALA C 116 15.33 -4.01 19.31
N GLY C 117 14.56 -4.82 20.05
CA GLY C 117 14.37 -4.52 21.46
C GLY C 117 15.67 -4.61 22.23
N GLN C 118 16.43 -5.66 21.98
CA GLN C 118 17.75 -5.83 22.58
C GLN C 118 18.64 -4.62 22.32
N GLY C 119 18.75 -4.19 21.06
CA GLY C 119 19.61 -3.05 20.76
C GLY C 119 19.12 -1.77 21.41
N PHE C 120 17.80 -1.58 21.44
CA PHE C 120 17.22 -0.39 22.05
C PHE C 120 17.55 -0.30 23.54
N LEU C 121 17.59 -1.44 24.23
CA LEU C 121 17.96 -1.43 25.65
C LEU C 121 19.39 -0.94 25.84
N ALA C 122 20.29 -1.30 24.93
CA ALA C 122 21.67 -0.82 25.04
C ALA C 122 21.75 0.69 24.84
N ALA C 123 20.98 1.22 23.87
CA ALA C 123 20.92 2.67 23.69
C ALA C 123 20.32 3.36 24.92
N LEU C 124 19.27 2.78 25.50
CA LEU C 124 18.70 3.36 26.73
C LEU C 124 19.69 3.31 27.88
N ALA C 125 20.51 2.26 27.92
CA ALA C 125 21.53 2.15 28.94
C ALA C 125 22.65 3.16 28.72
N GLY C 126 22.78 3.72 27.52
CA GLY C 126 23.77 4.76 27.27
C GLY C 126 24.80 4.45 26.20
N ALA C 127 24.76 3.29 25.55
CA ALA C 127 25.72 3.00 24.48
C ALA C 127 25.51 3.95 23.31
N LYS C 128 26.58 4.60 22.86
CA LYS C 128 26.46 5.56 21.77
C LYS C 128 26.18 4.85 20.44
N TYR C 129 26.85 3.72 20.21
CA TYR C 129 26.67 2.93 19.00
C TYR C 129 25.94 1.62 19.32
N ILE C 130 25.05 1.21 18.43
CA ILE C 130 24.37 -0.08 18.51
C ILE C 130 24.68 -0.84 17.22
N ALA C 131 25.27 -2.04 17.36
CA ALA C 131 25.70 -2.81 16.19
C ALA C 131 24.88 -4.08 16.00
N PRO C 132 23.84 -4.07 15.16
CA PRO C 132 23.19 -5.33 14.78
C PRO C 132 24.11 -6.17 13.91
N TYR C 133 23.99 -7.50 14.04
CA TYR C 133 24.75 -8.40 13.18
C TYR C 133 23.85 -8.75 11.99
N VAL C 134 23.87 -7.84 11.00
CA VAL C 134 22.91 -7.87 9.89
C VAL C 134 22.93 -9.24 9.22
N ASN C 135 24.10 -9.69 8.77
CA ASN C 135 24.14 -10.95 8.03
C ASN C 135 23.79 -12.14 8.90
N ARG C 136 24.15 -12.11 10.20
CA ARG C 136 23.80 -13.24 11.06
C ARG C 136 22.29 -13.32 11.30
N ILE C 137 21.60 -12.19 11.30
CA ILE C 137 20.14 -12.21 11.38
C ILE C 137 19.56 -12.92 10.16
N ASP C 138 20.05 -12.59 8.95
CA ASP C 138 19.64 -13.30 7.74
C ASP C 138 20.05 -14.77 7.78
N ALA C 139 21.21 -15.08 8.36
CA ALA C 139 21.72 -16.45 8.34
C ALA C 139 20.88 -17.38 9.22
N GLN C 140 20.15 -16.85 10.19
CA GLN C 140 19.33 -17.63 11.11
C GLN C 140 17.83 -17.46 10.85
N GLY C 141 17.44 -17.50 9.58
CA GLY C 141 16.04 -17.50 9.20
C GLY C 141 15.28 -16.23 9.47
N GLY C 142 15.94 -15.13 9.82
CA GLY C 142 15.27 -13.87 10.07
C GLY C 142 15.26 -12.98 8.84
N ASN C 143 15.01 -11.70 9.08
CA ASN C 143 14.95 -10.70 8.00
C ASN C 143 15.68 -9.46 8.50
N SER C 144 16.95 -9.30 8.09
CA SER C 144 17.81 -8.26 8.64
C SER C 144 17.30 -6.87 8.27
N LYS C 145 16.76 -6.73 7.06
CA LYS C 145 16.22 -5.43 6.65
C LYS C 145 15.08 -4.98 7.58
N ASP C 146 14.13 -5.88 7.88
CA ASP C 146 13.07 -5.52 8.84
C ASP C 146 13.64 -5.16 10.20
N THR C 147 14.61 -5.95 10.70
CA THR C 147 15.13 -5.68 12.03
C THR C 147 15.87 -4.35 12.08
N VAL C 148 16.70 -4.06 11.07
CA VAL C 148 17.44 -2.80 11.08
C VAL C 148 16.47 -1.61 11.00
N LEU C 149 15.39 -1.75 10.20
CA LEU C 149 14.40 -0.68 10.12
C LEU C 149 13.73 -0.44 11.47
N GLU C 150 13.36 -1.51 12.17
CA GLU C 150 12.78 -1.34 13.50
C GLU C 150 13.76 -0.70 14.48
N LEU C 151 15.03 -1.14 14.44
CA LEU C 151 16.04 -0.57 15.34
C LEU C 151 16.26 0.91 15.10
N GLN C 152 16.48 1.29 13.83
CA GLN C 152 16.67 2.70 13.51
C GLN C 152 15.45 3.53 13.90
N LYS C 153 14.26 3.00 13.68
CA LYS C 153 13.04 3.73 14.04
C LYS C 153 12.99 3.98 15.56
N LEU C 154 13.32 2.98 16.36
CA LEU C 154 13.35 3.15 17.82
C LEU C 154 14.30 4.26 18.24
N LEU C 155 15.49 4.31 17.62
CA LEU C 155 16.45 5.35 17.97
C LEU C 155 15.97 6.73 17.53
N ASP C 156 15.40 6.82 16.32
CA ASP C 156 14.86 8.10 15.86
C ASP C 156 13.72 8.59 16.75
N LEU C 157 12.87 7.66 17.23
CA LEU C 157 11.77 8.05 18.11
C LEU C 157 12.25 8.43 19.51
N HIS C 158 13.19 7.67 20.07
CA HIS C 158 13.38 7.67 21.52
C HIS C 158 14.81 7.94 21.97
N CYS C 159 15.84 7.73 21.15
CA CYS C 159 17.24 7.82 21.59
C CYS C 159 18.07 8.57 20.55
N PRO C 160 17.83 9.87 20.39
CA PRO C 160 18.54 10.61 19.33
C PRO C 160 20.03 10.81 19.60
N GLN C 161 20.55 10.44 20.76
CA GLN C 161 21.99 10.53 21.00
C GLN C 161 22.73 9.25 20.61
N SER C 162 22.01 8.19 20.26
CA SER C 162 22.63 6.96 19.81
C SER C 162 22.45 6.83 18.31
N LEU C 163 23.27 5.97 17.73
CA LEU C 163 23.15 5.66 16.33
C LEU C 163 23.44 4.19 16.13
N VAL C 164 22.97 3.67 15.01
CA VAL C 164 23.23 2.31 14.60
C VAL C 164 24.58 2.29 13.88
N LEU C 165 25.44 1.36 14.27
CA LEU C 165 26.63 1.04 13.47
C LEU C 165 26.37 -0.34 12.88
N ALA C 166 25.87 -0.38 11.65
CA ALA C 166 25.49 -1.66 11.05
C ALA C 166 26.73 -2.48 10.70
N ALA C 167 26.68 -3.77 11.01
CA ALA C 167 27.87 -4.61 10.85
C ALA C 167 27.46 -5.99 10.40
N SER C 168 28.45 -6.77 9.93
CA SER C 168 28.27 -8.16 9.52
C SER C 168 27.55 -8.23 8.17
N PHE C 169 28.31 -8.35 7.07
CA PHE C 169 27.77 -8.23 5.73
C PHE C 169 28.37 -9.28 4.80
N ARG C 170 27.51 -9.89 3.99
CA ARG C 170 27.93 -10.71 2.86
C ARG C 170 27.66 -10.08 1.50
N THR C 171 26.74 -9.12 1.40
CA THR C 171 26.41 -8.52 0.12
C THR C 171 26.32 -7.00 0.26
N PRO C 172 26.64 -6.26 -0.80
CA PRO C 172 26.39 -4.82 -0.79
C PRO C 172 24.92 -4.47 -0.64
N ARG C 173 24.00 -5.35 -1.04
CA ARG C 173 22.58 -5.10 -0.87
C ARG C 173 22.21 -4.99 0.60
N GLN C 174 22.78 -5.84 1.45
CA GLN C 174 22.56 -5.72 2.88
C GLN C 174 23.01 -4.35 3.38
N ALA C 175 24.25 -3.98 3.06
CA ALA C 175 24.80 -2.71 3.55
C ALA C 175 24.00 -1.53 3.01
N LEU C 176 23.62 -1.58 1.73
CA LEU C 176 22.88 -0.49 1.14
C LEU C 176 21.53 -0.30 1.82
N ASP C 177 20.82 -1.40 2.08
CA ASP C 177 19.55 -1.30 2.80
C ASP C 177 19.73 -0.67 4.19
N CYS C 178 20.88 -0.91 4.84
CA CYS C 178 21.11 -0.30 6.16
C CYS C 178 21.18 1.21 6.07
N ILE C 179 21.95 1.75 5.12
CA ILE C 179 22.06 3.20 5.07
C ILE C 179 20.78 3.81 4.51
N LEU C 180 20.03 3.07 3.69
CA LEU C 180 18.70 3.50 3.27
C LEU C 180 17.73 3.54 4.43
N ALA C 181 17.86 2.62 5.39
CA ALA C 181 17.01 2.68 6.59
C ALA C 181 17.38 3.86 7.47
N GLY C 182 18.50 4.51 7.22
CA GLY C 182 18.90 5.68 7.98
C GLY C 182 20.05 5.46 8.93
N CYS C 183 20.68 4.28 8.90
CA CYS C 183 21.82 4.02 9.78
C CYS C 183 22.92 5.05 9.54
N LYS C 184 23.37 5.68 10.61
CA LYS C 184 24.33 6.77 10.49
C LYS C 184 25.78 6.31 10.48
N SER C 185 26.04 5.02 10.71
CA SER C 185 27.39 4.51 10.57
C SER C 185 27.30 3.05 10.13
N ILE C 186 28.40 2.56 9.56
CA ILE C 186 28.43 1.21 9.00
C ILE C 186 29.88 0.78 8.93
N THR C 187 30.13 -0.52 9.08
CA THR C 187 31.48 -1.03 8.96
C THR C 187 31.48 -2.20 8.00
N LEU C 188 32.33 -2.12 7.02
CA LEU C 188 32.26 -3.07 5.91
C LEU C 188 33.44 -4.02 5.92
N PRO C 189 33.22 -5.31 5.66
CA PRO C 189 34.35 -6.19 5.37
C PRO C 189 34.98 -5.81 4.03
N VAL C 190 36.20 -6.29 3.81
CA VAL C 190 36.96 -5.87 2.63
C VAL C 190 36.23 -6.25 1.35
N ASP C 191 35.72 -7.47 1.26
CA ASP C 191 35.13 -7.91 -0.01
C ASP C 191 33.89 -7.10 -0.37
N VAL C 192 33.02 -6.83 0.61
CA VAL C 192 31.84 -6.02 0.33
C VAL C 192 32.23 -4.59 -0.05
N ALA C 193 33.22 -4.02 0.65
CA ALA C 193 33.67 -2.67 0.31
C ALA C 193 34.15 -2.60 -1.13
N GLU C 194 34.97 -3.56 -1.56
CA GLU C 194 35.45 -3.56 -2.94
C GLU C 194 34.33 -3.71 -3.95
N LEU C 195 33.27 -4.46 -3.62
CA LEU C 195 32.21 -4.68 -4.60
C LEU C 195 31.50 -3.38 -4.94
N PHE C 196 31.31 -2.50 -3.94
CA PHE C 196 30.66 -1.22 -4.21
C PHE C 196 31.35 -0.43 -5.31
N ILE C 197 32.63 -0.68 -5.58
CA ILE C 197 33.37 0.15 -6.53
C ILE C 197 33.92 -0.65 -7.70
N SER C 198 33.40 -1.83 -7.98
CA SER C 198 33.97 -2.64 -9.07
C SER C 198 32.89 -3.20 -10.00
N ASP C 199 31.86 -2.41 -10.25
CA ASP C 199 30.79 -2.79 -11.18
C ASP C 199 31.29 -2.89 -12.61
N PRO C 200 31.13 -4.03 -13.29
CA PRO C 200 31.57 -4.14 -14.70
C PRO C 200 30.93 -3.16 -15.67
N ALA C 201 29.74 -2.63 -15.36
CA ALA C 201 29.12 -1.64 -16.23
C ALA C 201 29.95 -0.37 -16.32
N VAL C 202 30.64 0.01 -15.24
CA VAL C 202 31.44 1.22 -15.24
C VAL C 202 32.68 1.04 -16.10
N ASP C 203 33.35 -0.11 -15.97
CA ASP C 203 34.51 -0.39 -16.83
C ASP C 203 34.12 -0.37 -18.30
N ALA C 204 32.95 -0.93 -18.64
CA ALA C 204 32.56 -0.99 -20.04
C ALA C 204 32.28 0.39 -20.60
N VAL C 205 31.64 1.26 -19.82
CA VAL C 205 31.31 2.56 -20.39
C VAL C 205 32.57 3.41 -20.53
N ILE C 206 33.52 3.27 -19.60
CA ILE C 206 34.77 4.01 -19.74
C ILE C 206 35.54 3.53 -20.96
N THR C 207 35.59 2.22 -21.17
CA THR C 207 36.23 1.67 -22.35
C THR C 207 35.57 2.18 -23.63
N LYS C 208 34.24 2.30 -23.65
CA LYS C 208 33.59 2.86 -24.82
C LYS C 208 33.94 4.34 -25.00
N PHE C 209 34.02 5.08 -23.88
CA PHE C 209 34.46 6.48 -23.95
C PHE C 209 35.84 6.59 -24.59
N ASP C 210 36.79 5.74 -24.17
CA ASP C 210 38.14 5.83 -24.68
C ASP C 210 38.19 5.47 -26.17
N GLN C 211 37.41 4.47 -26.59
CA GLN C 211 37.42 4.08 -27.99
C GLN C 211 36.87 5.18 -28.89
N ASP C 212 35.77 5.81 -28.48
CA ASP C 212 35.24 6.93 -29.23
C ASP C 212 36.25 8.07 -29.30
N TRP C 213 36.94 8.33 -28.19
CA TRP C 213 37.90 9.43 -28.17
C TRP C 213 39.07 9.15 -29.11
N CYS C 214 39.65 7.95 -29.05
CA CYS C 214 40.77 7.63 -29.93
C CYS C 214 40.34 7.52 -31.39
N ASN C 215 39.12 7.04 -31.65
CA ASN C 215 38.62 7.02 -33.01
C ASN C 215 38.57 8.44 -33.59
N ALA C 216 38.24 9.43 -32.77
CA ALA C 216 38.13 10.79 -33.29
C ALA C 216 39.47 11.53 -33.30
N PHE C 217 40.29 11.38 -32.24
CA PHE C 217 41.44 12.23 -32.06
C PHE C 217 42.79 11.50 -32.04
N GLY C 218 42.80 10.17 -32.05
CA GLY C 218 44.07 9.49 -32.15
C GLY C 218 44.80 9.23 -30.84
N THR C 219 44.75 10.16 -29.89
CA THR C 219 45.39 10.00 -28.60
C THR C 219 44.37 10.14 -27.48
N LEU C 220 44.66 9.50 -26.34
CA LEU C 220 43.86 9.66 -25.14
C LEU C 220 44.40 10.84 -24.32
N SER C 221 44.26 12.03 -24.90
CA SER C 221 44.72 13.24 -24.25
C SER C 221 43.99 14.43 -24.87
N PHE C 222 43.98 15.53 -24.12
CA PHE C 222 43.39 16.76 -24.59
C PHE C 222 44.30 17.42 -25.62
N GLY D 2 -10.94 -27.17 5.01
CA GLY D 2 -10.77 -27.96 6.22
C GLY D 2 -9.97 -27.28 7.32
N MET D 3 -9.98 -27.86 8.51
CA MET D 3 -9.26 -27.30 9.66
C MET D 3 -9.14 -28.35 10.74
N GLU D 4 -7.91 -28.57 11.22
CA GLU D 4 -7.65 -29.51 12.30
C GLU D 4 -7.21 -28.70 13.52
N LEU D 5 -8.03 -28.74 14.58
CA LEU D 5 -7.75 -28.06 15.84
C LEU D 5 -7.33 -29.08 16.88
N TYR D 6 -6.16 -28.88 17.48
CA TYR D 6 -5.60 -29.76 18.51
C TYR D 6 -5.38 -29.00 19.81
N LEU D 7 -5.34 -29.75 20.92
CA LEU D 7 -4.92 -29.23 22.22
C LEU D 7 -3.48 -29.62 22.48
N ASP D 8 -2.71 -28.67 23.01
CA ASP D 8 -1.27 -28.82 23.24
C ASP D 8 -1.04 -28.94 24.75
N THR D 9 -1.26 -30.13 25.28
CA THR D 9 -1.26 -30.35 26.73
C THR D 9 -1.25 -31.84 27.01
N ALA D 10 -0.85 -32.19 28.25
CA ALA D 10 -0.94 -33.54 28.77
C ALA D 10 -1.85 -33.62 29.99
N ASP D 11 -2.61 -32.56 30.27
CA ASP D 11 -3.52 -32.50 31.40
C ASP D 11 -4.82 -33.24 31.01
N ILE D 12 -4.97 -34.47 31.50
CA ILE D 12 -6.09 -35.31 31.09
C ILE D 12 -7.42 -34.72 31.57
N VAL D 13 -7.43 -34.01 32.70
CA VAL D 13 -8.68 -33.42 33.17
C VAL D 13 -9.09 -32.28 32.25
N ALA D 14 -8.14 -31.41 31.88
CA ALA D 14 -8.47 -30.30 31.01
C ALA D 14 -8.84 -30.79 29.62
N ILE D 15 -8.16 -31.82 29.13
CA ILE D 15 -8.50 -32.37 27.82
C ILE D 15 -9.94 -32.88 27.82
N LYS D 16 -10.33 -33.64 28.84
CA LYS D 16 -11.70 -34.14 28.89
C LYS D 16 -12.70 -33.00 28.91
N ARG D 17 -12.43 -31.95 29.67
CA ARG D 17 -13.37 -30.83 29.77
C ARG D 17 -13.48 -30.08 28.45
N LEU D 18 -12.33 -29.79 27.80
CA LEU D 18 -12.36 -28.98 26.59
C LEU D 18 -12.76 -29.78 25.36
N ALA D 19 -12.53 -31.09 25.35
CA ALA D 19 -13.00 -31.87 24.21
C ALA D 19 -14.52 -31.96 24.18
N LYS D 20 -15.19 -31.83 25.34
CA LYS D 20 -16.64 -31.69 25.33
C LYS D 20 -17.06 -30.36 24.71
N VAL D 21 -16.26 -29.31 24.93
CA VAL D 21 -16.66 -27.96 24.55
C VAL D 21 -16.27 -27.64 23.12
N LEU D 22 -15.00 -27.89 22.78
CA LEU D 22 -14.45 -27.47 21.50
C LEU D 22 -14.46 -28.62 20.51
N PRO D 23 -14.48 -28.31 19.20
CA PRO D 23 -14.41 -29.37 18.18
C PRO D 23 -12.96 -29.75 17.87
N ILE D 24 -12.38 -30.56 18.73
CA ILE D 24 -10.95 -30.86 18.63
C ILE D 24 -10.75 -32.17 17.89
N SER D 25 -9.63 -32.25 17.16
CA SER D 25 -9.24 -33.41 16.36
C SER D 25 -8.18 -34.28 17.02
N GLY D 26 -7.61 -33.81 18.12
CA GLY D 26 -6.64 -34.61 18.86
C GLY D 26 -5.81 -33.74 19.77
N VAL D 27 -4.66 -34.29 20.16
CA VAL D 27 -3.78 -33.67 21.14
C VAL D 27 -2.35 -33.80 20.65
N THR D 28 -1.56 -32.73 20.81
CA THR D 28 -0.13 -32.76 20.55
C THR D 28 0.61 -32.73 21.89
N THR D 29 1.77 -33.39 21.94
CA THR D 29 2.66 -33.29 23.10
C THR D 29 4.07 -32.96 22.65
N ASN D 30 4.87 -32.51 23.60
CA ASN D 30 6.30 -32.38 23.37
C ASN D 30 7.01 -32.81 24.66
N PRO D 31 8.33 -32.96 24.68
CA PRO D 31 8.97 -33.47 25.92
C PRO D 31 8.71 -32.64 27.18
N SER D 32 8.65 -31.30 27.09
CA SER D 32 8.37 -30.50 28.29
C SER D 32 6.94 -30.72 28.77
N ILE D 33 5.99 -30.77 27.83
CA ILE D 33 4.59 -30.98 28.17
C ILE D 33 4.40 -32.28 28.94
N VAL D 34 4.98 -33.36 28.42
CA VAL D 34 4.91 -34.64 29.12
C VAL D 34 5.67 -34.58 30.44
N ALA D 35 6.85 -33.96 30.45
CA ALA D 35 7.63 -33.83 31.69
C ALA D 35 6.81 -33.14 32.77
N LYS D 36 6.12 -32.06 32.42
CA LYS D 36 5.33 -31.31 33.40
C LYS D 36 4.23 -32.16 34.02
N SER D 37 3.55 -32.98 33.21
CA SER D 37 2.51 -33.87 33.75
C SER D 37 3.08 -34.86 34.76
N GLY D 38 4.34 -35.27 34.59
CA GLY D 38 4.94 -36.26 35.46
C GLY D 38 4.55 -37.70 35.17
N LYS D 39 3.86 -37.97 34.08
CA LYS D 39 3.44 -39.34 33.78
C LYS D 39 4.38 -39.99 32.79
N PRO D 40 4.82 -41.24 33.00
CA PRO D 40 5.57 -41.97 31.96
C PRO D 40 4.81 -41.96 30.64
N ILE D 41 5.55 -41.98 29.53
CA ILE D 41 4.97 -41.68 28.22
C ILE D 41 3.88 -42.70 27.85
N PHE D 42 4.13 -43.99 28.06
CA PHE D 42 3.15 -45.00 27.64
C PHE D 42 1.91 -44.98 28.52
N LEU D 43 2.06 -44.69 29.81
CA LEU D 43 0.89 -44.44 30.65
C LEU D 43 0.08 -43.26 30.11
N LEU D 44 0.77 -42.17 29.76
CA LEU D 44 0.08 -40.99 29.26
C LEU D 44 -0.61 -41.25 27.92
N LEU D 45 0.07 -41.95 26.99
CA LEU D 45 -0.54 -42.26 25.71
C LEU D 45 -1.78 -43.14 25.88
N ASN D 46 -1.74 -44.10 26.80
CA ASN D 46 -2.92 -44.91 27.10
C ASN D 46 -4.08 -44.03 27.54
N GLU D 47 -3.81 -43.08 28.43
CA GLU D 47 -4.89 -42.21 28.90
C GLU D 47 -5.38 -41.31 27.78
N LEU D 48 -4.47 -40.82 26.94
CA LEU D 48 -4.85 -39.91 25.86
C LEU D 48 -5.72 -40.62 24.82
N GLN D 49 -5.36 -41.85 24.44
CA GLN D 49 -6.16 -42.61 23.49
C GLN D 49 -7.59 -42.78 23.99
N GLU D 50 -7.75 -43.09 25.28
CA GLU D 50 -9.06 -43.42 25.79
C GLU D 50 -9.92 -42.18 26.03
N VAL D 51 -9.34 -41.09 26.51
CA VAL D 51 -10.12 -39.87 26.71
C VAL D 51 -10.54 -39.24 25.38
N LEU D 52 -9.74 -39.41 24.34
CA LEU D 52 -10.06 -38.87 23.02
C LEU D 52 -10.98 -39.78 22.20
N GLY D 53 -10.87 -41.08 22.35
CA GLY D 53 -11.50 -42.03 21.46
C GLY D 53 -10.68 -42.22 20.19
N SER D 54 -11.08 -43.22 19.42
CA SER D 54 -10.37 -43.66 18.22
C SER D 54 -10.54 -42.73 17.03
N ASP D 55 -11.46 -41.78 17.08
CA ASP D 55 -11.64 -40.89 15.94
C ASP D 55 -10.51 -39.87 15.78
N LYS D 56 -9.66 -39.70 16.79
CA LYS D 56 -8.77 -38.55 16.87
C LYS D 56 -7.32 -38.95 16.54
N LEU D 57 -6.44 -37.97 16.64
CA LEU D 57 -5.04 -38.10 16.24
C LEU D 57 -4.14 -37.63 17.38
N LEU D 58 -2.99 -38.31 17.53
CA LEU D 58 -2.01 -38.00 18.57
C LEU D 58 -0.66 -37.71 17.95
N PHE D 59 0.09 -36.83 18.61
CA PHE D 59 1.42 -36.43 18.17
C PHE D 59 2.35 -36.51 19.38
N ALA D 60 3.51 -37.15 19.20
CA ALA D 60 4.50 -37.30 20.26
C ALA D 60 5.90 -37.21 19.65
N GLN D 61 6.84 -36.66 20.41
CA GLN D 61 8.16 -36.30 19.91
C GLN D 61 9.23 -37.32 20.32
N VAL D 62 10.13 -37.63 19.39
CA VAL D 62 11.28 -38.48 19.71
C VAL D 62 12.19 -37.72 20.68
N LEU D 63 13.13 -38.44 21.28
CA LEU D 63 14.04 -37.92 22.29
C LEU D 63 15.49 -37.80 21.82
N SER D 64 15.98 -38.78 21.09
CA SER D 64 17.39 -38.88 20.77
C SER D 64 17.83 -37.79 19.79
N SER D 65 19.12 -37.46 19.84
CA SER D 65 19.73 -36.61 18.82
C SER D 65 20.25 -37.43 17.64
N ASN D 66 20.23 -38.75 17.72
CA ASN D 66 20.74 -39.61 16.67
C ASN D 66 19.58 -40.16 15.83
N ALA D 67 19.72 -40.07 14.51
CA ALA D 67 18.65 -40.47 13.60
C ALA D 67 18.23 -41.92 13.80
N ASP D 68 19.19 -42.82 13.95
CA ASP D 68 18.85 -44.24 14.07
C ASP D 68 18.10 -44.53 15.37
N GLU D 69 18.44 -43.84 16.46
CA GLU D 69 17.66 -43.98 17.68
C GLU D 69 16.30 -43.27 17.57
N MET D 70 16.24 -42.13 16.86
CA MET D 70 14.96 -41.49 16.61
C MET D 70 14.00 -42.44 15.92
N ILE D 71 14.48 -43.16 14.91
CA ILE D 71 13.66 -44.14 14.20
C ILE D 71 13.18 -45.22 15.15
N LYS D 72 14.08 -45.76 15.98
CA LYS D 72 13.68 -46.78 16.96
C LYS D 72 12.65 -46.25 17.95
N GLU D 73 12.82 -44.99 18.38
CA GLU D 73 11.83 -44.38 19.27
C GLU D 73 10.49 -44.21 18.55
N THR D 74 10.53 -43.90 17.26
CA THR D 74 9.30 -43.85 16.48
C THR D 74 8.59 -45.20 16.47
N TYR D 75 9.33 -46.29 16.28
CA TYR D 75 8.72 -47.62 16.34
C TYR D 75 8.07 -47.86 17.71
N GLN D 76 8.72 -47.41 18.80
CA GLN D 76 8.11 -47.56 20.12
C GLN D 76 6.76 -46.84 20.19
N LEU D 77 6.69 -45.61 19.67
CA LEU D 77 5.43 -44.87 19.70
C LEU D 77 4.37 -45.54 18.82
N ARG D 78 4.76 -46.00 17.62
CA ARG D 78 3.80 -46.63 16.72
C ARG D 78 3.29 -47.94 17.30
N LYS D 79 4.14 -48.67 18.01
CA LYS D 79 3.68 -49.89 18.68
C LYS D 79 2.62 -49.57 19.72
N ALA D 80 2.80 -48.48 20.46
CA ALA D 80 1.84 -48.11 21.49
C ALA D 80 0.57 -47.50 20.89
N VAL D 81 0.72 -46.64 19.89
CA VAL D 81 -0.40 -45.95 19.25
C VAL D 81 -0.21 -46.06 17.74
N PRO D 82 -0.83 -47.04 17.08
CA PRO D 82 -0.47 -47.32 15.68
C PRO D 82 -0.70 -46.17 14.71
N SER D 83 -1.62 -45.25 15.02
CA SER D 83 -1.90 -44.15 14.11
C SER D 83 -1.13 -42.89 14.47
N ILE D 84 -0.25 -42.95 15.46
CA ILE D 84 0.41 -41.75 15.98
C ILE D 84 1.26 -41.07 14.89
N VAL D 85 1.34 -39.74 14.97
CA VAL D 85 2.24 -38.95 14.15
C VAL D 85 3.45 -38.56 15.02
N THR D 86 4.66 -38.95 14.57
CA THR D 86 5.87 -38.72 15.32
C THR D 86 6.47 -37.35 14.98
N LYS D 87 6.82 -36.58 16.01
CA LYS D 87 7.41 -35.26 15.86
C LYS D 87 8.92 -35.37 15.89
N ILE D 88 9.57 -34.74 14.92
CA ILE D 88 11.02 -34.83 14.77
C ILE D 88 11.56 -33.42 14.58
N PRO D 89 12.52 -32.99 15.39
CA PRO D 89 13.07 -31.64 15.24
C PRO D 89 13.79 -31.51 13.90
N VAL D 90 13.58 -30.38 13.22
CA VAL D 90 14.16 -30.19 11.90
C VAL D 90 15.60 -29.70 12.05
N ASN D 91 16.52 -30.66 12.12
CA ASN D 91 17.96 -30.41 12.06
C ASN D 91 18.56 -31.56 11.23
N ALA D 92 19.89 -31.60 11.14
CA ALA D 92 20.53 -32.55 10.22
C ALA D 92 20.10 -33.98 10.49
N GLN D 93 20.20 -34.42 11.76
CA GLN D 93 19.79 -35.78 12.06
C GLN D 93 18.27 -35.95 11.93
N GLY D 94 17.50 -34.92 12.31
CA GLY D 94 16.06 -34.98 12.13
C GLY D 94 15.68 -35.24 10.69
N LEU D 95 16.36 -34.57 9.75
CA LEU D 95 16.03 -34.70 8.34
C LEU D 95 16.34 -36.09 7.82
N ILE D 96 17.43 -36.70 8.32
CA ILE D 96 17.74 -38.08 7.96
C ILE D 96 16.63 -39.03 8.40
N ALA D 97 16.15 -38.87 9.65
CA ALA D 97 15.05 -39.71 10.14
C ALA D 97 13.81 -39.54 9.28
N ILE D 98 13.42 -38.29 9.00
CA ILE D 98 12.20 -38.00 8.25
C ILE D 98 12.23 -38.67 6.87
N LYS D 99 13.37 -38.56 6.16
CA LYS D 99 13.49 -39.22 4.85
C LYS D 99 13.35 -40.72 4.98
N GLU D 100 13.96 -41.32 5.99
CA GLU D 100 13.89 -42.77 6.11
C GLU D 100 12.47 -43.23 6.49
N LEU D 101 11.85 -42.53 7.44
CA LEU D 101 10.49 -42.86 7.85
C LEU D 101 9.48 -42.61 6.74
N THR D 102 9.66 -41.54 5.96
CA THR D 102 8.82 -41.32 4.79
C THR D 102 8.92 -42.51 3.84
N GLN D 103 10.15 -42.93 3.54
CA GLN D 103 10.38 -44.09 2.69
C GLN D 103 9.63 -45.32 3.22
N GLN D 104 9.53 -45.45 4.54
CA GLN D 104 8.81 -46.56 5.15
C GLN D 104 7.32 -46.30 5.27
N GLY D 105 6.82 -45.17 4.78
CA GLY D 105 5.41 -44.89 4.85
C GLY D 105 4.90 -44.56 6.25
N ILE D 106 5.73 -43.95 7.08
CA ILE D 106 5.38 -43.60 8.46
C ILE D 106 5.22 -42.08 8.51
N PRO D 107 4.09 -41.55 8.97
CA PRO D 107 3.87 -40.10 8.95
C PRO D 107 4.67 -39.39 10.02
N THR D 108 5.15 -38.20 9.68
CA THR D 108 6.00 -37.44 10.57
C THR D 108 5.57 -35.99 10.60
N LEU D 109 5.95 -35.31 11.68
CA LEU D 109 5.82 -33.87 11.79
C LEU D 109 7.23 -33.32 12.02
N GLY D 110 7.59 -32.29 11.26
CA GLY D 110 8.88 -31.62 11.45
C GLY D 110 8.70 -30.46 12.41
N THR D 111 9.31 -30.56 13.59
CA THR D 111 9.01 -29.66 14.70
C THR D 111 10.21 -28.77 15.01
N ALA D 112 10.02 -27.87 15.99
CA ALA D 112 11.04 -26.89 16.35
C ALA D 112 11.47 -26.06 15.13
N VAL D 113 10.49 -25.56 14.39
CA VAL D 113 10.76 -24.76 13.20
C VAL D 113 10.76 -23.29 13.59
N TYR D 114 11.89 -22.61 13.37
CA TYR D 114 12.06 -21.20 13.66
C TYR D 114 12.20 -20.36 12.40
N GLY D 115 12.35 -20.98 11.25
CA GLY D 115 12.48 -20.25 10.00
C GLY D 115 11.73 -20.98 8.90
N ALA D 116 11.30 -20.21 7.89
CA ALA D 116 10.49 -20.77 6.82
C ALA D 116 11.30 -21.72 5.95
N GLY D 117 12.57 -21.39 5.66
CA GLY D 117 13.39 -22.28 4.86
C GLY D 117 13.66 -23.61 5.55
N GLN D 118 13.93 -23.57 6.86
CA GLN D 118 14.07 -24.81 7.64
C GLN D 118 12.82 -25.67 7.53
N GLY D 119 11.65 -25.09 7.73
CA GLY D 119 10.43 -25.91 7.71
C GLY D 119 10.17 -26.48 6.33
N PHE D 120 10.46 -25.69 5.29
CA PHE D 120 10.25 -26.12 3.92
C PHE D 120 11.08 -27.36 3.61
N LEU D 121 12.32 -27.42 4.10
CA LEU D 121 13.18 -28.59 3.87
C LEU D 121 12.57 -29.86 4.48
N ALA D 122 11.88 -29.74 5.61
CA ALA D 122 11.23 -30.91 6.20
C ALA D 122 10.06 -31.38 5.35
N ALA D 123 9.33 -30.44 4.76
CA ALA D 123 8.23 -30.81 3.87
C ALA D 123 8.75 -31.49 2.61
N LEU D 124 9.84 -30.96 2.03
CA LEU D 124 10.51 -31.62 0.91
C LEU D 124 11.02 -33.00 1.31
N ALA D 125 11.40 -33.18 2.58
CA ALA D 125 11.90 -34.49 3.00
C ALA D 125 10.79 -35.50 3.17
N GLY D 126 9.53 -35.07 3.28
CA GLY D 126 8.41 -35.98 3.43
C GLY D 126 7.53 -35.77 4.66
N ALA D 127 7.81 -34.81 5.53
CA ALA D 127 6.95 -34.57 6.69
C ALA D 127 5.62 -33.98 6.24
N LYS D 128 4.53 -34.63 6.62
CA LYS D 128 3.19 -34.11 6.33
C LYS D 128 2.91 -32.81 7.07
N TYR D 129 3.33 -32.71 8.34
CA TYR D 129 3.06 -31.55 9.17
C TYR D 129 4.35 -30.80 9.49
N ILE D 130 4.28 -29.47 9.46
CA ILE D 130 5.41 -28.61 9.82
C ILE D 130 4.93 -27.69 10.94
N ALA D 131 5.63 -27.70 12.08
CA ALA D 131 5.21 -26.95 13.25
C ALA D 131 6.18 -25.81 13.56
N PRO D 132 5.92 -24.59 13.09
CA PRO D 132 6.67 -23.44 13.60
C PRO D 132 6.34 -23.20 15.07
N TYR D 133 7.36 -22.82 15.84
CA TYR D 133 7.17 -22.40 17.23
C TYR D 133 6.89 -20.90 17.22
N VAL D 134 5.61 -20.57 16.99
CA VAL D 134 5.18 -19.19 16.80
C VAL D 134 5.69 -18.30 17.93
N ASN D 135 5.35 -18.64 19.18
CA ASN D 135 5.67 -17.74 20.28
C ASN D 135 7.17 -17.63 20.52
N ARG D 136 7.93 -18.71 20.29
CA ARG D 136 9.38 -18.67 20.47
C ARG D 136 10.04 -17.78 19.43
N ILE D 137 9.52 -17.74 18.20
CA ILE D 137 9.98 -16.77 17.21
C ILE D 137 9.76 -15.35 17.72
N ASP D 138 8.56 -15.07 18.25
CA ASP D 138 8.32 -13.75 18.83
C ASP D 138 9.20 -13.49 20.06
N ALA D 139 9.48 -14.52 20.83
CA ALA D 139 10.23 -14.35 22.08
C ALA D 139 11.70 -14.05 21.84
N GLN D 140 12.23 -14.40 20.66
CA GLN D 140 13.63 -14.24 20.33
C GLN D 140 13.86 -13.12 19.31
N GLY D 141 13.03 -12.09 19.32
CA GLY D 141 13.32 -10.91 18.54
C GLY D 141 12.85 -10.96 17.10
N GLY D 142 12.12 -12.01 16.71
CA GLY D 142 11.62 -12.15 15.36
C GLY D 142 10.20 -11.65 15.22
N ASN D 143 9.56 -12.04 14.12
CA ASN D 143 8.19 -11.65 13.82
C ASN D 143 7.47 -12.90 13.34
N SER D 144 6.76 -13.57 14.26
CA SER D 144 6.15 -14.85 13.92
C SER D 144 5.09 -14.73 12.83
N LYS D 145 4.38 -13.60 12.76
CA LYS D 145 3.40 -13.44 11.70
C LYS D 145 4.07 -13.53 10.33
N ASP D 146 5.22 -12.85 10.15
CA ASP D 146 5.92 -12.91 8.87
C ASP D 146 6.43 -14.32 8.57
N THR D 147 7.02 -14.96 9.58
CA THR D 147 7.57 -16.30 9.37
C THR D 147 6.48 -17.32 9.01
N VAL D 148 5.33 -17.27 9.68
CA VAL D 148 4.25 -18.19 9.34
C VAL D 148 3.72 -17.90 7.93
N LEU D 149 3.54 -16.62 7.59
CA LEU D 149 3.09 -16.29 6.23
C LEU D 149 4.02 -16.87 5.18
N GLU D 150 5.33 -16.73 5.38
CA GLU D 150 6.30 -17.26 4.42
C GLU D 150 6.25 -18.78 4.38
N LEU D 151 6.23 -19.43 5.54
CA LEU D 151 6.12 -20.90 5.54
C LEU D 151 4.85 -21.35 4.80
N GLN D 152 3.71 -20.75 5.11
CA GLN D 152 2.47 -21.19 4.48
C GLN D 152 2.50 -20.96 2.97
N LYS D 153 3.11 -19.85 2.53
CA LYS D 153 3.19 -19.56 1.11
C LYS D 153 4.09 -20.58 0.38
N LEU D 154 5.18 -21.00 1.02
CA LEU D 154 6.04 -22.02 0.41
C LEU D 154 5.29 -23.34 0.20
N LEU D 155 4.51 -23.76 1.21
CA LEU D 155 3.75 -25.00 1.06
C LEU D 155 2.66 -24.87 -0.01
N ASP D 156 1.97 -23.72 -0.05
CA ASP D 156 0.96 -23.50 -1.09
C ASP D 156 1.59 -23.49 -2.48
N LEU D 157 2.81 -22.95 -2.61
CA LEU D 157 3.43 -22.89 -3.93
C LEU D 157 4.03 -24.22 -4.35
N HIS D 158 4.64 -24.97 -3.40
CA HIS D 158 5.54 -26.06 -3.77
C HIS D 158 5.24 -27.40 -3.14
N CYS D 159 4.46 -27.49 -2.05
CA CYS D 159 4.26 -28.75 -1.34
CA CYS D 159 4.25 -28.74 -1.33
C CYS D 159 2.80 -28.89 -0.90
N PRO D 160 1.90 -29.18 -1.85
CA PRO D 160 0.49 -29.33 -1.48
C PRO D 160 0.19 -30.52 -0.57
N GLN D 161 1.06 -31.51 -0.48
CA GLN D 161 0.83 -32.65 0.41
C GLN D 161 1.18 -32.36 1.88
N SER D 162 1.73 -31.19 2.17
CA SER D 162 2.11 -30.85 3.54
C SER D 162 1.27 -29.68 4.03
N LEU D 163 1.21 -29.52 5.35
CA LEU D 163 0.52 -28.40 5.93
C LEU D 163 1.25 -27.92 7.17
N VAL D 164 0.99 -26.68 7.52
CA VAL D 164 1.48 -26.08 8.74
C VAL D 164 0.58 -26.53 9.88
N LEU D 165 1.19 -27.04 10.96
CA LEU D 165 0.54 -27.20 12.26
C LEU D 165 1.11 -26.10 13.16
N ALA D 166 0.39 -24.97 13.24
CA ALA D 166 0.89 -23.86 14.03
C ALA D 166 0.89 -24.22 15.52
N ALA D 167 1.96 -23.82 16.22
CA ALA D 167 2.16 -24.24 17.61
C ALA D 167 2.89 -23.16 18.39
N SER D 168 2.84 -23.28 19.72
CA SER D 168 3.50 -22.42 20.71
C SER D 168 2.83 -21.05 20.79
N PHE D 169 1.94 -20.86 21.78
CA PHE D 169 1.11 -19.66 21.81
C PHE D 169 1.02 -19.09 23.22
N ARG D 170 1.12 -17.75 23.31
CA ARG D 170 0.81 -17.01 24.51
C ARG D 170 -0.44 -16.14 24.39
N THR D 171 -0.89 -15.78 23.19
CA THR D 171 -2.05 -14.93 22.99
C THR D 171 -2.97 -15.49 21.92
N PRO D 172 -4.28 -15.29 22.06
CA PRO D 172 -5.20 -15.62 20.96
C PRO D 172 -4.89 -14.86 19.67
N ARG D 173 -4.31 -13.66 19.76
CA ARG D 173 -3.95 -12.92 18.54
C ARG D 173 -2.93 -13.69 17.70
N GLN D 174 -1.94 -14.31 18.36
CA GLN D 174 -0.97 -15.15 17.67
C GLN D 174 -1.66 -16.28 16.93
N ALA D 175 -2.57 -16.98 17.62
CA ALA D 175 -3.24 -18.12 17.00
C ALA D 175 -4.13 -17.68 15.85
N LEU D 176 -4.86 -16.58 16.02
CA LEU D 176 -5.74 -16.12 14.94
C LEU D 176 -4.93 -15.73 13.71
N ASP D 177 -3.81 -15.01 13.90
CA ASP D 177 -2.97 -14.67 12.76
C ASP D 177 -2.51 -15.91 12.00
N CYS D 178 -2.27 -17.01 12.70
CA CYS D 178 -1.87 -18.24 12.02
C CYS D 178 -2.98 -18.76 11.11
N ILE D 179 -4.19 -18.89 11.64
CA ILE D 179 -5.24 -19.43 10.78
C ILE D 179 -5.63 -18.43 9.70
N LEU D 180 -5.47 -17.12 9.95
CA LEU D 180 -5.73 -16.15 8.89
C LEU D 180 -4.69 -16.25 7.78
N ALA D 181 -3.46 -16.66 8.12
CA ALA D 181 -2.42 -16.89 7.13
C ALA D 181 -2.71 -18.09 6.25
N GLY D 182 -3.68 -18.92 6.60
CA GLY D 182 -3.98 -20.11 5.82
C GLY D 182 -3.58 -21.42 6.46
N CYS D 183 -2.97 -21.41 7.64
CA CYS D 183 -2.58 -22.67 8.29
C CYS D 183 -3.78 -23.58 8.43
N LYS D 184 -3.63 -24.81 7.94
CA LYS D 184 -4.69 -25.80 7.95
C LYS D 184 -4.82 -26.56 9.27
N SER D 185 -3.86 -26.43 10.19
CA SER D 185 -4.03 -27.05 11.50
C SER D 185 -3.32 -26.20 12.53
N ILE D 186 -3.71 -26.37 13.80
CA ILE D 186 -3.21 -25.53 14.88
C ILE D 186 -3.43 -26.26 16.22
N THR D 187 -2.51 -26.07 17.16
CA THR D 187 -2.63 -26.70 18.47
C THR D 187 -2.51 -25.63 19.55
N LEU D 188 -3.49 -25.55 20.40
CA LEU D 188 -3.55 -24.46 21.37
C LEU D 188 -3.29 -24.99 22.77
N PRO D 189 -2.50 -24.27 23.58
CA PRO D 189 -2.44 -24.58 25.00
C PRO D 189 -3.77 -24.23 25.63
N VAL D 190 -4.00 -24.77 26.83
CA VAL D 190 -5.30 -24.65 27.48
C VAL D 190 -5.67 -23.18 27.69
N ASP D 191 -4.73 -22.34 28.15
CA ASP D 191 -5.17 -20.99 28.50
C ASP D 191 -5.57 -20.17 27.27
N VAL D 192 -4.91 -20.37 26.13
CA VAL D 192 -5.33 -19.65 24.93
C VAL D 192 -6.68 -20.18 24.43
N ALA D 193 -6.90 -21.50 24.48
CA ALA D 193 -8.17 -22.06 24.03
C ALA D 193 -9.33 -21.48 24.85
N GLU D 194 -9.13 -21.32 26.14
CA GLU D 194 -10.20 -20.79 26.99
C GLU D 194 -10.44 -19.30 26.74
N LEU D 195 -9.40 -18.55 26.36
CA LEU D 195 -9.60 -17.13 26.10
C LEU D 195 -10.53 -16.92 24.91
N PHE D 196 -10.48 -17.81 23.92
CA PHE D 196 -11.33 -17.65 22.74
C PHE D 196 -12.81 -17.70 23.11
N ILE D 197 -13.15 -18.37 24.21
CA ILE D 197 -14.56 -18.56 24.55
C ILE D 197 -14.92 -17.94 25.90
N SER D 198 -14.22 -16.88 26.33
CA SER D 198 -14.58 -16.30 27.63
C SER D 198 -14.48 -14.78 27.63
N ASP D 199 -14.89 -14.15 26.55
CA ASP D 199 -14.91 -12.70 26.46
C ASP D 199 -16.01 -12.11 27.36
N PRO D 200 -15.69 -11.15 28.24
CA PRO D 200 -16.72 -10.60 29.13
C PRO D 200 -17.79 -9.78 28.44
N ALA D 201 -17.58 -9.27 27.22
CA ALA D 201 -18.66 -8.58 26.54
C ALA D 201 -19.79 -9.54 26.18
N VAL D 202 -19.46 -10.81 25.97
CA VAL D 202 -20.45 -11.82 25.67
C VAL D 202 -21.32 -12.08 26.89
N ASP D 203 -20.68 -12.26 28.06
CA ASP D 203 -21.42 -12.37 29.31
C ASP D 203 -22.34 -11.19 29.53
N ALA D 204 -21.85 -9.97 29.25
CA ALA D 204 -22.62 -8.77 29.54
C ALA D 204 -23.88 -8.69 28.67
N VAL D 205 -23.78 -9.09 27.40
CA VAL D 205 -24.96 -9.00 26.55
C VAL D 205 -25.95 -10.13 26.84
N ILE D 206 -25.48 -11.29 27.32
CA ILE D 206 -26.41 -12.34 27.72
C ILE D 206 -27.16 -11.94 28.97
N THR D 207 -26.45 -11.39 29.97
CA THR D 207 -27.08 -10.84 31.17
C THR D 207 -28.16 -9.84 30.79
N LYS D 208 -27.88 -8.98 29.80
CA LYS D 208 -28.84 -7.96 29.42
C LYS D 208 -30.07 -8.57 28.74
N PHE D 209 -29.84 -9.52 27.82
CA PHE D 209 -30.95 -10.29 27.24
C PHE D 209 -31.84 -10.89 28.33
N ASP D 210 -31.22 -11.41 29.40
CA ASP D 210 -31.98 -12.11 30.43
C ASP D 210 -32.80 -11.13 31.26
N GLN D 211 -32.23 -9.98 31.61
CA GLN D 211 -33.02 -8.95 32.29
C GLN D 211 -34.19 -8.50 31.43
N ASP D 212 -33.96 -8.25 30.14
CA ASP D 212 -35.05 -7.80 29.27
C ASP D 212 -36.15 -8.83 29.20
N TRP D 213 -35.79 -10.11 29.09
CA TRP D 213 -36.79 -11.16 28.99
C TRP D 213 -37.58 -11.33 30.29
N CYS D 214 -36.88 -11.28 31.43
CA CYS D 214 -37.56 -11.47 32.70
C CYS D 214 -38.48 -10.30 33.01
N ASN D 215 -38.05 -9.07 32.72
CA ASN D 215 -38.96 -7.94 32.89
C ASN D 215 -40.23 -8.13 32.08
N ALA D 216 -40.09 -8.55 30.82
CA ALA D 216 -41.25 -8.65 29.95
C ALA D 216 -42.14 -9.82 30.34
N PHE D 217 -41.55 -11.00 30.59
CA PHE D 217 -42.34 -12.22 30.66
C PHE D 217 -42.29 -12.92 32.02
N GLY D 218 -41.56 -12.41 33.00
CA GLY D 218 -41.59 -12.97 34.34
C GLY D 218 -40.60 -14.08 34.65
N THR D 219 -40.37 -15.00 33.72
CA THR D 219 -39.37 -16.04 33.91
C THR D 219 -38.58 -16.24 32.61
N LEU D 220 -37.40 -16.84 32.75
CA LEU D 220 -36.57 -17.23 31.61
C LEU D 220 -37.11 -18.50 30.96
N SER D 221 -38.32 -18.40 30.42
CA SER D 221 -38.92 -19.54 29.73
C SER D 221 -39.80 -19.04 28.60
N PHE D 222 -39.97 -19.90 27.61
CA PHE D 222 -40.88 -19.62 26.51
C PHE D 222 -42.33 -19.65 27.01
N GLY E 2 16.30 25.24 -5.61
CA GLY E 2 17.48 25.57 -6.40
C GLY E 2 17.78 24.58 -7.52
N MET E 3 16.78 24.32 -8.37
CA MET E 3 16.96 23.41 -9.50
C MET E 3 17.92 23.99 -10.54
N GLU E 4 18.82 23.14 -11.05
CA GLU E 4 19.75 23.53 -12.11
C GLU E 4 19.51 22.63 -13.32
N LEU E 5 19.18 23.25 -14.46
CA LEU E 5 18.89 22.52 -15.69
C LEU E 5 20.04 22.73 -16.68
N TYR E 6 20.62 21.62 -17.16
CA TYR E 6 21.70 21.71 -18.12
C TYR E 6 21.31 20.99 -19.41
N LEU E 7 22.03 21.32 -20.48
CA LEU E 7 21.92 20.59 -21.73
C LEU E 7 23.11 19.66 -21.88
N ASP E 8 22.87 18.47 -22.40
CA ASP E 8 23.88 17.43 -22.55
C ASP E 8 24.22 17.29 -24.03
N THR E 9 25.13 18.13 -24.52
CA THR E 9 25.37 18.17 -25.96
C THR E 9 26.61 19.01 -26.24
N ALA E 10 27.14 18.84 -27.46
CA ALA E 10 28.18 19.70 -27.99
C ALA E 10 27.72 20.44 -29.24
N ASP E 11 26.45 20.30 -29.61
CA ASP E 11 25.87 20.92 -30.80
C ASP E 11 25.59 22.38 -30.48
N ILE E 12 26.48 23.26 -30.95
CA ILE E 12 26.42 24.66 -30.54
C ILE E 12 25.22 25.38 -31.17
N VAL E 13 24.80 24.97 -32.37
CA VAL E 13 23.59 25.56 -32.96
C VAL E 13 22.38 25.26 -32.08
N ALA E 14 22.22 23.99 -31.68
CA ALA E 14 21.08 23.65 -30.82
C ALA E 14 21.18 24.30 -29.43
N ILE E 15 22.40 24.49 -28.92
CA ILE E 15 22.56 25.08 -27.59
C ILE E 15 22.06 26.53 -27.58
N LYS E 16 22.49 27.35 -28.53
CA LYS E 16 22.03 28.74 -28.50
C LYS E 16 20.52 28.84 -28.77
N ARG E 17 19.99 27.95 -29.62
CA ARG E 17 18.54 27.92 -29.82
C ARG E 17 17.80 27.57 -28.53
N LEU E 18 18.11 26.41 -27.94
CA LEU E 18 17.44 25.99 -26.72
C LEU E 18 17.70 26.92 -25.55
N ALA E 19 18.86 27.58 -25.52
CA ALA E 19 19.17 28.50 -24.42
C ALA E 19 18.30 29.74 -24.44
N LYS E 20 17.73 30.07 -25.59
CA LYS E 20 16.78 31.18 -25.68
C LYS E 20 15.39 30.77 -25.25
N VAL E 21 15.08 29.48 -25.33
CA VAL E 21 13.76 28.98 -24.95
C VAL E 21 13.73 28.53 -23.49
N LEU E 22 14.73 27.76 -23.05
CA LEU E 22 14.71 27.13 -21.74
C LEU E 22 15.57 27.89 -20.74
N PRO E 23 15.30 27.75 -19.46
CA PRO E 23 16.18 28.37 -18.45
C PRO E 23 17.34 27.43 -18.07
N ILE E 24 18.38 27.40 -18.89
CA ILE E 24 19.47 26.45 -18.68
C ILE E 24 20.56 27.13 -17.87
N SER E 25 21.25 26.32 -17.05
CA SER E 25 22.35 26.79 -16.23
C SER E 25 23.72 26.51 -16.83
N GLY E 26 23.79 25.74 -17.91
CA GLY E 26 25.04 25.46 -18.58
C GLY E 26 24.93 24.20 -19.41
N VAL E 27 26.09 23.59 -19.68
CA VAL E 27 26.21 22.47 -20.62
C VAL E 27 27.10 21.40 -20.00
N THR E 28 26.68 20.14 -20.08
CA THR E 28 27.53 19.03 -19.67
C THR E 28 28.11 18.35 -20.91
N THR E 29 29.36 17.91 -20.82
CA THR E 29 29.94 17.08 -21.87
C THR E 29 30.45 15.76 -21.29
N ASN E 30 30.78 14.84 -22.18
CA ASN E 30 31.46 13.60 -21.82
C ASN E 30 32.28 13.20 -23.05
N PRO E 31 33.19 12.23 -22.90
CA PRO E 31 34.14 12.00 -24.02
C PRO E 31 33.49 11.60 -25.34
N SER E 32 32.35 10.90 -25.33
CA SER E 32 31.70 10.52 -26.58
C SER E 32 31.04 11.72 -27.24
N ILE E 33 30.40 12.57 -26.45
CA ILE E 33 29.77 13.78 -26.97
C ILE E 33 30.81 14.66 -27.62
N VAL E 34 31.98 14.80 -26.98
CA VAL E 34 33.05 15.60 -27.59
C VAL E 34 33.57 14.90 -28.84
N ALA E 35 33.83 13.60 -28.75
CA ALA E 35 34.39 12.89 -29.90
C ALA E 35 33.47 12.97 -31.10
N LYS E 36 32.16 12.85 -30.90
CA LYS E 36 31.26 12.88 -32.05
C LYS E 36 31.18 14.28 -32.65
N SER E 37 31.36 15.32 -31.82
CA SER E 37 31.44 16.69 -32.30
C SER E 37 32.57 16.89 -33.30
N GLY E 38 33.63 16.07 -33.21
CA GLY E 38 34.79 16.23 -34.06
C GLY E 38 35.73 17.36 -33.67
N LYS E 39 35.36 18.18 -32.71
CA LYS E 39 36.11 19.37 -32.32
C LYS E 39 37.05 19.05 -31.16
N PRO E 40 38.31 19.47 -31.22
CA PRO E 40 39.18 19.35 -30.05
C PRO E 40 38.53 20.06 -28.85
N ILE E 41 38.82 19.55 -27.66
CA ILE E 41 38.07 19.97 -26.48
C ILE E 41 38.32 21.43 -26.14
N PHE E 42 39.55 21.91 -26.32
CA PHE E 42 39.80 23.32 -25.99
C PHE E 42 39.10 24.24 -26.96
N LEU E 43 38.96 23.84 -28.22
CA LEU E 43 38.14 24.62 -29.13
C LEU E 43 36.67 24.52 -28.74
N LEU E 44 36.20 23.31 -28.45
CA LEU E 44 34.81 23.14 -28.02
C LEU E 44 34.51 23.99 -26.79
N LEU E 45 35.39 23.97 -25.79
CA LEU E 45 35.16 24.74 -24.57
C LEU E 45 35.12 26.23 -24.85
N ASN E 46 35.94 26.69 -25.79
CA ASN E 46 35.91 28.10 -26.18
C ASN E 46 34.57 28.45 -26.79
N GLU E 47 34.10 27.63 -27.74
CA GLU E 47 32.81 27.93 -28.37
C GLU E 47 31.67 27.90 -27.37
N LEU E 48 31.75 27.05 -26.33
CA LEU E 48 30.68 26.97 -25.35
C LEU E 48 30.59 28.24 -24.52
N GLN E 49 31.73 28.74 -24.04
CA GLN E 49 31.73 29.99 -23.28
C GLN E 49 31.18 31.12 -24.13
N GLU E 50 31.56 31.16 -25.40
CA GLU E 50 31.09 32.21 -26.30
C GLU E 50 29.57 32.18 -26.44
N VAL E 51 28.99 31.00 -26.62
CA VAL E 51 27.56 30.88 -26.85
C VAL E 51 26.78 31.14 -25.57
N LEU E 52 27.22 30.54 -24.45
CA LEU E 52 26.47 30.62 -23.21
C LEU E 52 26.65 31.94 -22.48
N GLY E 53 27.80 32.58 -22.62
CA GLY E 53 28.10 33.73 -21.81
C GLY E 53 28.82 33.34 -20.53
N SER E 54 28.88 34.30 -19.60
CA SER E 54 29.79 34.20 -18.47
C SER E 54 29.14 33.68 -17.18
N ASP E 55 27.82 33.72 -17.06
CA ASP E 55 27.18 33.28 -15.83
C ASP E 55 26.74 31.82 -15.85
N LYS E 56 27.33 31.00 -16.73
CA LYS E 56 26.91 29.61 -16.87
C LYS E 56 28.04 28.68 -16.44
N LEU E 57 27.68 27.41 -16.30
CA LEU E 57 28.57 26.40 -15.73
C LEU E 57 28.84 25.31 -16.77
N LEU E 58 30.08 24.84 -16.82
CA LEU E 58 30.51 23.84 -17.78
C LEU E 58 31.00 22.60 -17.03
N PHE E 59 30.74 21.42 -17.60
CA PHE E 59 31.21 20.16 -17.06
C PHE E 59 31.98 19.41 -18.14
N ALA E 60 33.17 18.93 -17.81
CA ALA E 60 33.93 18.11 -18.74
C ALA E 60 34.64 17.00 -17.97
N GLN E 61 34.93 15.91 -18.69
CA GLN E 61 35.35 14.65 -18.10
C GLN E 61 36.83 14.37 -18.36
N VAL E 62 37.52 13.86 -17.34
CA VAL E 62 38.90 13.40 -17.52
C VAL E 62 38.92 12.17 -18.42
N LEU E 63 40.09 11.87 -18.95
CA LEU E 63 40.26 10.75 -19.86
C LEU E 63 41.00 9.57 -19.25
N SER E 64 41.94 9.81 -18.34
CA SER E 64 42.84 8.75 -17.93
C SER E 64 42.17 7.83 -16.91
N SER E 65 42.72 6.62 -16.81
CA SER E 65 42.30 5.64 -15.81
C SER E 65 43.11 5.72 -14.52
N ASN E 66 44.16 6.52 -14.50
CA ASN E 66 45.04 6.66 -13.35
C ASN E 66 44.72 7.96 -12.59
N ALA E 67 44.65 7.87 -11.26
CA ALA E 67 44.22 9.03 -10.45
C ALA E 67 45.18 10.20 -10.60
N ASP E 68 46.49 9.93 -10.64
CA ASP E 68 47.46 11.00 -10.80
C ASP E 68 47.27 11.74 -12.11
N GLU E 69 46.98 11.01 -13.19
CA GLU E 69 46.78 11.67 -14.47
C GLU E 69 45.41 12.32 -14.58
N MET E 70 44.38 11.74 -13.95
CA MET E 70 43.09 12.43 -13.84
C MET E 70 43.26 13.80 -13.19
N ILE E 71 44.09 13.88 -12.14
CA ILE E 71 44.32 15.15 -11.47
C ILE E 71 45.06 16.13 -12.40
N LYS E 72 46.06 15.65 -13.13
CA LYS E 72 46.72 16.50 -14.11
C LYS E 72 45.73 17.02 -15.14
N GLU E 73 44.84 16.14 -15.61
CA GLU E 73 43.86 16.54 -16.61
C GLU E 73 42.87 17.54 -16.03
N THR E 74 42.52 17.39 -14.75
CA THR E 74 41.65 18.35 -14.08
C THR E 74 42.28 19.75 -14.10
N TYR E 75 43.59 19.84 -13.78
CA TYR E 75 44.24 21.14 -13.81
C TYR E 75 44.25 21.72 -15.22
N GLN E 76 44.44 20.86 -16.23
CA GLN E 76 44.40 21.33 -17.61
C GLN E 76 43.03 21.92 -17.95
N LEU E 77 41.96 21.26 -17.53
CA LEU E 77 40.61 21.80 -17.77
C LEU E 77 40.39 23.12 -17.03
N ARG E 78 40.87 23.21 -15.77
CA ARG E 78 40.68 24.43 -14.99
CA ARG E 78 40.68 24.43 -14.99
C ARG E 78 41.45 25.61 -15.57
N LYS E 79 42.61 25.35 -16.16
CA LYS E 79 43.37 26.44 -16.79
C LYS E 79 42.63 27.00 -18.00
N ALA E 80 41.94 26.15 -18.75
CA ALA E 80 41.18 26.63 -19.90
C ALA E 80 39.90 27.32 -19.48
N VAL E 81 39.20 26.75 -18.49
CA VAL E 81 37.93 27.28 -17.97
C VAL E 81 37.99 27.28 -16.45
N PRO E 82 38.27 28.42 -15.80
CA PRO E 82 38.57 28.39 -14.36
C PRO E 82 37.43 27.88 -13.49
N SER E 83 36.17 28.09 -13.87
CA SER E 83 35.03 27.66 -13.07
C SER E 83 34.53 26.25 -13.44
N ILE E 84 35.22 25.51 -14.28
CA ILE E 84 34.66 24.27 -14.80
C ILE E 84 34.55 23.22 -13.69
N VAL E 85 33.54 22.35 -13.80
CA VAL E 85 33.40 21.21 -12.91
C VAL E 85 33.92 20.00 -13.66
N THR E 86 34.78 19.24 -13.01
CA THR E 86 35.46 18.13 -13.65
C THR E 86 34.73 16.85 -13.31
N LYS E 87 34.40 16.07 -14.35
CA LYS E 87 33.69 14.82 -14.18
C LYS E 87 34.70 13.68 -14.05
N ILE E 88 34.54 12.88 -13.00
CA ILE E 88 35.49 11.81 -12.69
C ILE E 88 34.68 10.54 -12.49
N PRO E 89 34.99 9.47 -13.20
CA PRO E 89 34.23 8.23 -13.01
C PRO E 89 34.41 7.69 -11.61
N VAL E 90 33.32 7.16 -11.05
CA VAL E 90 33.33 6.66 -9.67
C VAL E 90 33.79 5.21 -9.71
N ASN E 91 35.10 5.03 -9.59
CA ASN E 91 35.75 3.75 -9.40
C ASN E 91 36.92 3.99 -8.47
N ALA E 92 37.72 2.96 -8.19
CA ALA E 92 38.80 3.09 -7.20
C ALA E 92 39.70 4.29 -7.48
N GLN E 93 40.19 4.41 -8.72
CA GLN E 93 41.08 5.53 -9.04
C GLN E 93 40.33 6.85 -9.03
N GLY E 94 39.07 6.84 -9.46
CA GLY E 94 38.30 8.07 -9.44
C GLY E 94 38.07 8.59 -8.04
N LEU E 95 37.80 7.68 -7.10
CA LEU E 95 37.60 8.08 -5.71
C LEU E 95 38.86 8.69 -5.10
N ILE E 96 40.03 8.14 -5.43
CA ILE E 96 41.29 8.73 -5.00
C ILE E 96 41.40 10.15 -5.54
N ALA E 97 41.14 10.32 -6.84
CA ALA E 97 41.17 11.64 -7.45
C ALA E 97 40.19 12.58 -6.77
N ILE E 98 38.95 12.13 -6.54
CA ILE E 98 37.94 13.01 -5.94
C ILE E 98 38.38 13.49 -4.56
N LYS E 99 38.92 12.58 -3.74
CA LYS E 99 39.33 12.96 -2.38
C LYS E 99 40.45 14.00 -2.42
N GLU E 100 41.42 13.81 -3.31
CA GLU E 100 42.53 14.74 -3.39
C GLU E 100 42.06 16.12 -3.87
N LEU E 101 41.22 16.14 -4.90
CA LEU E 101 40.77 17.42 -5.45
C LEU E 101 39.86 18.14 -4.47
N THR E 102 39.05 17.39 -3.72
CA THR E 102 38.24 17.98 -2.66
C THR E 102 39.12 18.67 -1.63
N GLN E 103 40.19 17.99 -1.20
CA GLN E 103 41.12 18.58 -0.23
C GLN E 103 41.70 19.88 -0.75
N GLN E 104 41.95 19.95 -2.06
CA GLN E 104 42.45 21.16 -2.69
C GLN E 104 41.33 22.17 -3.00
N GLY E 105 40.08 21.89 -2.62
CA GLY E 105 38.99 22.80 -2.87
C GLY E 105 38.54 22.88 -4.32
N ILE E 106 38.70 21.81 -5.09
CA ILE E 106 38.38 21.80 -6.51
C ILE E 106 37.07 21.03 -6.70
N PRO E 107 36.04 21.63 -7.29
CA PRO E 107 34.75 20.94 -7.39
C PRO E 107 34.77 19.84 -8.44
N THR E 108 34.08 18.74 -8.12
CA THR E 108 34.03 17.58 -8.98
C THR E 108 32.62 17.02 -9.06
N LEU E 109 32.37 16.30 -10.15
CA LEU E 109 31.18 15.50 -10.35
C LEU E 109 31.61 14.05 -10.43
N GLY E 110 30.99 13.19 -9.63
CA GLY E 110 31.29 11.77 -9.76
C GLY E 110 30.40 11.16 -10.83
N THR E 111 30.97 10.72 -11.96
CA THR E 111 30.14 10.31 -13.08
C THR E 111 30.13 8.79 -13.27
N ALA E 112 29.38 8.35 -14.29
CA ALA E 112 29.21 6.94 -14.61
C ALA E 112 28.76 6.13 -13.38
N VAL E 113 27.71 6.62 -12.73
CA VAL E 113 27.14 5.99 -11.55
C VAL E 113 26.02 5.05 -11.96
N TYR E 114 26.15 3.77 -11.59
CA TYR E 114 25.15 2.77 -11.92
C TYR E 114 24.44 2.20 -10.69
N GLY E 115 24.87 2.56 -9.49
CA GLY E 115 24.24 2.03 -8.28
C GLY E 115 24.25 3.08 -7.20
N ALA E 116 23.29 2.97 -6.27
CA ALA E 116 23.15 4.02 -5.25
C ALA E 116 24.34 4.02 -4.29
N GLY E 117 24.85 2.84 -3.90
CA GLY E 117 25.99 2.82 -3.00
C GLY E 117 27.23 3.45 -3.61
N GLN E 118 27.52 3.09 -4.86
CA GLN E 118 28.65 3.66 -5.60
C GLN E 118 28.57 5.18 -5.64
N GLY E 119 27.39 5.73 -5.97
CA GLY E 119 27.25 7.17 -6.02
C GLY E 119 27.41 7.81 -4.66
N PHE E 120 26.93 7.13 -3.62
CA PHE E 120 26.98 7.65 -2.26
C PHE E 120 28.43 7.77 -1.79
N LEU E 121 29.28 6.80 -2.16
CA LEU E 121 30.69 6.86 -1.80
C LEU E 121 31.38 8.08 -2.42
N ALA E 122 30.99 8.45 -3.64
CA ALA E 122 31.59 9.62 -4.27
C ALA E 122 31.19 10.90 -3.52
N ALA E 123 29.95 10.96 -3.03
CA ALA E 123 29.53 12.14 -2.25
C ALA E 123 30.27 12.20 -0.92
N LEU E 124 30.41 11.06 -0.24
CA LEU E 124 31.22 11.01 0.98
C LEU E 124 32.65 11.46 0.71
N ALA E 125 33.18 11.10 -0.46
CA ALA E 125 34.55 11.47 -0.80
C ALA E 125 34.69 12.95 -1.13
N GLY E 126 33.57 13.65 -1.34
CA GLY E 126 33.59 15.09 -1.53
C GLY E 126 33.03 15.58 -2.87
N ALA E 127 32.61 14.72 -3.80
CA ALA E 127 32.01 15.21 -5.03
C ALA E 127 30.72 15.98 -4.73
N LYS E 128 30.61 17.20 -5.27
CA LYS E 128 29.39 17.98 -5.08
C LYS E 128 28.24 17.40 -5.91
N TYR E 129 28.52 16.96 -7.13
CA TYR E 129 27.51 16.41 -8.01
C TYR E 129 27.73 14.92 -8.21
N ILE E 130 26.64 14.16 -8.27
CA ILE E 130 26.65 12.73 -8.55
C ILE E 130 25.75 12.49 -9.75
N ALA E 131 26.24 11.78 -10.76
CA ALA E 131 25.54 11.64 -12.04
C ALA E 131 25.27 10.18 -12.34
N PRO E 132 24.12 9.64 -11.91
CA PRO E 132 23.71 8.32 -12.39
C PRO E 132 23.46 8.34 -13.89
N TYR E 133 23.78 7.23 -14.55
CA TYR E 133 23.48 7.09 -15.97
C TYR E 133 22.12 6.41 -16.08
N VAL E 134 21.06 7.22 -15.97
CA VAL E 134 19.68 6.75 -15.83
C VAL E 134 19.32 5.76 -16.95
N ASN E 135 19.53 6.16 -18.22
CA ASN E 135 19.09 5.30 -19.30
C ASN E 135 19.96 4.06 -19.44
N ARG E 136 21.25 4.16 -19.11
CA ARG E 136 22.12 2.98 -19.18
C ARG E 136 21.73 1.95 -18.14
N ILE E 137 21.23 2.39 -16.99
CA ILE E 137 20.70 1.46 -16.00
C ILE E 137 19.49 0.72 -16.56
N ASP E 138 18.56 1.44 -17.18
CA ASP E 138 17.43 0.80 -17.83
C ASP E 138 17.88 -0.10 -18.97
N ALA E 139 18.94 0.28 -19.67
CA ALA E 139 19.37 -0.45 -20.85
C ALA E 139 19.99 -1.79 -20.48
N GLN E 140 20.52 -1.93 -19.26
CA GLN E 140 21.17 -3.18 -18.82
C GLN E 140 20.28 -3.97 -17.86
N GLY E 141 18.97 -4.03 -18.12
CA GLY E 141 18.09 -4.85 -17.32
C GLY E 141 17.78 -4.33 -15.93
N GLY E 142 18.13 -3.10 -15.61
CA GLY E 142 17.88 -2.54 -14.30
C GLY E 142 16.58 -1.76 -14.27
N ASN E 143 16.39 -1.03 -13.18
CA ASN E 143 15.25 -0.13 -13.01
C ASN E 143 15.80 1.22 -12.53
N SER E 144 15.93 2.17 -13.46
CA SER E 144 16.57 3.44 -13.15
C SER E 144 15.76 4.25 -12.16
N LYS E 145 14.43 4.13 -12.20
CA LYS E 145 13.59 4.86 -11.26
C LYS E 145 13.89 4.45 -9.82
N ASP E 146 14.04 3.15 -9.58
CA ASP E 146 14.40 2.67 -8.25
C ASP E 146 15.80 3.11 -7.84
N THR E 147 16.78 3.01 -8.76
CA THR E 147 18.15 3.38 -8.42
C THR E 147 18.25 4.85 -8.09
N VAL E 148 17.58 5.71 -8.85
CA VAL E 148 17.66 7.14 -8.61
C VAL E 148 16.98 7.50 -7.29
N LEU E 149 15.85 6.85 -6.97
CA LEU E 149 15.18 7.13 -5.70
C LEU E 149 16.09 6.75 -4.53
N GLU E 150 16.79 5.62 -4.62
CA GLU E 150 17.73 5.24 -3.57
C GLU E 150 18.89 6.23 -3.46
N LEU E 151 19.48 6.65 -4.59
CA LEU E 151 20.58 7.61 -4.53
C LEU E 151 20.15 8.92 -3.89
N GLN E 152 18.99 9.46 -4.30
CA GLN E 152 18.55 10.74 -3.74
C GLN E 152 18.24 10.59 -2.26
N LYS E 153 17.69 9.45 -1.86
CA LYS E 153 17.41 9.18 -0.45
C LYS E 153 18.67 9.22 0.40
N LEU E 154 19.74 8.54 -0.07
CA LEU E 154 21.01 8.56 0.64
C LEU E 154 21.54 9.97 0.81
N LEU E 155 21.43 10.79 -0.24
CA LEU E 155 21.93 12.16 -0.14
C LEU E 155 21.06 12.98 0.83
N ASP E 156 19.74 12.83 0.76
CA ASP E 156 18.88 13.54 1.71
C ASP E 156 19.20 13.13 3.15
N LEU E 157 19.50 11.85 3.38
CA LEU E 157 19.73 11.37 4.75
C LEU E 157 21.10 11.77 5.28
N HIS E 158 22.14 11.69 4.45
CA HIS E 158 23.50 11.60 4.92
C HIS E 158 24.46 12.62 4.32
N CYS E 159 24.13 13.27 3.20
CA CYS E 159 25.06 14.17 2.51
CA CYS E 159 25.05 14.17 2.49
C CYS E 159 24.29 15.37 1.98
N PRO E 160 23.88 16.28 2.86
CA PRO E 160 23.14 17.47 2.41
C PRO E 160 23.91 18.36 1.45
N GLN E 161 25.24 18.33 1.47
CA GLN E 161 26.03 19.20 0.62
C GLN E 161 26.19 18.70 -0.81
N SER E 162 25.75 17.49 -1.13
CA SER E 162 25.85 16.98 -2.49
C SER E 162 24.48 16.93 -3.13
N LEU E 163 24.45 16.80 -4.45
CA LEU E 163 23.19 16.73 -5.15
C LEU E 163 23.33 15.79 -6.32
N VAL E 164 22.21 15.25 -6.75
CA VAL E 164 22.19 14.40 -7.94
C VAL E 164 22.10 15.30 -9.17
N LEU E 165 22.96 15.03 -10.15
CA LEU E 165 22.82 15.60 -11.49
C LEU E 165 22.43 14.43 -12.39
N ALA E 166 21.11 14.23 -12.55
CA ALA E 166 20.61 13.11 -13.34
C ALA E 166 21.00 13.26 -14.81
N ALA E 167 21.40 12.16 -15.43
CA ALA E 167 21.98 12.22 -16.77
C ALA E 167 21.58 10.96 -17.53
N SER E 168 21.76 11.02 -18.87
CA SER E 168 21.51 9.90 -19.79
C SER E 168 20.03 9.60 -19.92
N PHE E 169 19.39 10.11 -20.98
CA PHE E 169 17.94 10.03 -21.12
C PHE E 169 17.55 9.69 -22.56
N ARG E 170 16.55 8.81 -22.70
CA ARG E 170 15.91 8.56 -23.98
C ARG E 170 14.45 8.99 -24.02
N THR E 171 13.81 9.15 -22.87
CA THR E 171 12.39 9.51 -22.79
C THR E 171 12.23 10.63 -21.78
N PRO E 172 11.27 11.54 -21.98
CA PRO E 172 10.92 12.50 -20.92
C PRO E 172 10.45 11.85 -19.64
N ARG E 173 9.87 10.65 -19.72
CA ARG E 173 9.40 9.96 -18.52
C ARG E 173 10.54 9.71 -17.54
N GLN E 174 11.70 9.29 -18.06
CA GLN E 174 12.88 9.11 -17.21
C GLN E 174 13.30 10.42 -16.56
N ALA E 175 13.37 11.50 -17.35
CA ALA E 175 13.76 12.80 -16.79
C ALA E 175 12.77 13.27 -15.74
N LEU E 176 11.48 13.17 -16.04
CA LEU E 176 10.45 13.60 -15.10
C LEU E 176 10.52 12.82 -13.80
N ASP E 177 10.68 11.50 -13.89
CA ASP E 177 10.80 10.70 -12.67
C ASP E 177 12.02 11.12 -11.83
N CYS E 178 13.11 11.56 -12.47
CA CYS E 178 14.28 12.00 -11.70
C CYS E 178 13.95 13.22 -10.86
N ILE E 179 13.32 14.23 -11.45
CA ILE E 179 13.04 15.43 -10.67
C ILE E 179 11.92 15.19 -9.66
N LEU E 180 10.99 14.28 -9.96
CA LEU E 180 10.00 13.89 -8.96
C LEU E 180 10.67 13.16 -7.79
N ALA E 181 11.76 12.45 -8.05
CA ALA E 181 12.50 11.82 -6.96
C ALA E 181 13.18 12.85 -6.07
N GLY E 182 13.31 14.09 -6.52
CA GLY E 182 13.98 15.12 -5.74
C GLY E 182 15.35 15.53 -6.25
N CYS E 183 15.86 14.96 -7.35
CA CYS E 183 17.14 15.38 -7.91
C CYS E 183 17.15 16.88 -8.13
N LYS E 184 18.19 17.54 -7.64
CA LYS E 184 18.27 18.99 -7.69
C LYS E 184 18.88 19.52 -8.98
N SER E 185 19.40 18.64 -9.84
CA SER E 185 19.91 19.08 -11.13
C SER E 185 19.73 17.95 -12.14
N ILE E 186 19.76 18.32 -13.42
CA ILE E 186 19.50 17.38 -14.49
C ILE E 186 20.08 17.95 -15.77
N THR E 187 20.58 17.08 -16.64
CA THR E 187 21.11 17.52 -17.93
C THR E 187 20.39 16.74 -19.04
N LEU E 188 19.82 17.47 -19.98
CA LEU E 188 18.96 16.80 -20.96
C LEU E 188 19.60 16.80 -22.34
N PRO E 189 19.53 15.69 -23.08
CA PRO E 189 19.88 15.76 -24.51
C PRO E 189 18.86 16.58 -25.27
N VAL E 190 19.22 16.96 -26.49
CA VAL E 190 18.38 17.86 -27.27
C VAL E 190 16.98 17.26 -27.48
N ASP E 191 16.92 16.03 -27.98
CA ASP E 191 15.63 15.47 -28.36
C ASP E 191 14.68 15.37 -27.16
N VAL E 192 15.19 15.00 -25.99
CA VAL E 192 14.31 14.88 -24.83
C VAL E 192 13.84 16.25 -24.37
N ALA E 193 14.75 17.24 -24.36
CA ALA E 193 14.37 18.61 -24.00
C ALA E 193 13.28 19.14 -24.92
N GLU E 194 13.41 18.92 -26.23
CA GLU E 194 12.40 19.43 -27.15
C GLU E 194 11.05 18.78 -26.93
N LEU E 195 11.02 17.50 -26.54
CA LEU E 195 9.75 16.81 -26.31
C LEU E 195 8.95 17.43 -25.17
N PHE E 196 9.63 18.00 -24.17
CA PHE E 196 8.89 18.60 -23.07
C PHE E 196 8.02 19.76 -23.51
N ILE E 197 8.41 20.45 -24.58
CA ILE E 197 7.80 21.72 -24.94
C ILE E 197 7.07 21.65 -26.28
N SER E 198 6.77 20.45 -26.78
CA SER E 198 6.14 20.32 -28.08
C SER E 198 5.04 19.25 -28.03
N ASP E 199 3.97 19.55 -27.33
CA ASP E 199 2.79 18.69 -27.23
C ASP E 199 1.80 19.03 -28.34
N PRO E 200 1.35 18.07 -29.15
CA PRO E 200 0.30 18.36 -30.13
C PRO E 200 -1.00 18.82 -29.48
N ALA E 201 -1.29 18.37 -28.26
CA ALA E 201 -2.49 18.84 -27.59
C ALA E 201 -2.45 20.34 -27.33
N VAL E 202 -1.27 20.89 -27.07
CA VAL E 202 -1.14 22.32 -26.81
C VAL E 202 -1.41 23.10 -28.08
N ASP E 203 -0.84 22.67 -29.21
CA ASP E 203 -1.10 23.35 -30.47
C ASP E 203 -2.58 23.28 -30.84
N ALA E 204 -3.20 22.12 -30.63
CA ALA E 204 -4.62 21.98 -30.95
C ALA E 204 -5.49 22.91 -30.13
N VAL E 205 -5.16 23.09 -28.84
CA VAL E 205 -6.01 23.96 -28.04
C VAL E 205 -5.74 25.42 -28.39
N ILE E 206 -4.49 25.77 -28.71
CA ILE E 206 -4.18 27.14 -29.13
C ILE E 206 -4.88 27.47 -30.45
N THR E 207 -4.95 26.50 -31.37
CA THR E 207 -5.66 26.73 -32.62
C THR E 207 -7.13 27.04 -32.38
N LYS E 208 -7.78 26.24 -31.53
CA LYS E 208 -9.20 26.43 -31.25
C LYS E 208 -9.45 27.77 -30.57
N PHE E 209 -8.56 28.19 -29.67
CA PHE E 209 -8.62 29.54 -29.12
C PHE E 209 -8.66 30.58 -30.23
N ASP E 210 -7.75 30.47 -31.21
CA ASP E 210 -7.67 31.46 -32.28
C ASP E 210 -8.94 31.47 -33.12
N GLN E 211 -9.43 30.28 -33.49
CA GLN E 211 -10.62 30.21 -34.34
C GLN E 211 -11.81 30.86 -33.65
N ASP E 212 -11.99 30.62 -32.35
CA ASP E 212 -13.08 31.24 -31.61
C ASP E 212 -12.92 32.76 -31.59
N TRP E 213 -11.71 33.24 -31.28
CA TRP E 213 -11.48 34.67 -31.20
C TRP E 213 -11.69 35.33 -32.55
N CYS E 214 -11.22 34.68 -33.63
CA CYS E 214 -11.35 35.28 -34.95
C CYS E 214 -12.80 35.27 -35.43
N ASN E 215 -13.58 34.27 -35.01
CA ASN E 215 -15.00 34.27 -35.36
C ASN E 215 -15.76 35.36 -34.61
N ALA E 216 -15.29 35.74 -33.43
CA ALA E 216 -15.97 36.79 -32.67
C ALA E 216 -15.58 38.19 -33.13
N PHE E 217 -14.28 38.43 -33.37
CA PHE E 217 -13.76 39.77 -33.57
C PHE E 217 -13.11 40.00 -34.92
N GLY E 218 -12.94 38.97 -35.75
CA GLY E 218 -12.45 39.20 -37.09
C GLY E 218 -10.98 38.93 -37.30
N THR E 219 -10.12 39.40 -36.39
CA THR E 219 -8.70 39.16 -36.47
C THR E 219 -8.16 38.77 -35.11
N LEU E 220 -6.90 38.32 -35.11
CA LEU E 220 -6.23 37.85 -33.90
C LEU E 220 -5.46 39.01 -33.26
N SER E 221 -6.22 39.95 -32.71
CA SER E 221 -5.65 41.15 -32.12
C SER E 221 -6.62 41.74 -31.12
N PHE E 222 -6.06 42.53 -30.19
CA PHE E 222 -6.88 43.29 -29.25
C PHE E 222 -7.42 44.55 -29.95
N GLY F 2 -25.80 -16.10 -3.75
CA GLY F 2 -26.71 -16.60 -2.73
C GLY F 2 -26.87 -15.72 -1.49
N MET F 3 -27.22 -14.45 -1.71
CA MET F 3 -27.43 -13.51 -0.61
C MET F 3 -28.79 -13.74 0.03
N GLU F 4 -28.85 -13.63 1.36
CA GLU F 4 -30.08 -13.75 2.14
C GLU F 4 -30.26 -12.48 2.97
N LEU F 5 -31.33 -11.76 2.74
CA LEU F 5 -31.62 -10.52 3.46
C LEU F 5 -32.72 -10.76 4.50
N TYR F 6 -32.44 -10.46 5.76
CA TYR F 6 -33.43 -10.63 6.82
C TYR F 6 -33.73 -9.31 7.52
N LEU F 7 -34.91 -9.23 8.13
CA LEU F 7 -35.27 -8.11 9.00
C LEU F 7 -35.10 -8.51 10.45
N ASP F 8 -34.52 -7.62 11.25
CA ASP F 8 -34.17 -7.88 12.65
C ASP F 8 -35.17 -7.11 13.51
N THR F 9 -36.32 -7.73 13.78
CA THR F 9 -37.40 -7.00 14.41
C THR F 9 -38.52 -7.98 14.78
N ALA F 10 -39.37 -7.55 15.71
CA ALA F 10 -40.61 -8.26 16.04
C ALA F 10 -41.83 -7.39 15.81
N ASP F 11 -41.65 -6.22 15.20
CA ASP F 11 -42.73 -5.26 14.96
C ASP F 11 -43.49 -5.74 13.72
N ILE F 12 -44.67 -6.33 13.95
CA ILE F 12 -45.40 -7.03 12.90
C ILE F 12 -45.94 -6.06 11.84
N VAL F 13 -46.21 -4.81 12.23
CA VAL F 13 -46.65 -3.83 11.23
C VAL F 13 -45.50 -3.47 10.30
N ALA F 14 -44.30 -3.28 10.85
CA ALA F 14 -43.15 -2.93 10.02
C ALA F 14 -42.76 -4.08 9.11
N ILE F 15 -42.83 -5.32 9.61
CA ILE F 15 -42.53 -6.49 8.80
C ILE F 15 -43.51 -6.60 7.61
N LYS F 16 -44.80 -6.37 7.85
CA LYS F 16 -45.76 -6.40 6.73
C LYS F 16 -45.38 -5.38 5.67
N ARG F 17 -45.14 -4.13 6.08
CA ARG F 17 -44.79 -3.08 5.14
C ARG F 17 -43.48 -3.38 4.43
N LEU F 18 -42.44 -3.73 5.20
CA LEU F 18 -41.12 -3.89 4.60
C LEU F 18 -41.00 -5.16 3.76
N ALA F 19 -41.71 -6.23 4.12
CA ALA F 19 -41.67 -7.44 3.29
C ALA F 19 -42.31 -7.21 1.93
N LYS F 20 -43.26 -6.28 1.81
CA LYS F 20 -43.80 -5.94 0.50
C LYS F 20 -42.75 -5.23 -0.35
N VAL F 21 -41.88 -4.43 0.26
CA VAL F 21 -40.94 -3.59 -0.47
C VAL F 21 -39.62 -4.30 -0.73
N LEU F 22 -39.08 -4.96 0.27
CA LEU F 22 -37.72 -5.46 0.17
C LEU F 22 -37.70 -6.93 -0.26
N PRO F 23 -36.62 -7.36 -0.89
CA PRO F 23 -36.47 -8.80 -1.20
C PRO F 23 -35.91 -9.58 -0.01
N ILE F 24 -36.74 -9.79 1.01
CA ILE F 24 -36.28 -10.40 2.26
C ILE F 24 -36.52 -11.91 2.23
N SER F 25 -35.68 -12.63 2.96
CA SER F 25 -35.80 -14.07 3.09
C SER F 25 -36.41 -14.49 4.43
N GLY F 26 -36.66 -13.57 5.34
CA GLY F 26 -37.22 -13.93 6.63
C GLY F 26 -36.88 -12.88 7.69
N VAL F 27 -37.00 -13.31 8.94
CA VAL F 27 -36.94 -12.42 10.10
C VAL F 27 -36.09 -13.09 11.17
N THR F 28 -35.17 -12.33 11.77
CA THR F 28 -34.42 -12.77 12.94
C THR F 28 -34.97 -12.08 14.17
N THR F 29 -34.98 -12.78 15.31
CA THR F 29 -35.34 -12.22 16.60
C THR F 29 -34.26 -12.53 17.61
N ASN F 30 -34.31 -11.85 18.74
CA ASN F 30 -33.47 -12.19 19.88
C ASN F 30 -34.27 -11.85 21.13
N PRO F 31 -33.81 -12.28 22.32
CA PRO F 31 -34.64 -12.08 23.52
C PRO F 31 -35.10 -10.64 23.74
N SER F 32 -34.22 -9.66 23.55
CA SER F 32 -34.62 -8.26 23.75
C SER F 32 -35.63 -7.81 22.71
N ILE F 33 -35.45 -8.22 21.45
CA ILE F 33 -36.42 -7.87 20.42
C ILE F 33 -37.80 -8.44 20.74
N VAL F 34 -37.84 -9.67 21.28
CA VAL F 34 -39.13 -10.26 21.61
C VAL F 34 -39.71 -9.56 22.84
N ALA F 35 -38.89 -9.32 23.86
CA ALA F 35 -39.37 -8.67 25.08
C ALA F 35 -39.95 -7.29 24.79
N LYS F 36 -39.28 -6.52 23.93
CA LYS F 36 -39.77 -5.19 23.59
C LYS F 36 -41.15 -5.26 22.92
N SER F 37 -41.39 -6.29 22.10
CA SER F 37 -42.70 -6.40 21.45
C SER F 37 -43.80 -6.82 22.42
N GLY F 38 -43.44 -7.42 23.55
CA GLY F 38 -44.44 -7.81 24.53
C GLY F 38 -45.28 -9.02 24.17
N LYS F 39 -45.02 -9.65 23.04
CA LYS F 39 -45.85 -10.82 22.72
C LYS F 39 -45.14 -12.10 23.14
N PRO F 40 -45.86 -13.06 23.72
CA PRO F 40 -45.27 -14.39 23.97
C PRO F 40 -44.73 -14.96 22.67
N ILE F 41 -43.61 -15.68 22.77
CA ILE F 41 -42.84 -16.01 21.58
C ILE F 41 -43.62 -16.95 20.66
N PHE F 42 -44.50 -17.80 21.20
CA PHE F 42 -45.24 -18.72 20.33
C PHE F 42 -46.37 -18.02 19.58
N LEU F 43 -47.03 -17.05 20.19
CA LEU F 43 -47.95 -16.20 19.45
C LEU F 43 -47.21 -15.41 18.38
N LEU F 44 -46.06 -14.84 18.73
CA LEU F 44 -45.30 -14.05 17.76
C LEU F 44 -44.83 -14.91 16.61
N LEU F 45 -44.36 -16.12 16.90
CA LEU F 45 -43.94 -17.02 15.84
C LEU F 45 -45.09 -17.39 14.90
N ASN F 46 -46.32 -17.51 15.42
CA ASN F 46 -47.44 -17.81 14.54
C ASN F 46 -47.80 -16.61 13.67
N GLU F 47 -47.83 -15.40 14.25
CA GLU F 47 -48.09 -14.21 13.45
C GLU F 47 -47.06 -14.04 12.36
N LEU F 48 -45.79 -14.35 12.66
CA LEU F 48 -44.72 -14.21 11.67
C LEU F 48 -44.93 -15.15 10.48
N GLN F 49 -45.33 -16.40 10.76
CA GLN F 49 -45.60 -17.32 9.67
C GLN F 49 -46.78 -16.86 8.81
N GLU F 50 -47.74 -16.18 9.43
CA GLU F 50 -48.90 -15.69 8.69
C GLU F 50 -48.53 -14.54 7.78
N VAL F 51 -47.69 -13.61 8.25
CA VAL F 51 -47.31 -12.47 7.43
C VAL F 51 -46.35 -12.89 6.32
N LEU F 52 -45.35 -13.70 6.66
CA LEU F 52 -44.29 -14.03 5.72
C LEU F 52 -44.70 -15.12 4.73
N GLY F 53 -45.51 -16.07 5.17
CA GLY F 53 -45.74 -17.28 4.40
C GLY F 53 -44.78 -18.38 4.79
N SER F 54 -44.84 -19.49 4.05
CA SER F 54 -44.01 -20.66 4.32
C SER F 54 -42.70 -20.66 3.54
N ASP F 55 -42.54 -19.74 2.59
CA ASP F 55 -41.32 -19.63 1.80
C ASP F 55 -40.18 -18.98 2.57
N LYS F 56 -40.39 -18.58 3.82
CA LYS F 56 -39.43 -17.74 4.53
C LYS F 56 -38.83 -18.49 5.71
N LEU F 57 -37.73 -17.96 6.23
CA LEU F 57 -36.98 -18.59 7.31
C LEU F 57 -36.98 -17.70 8.54
N LEU F 58 -37.25 -18.29 9.70
CA LEU F 58 -37.26 -17.59 10.99
C LEU F 58 -36.05 -18.01 11.84
N PHE F 59 -35.62 -17.11 12.71
CA PHE F 59 -34.54 -17.35 13.67
C PHE F 59 -35.02 -16.90 15.05
N ALA F 60 -34.82 -17.74 16.06
CA ALA F 60 -35.13 -17.42 17.44
C ALA F 60 -34.06 -18.00 18.36
N GLN F 61 -33.86 -17.35 19.51
CA GLN F 61 -32.73 -17.63 20.40
C GLN F 61 -33.17 -18.44 21.62
N VAL F 62 -32.34 -19.39 22.04
CA VAL F 62 -32.59 -20.05 23.32
C VAL F 62 -32.36 -19.06 24.47
N LEU F 63 -32.86 -19.43 25.64
CA LEU F 63 -32.79 -18.57 26.80
C LEU F 63 -31.80 -19.04 27.87
N SER F 64 -31.60 -20.34 28.02
CA SER F 64 -30.88 -20.84 29.18
C SER F 64 -29.38 -20.73 29.00
N SER F 65 -28.68 -20.66 30.13
CA SER F 65 -27.22 -20.72 30.18
C SER F 65 -26.66 -22.14 30.27
N ASN F 66 -27.52 -23.15 30.33
CA ASN F 66 -27.11 -24.54 30.46
C ASN F 66 -27.35 -25.29 29.16
N ALA F 67 -26.37 -26.07 28.71
CA ALA F 67 -26.47 -26.72 27.39
C ALA F 67 -27.66 -27.68 27.31
N ASP F 68 -27.94 -28.42 28.39
CA ASP F 68 -29.06 -29.35 28.38
C ASP F 68 -30.38 -28.60 28.16
N GLU F 69 -30.58 -27.51 28.90
CA GLU F 69 -31.80 -26.72 28.73
C GLU F 69 -31.83 -26.02 27.38
N MET F 70 -30.68 -25.58 26.86
CA MET F 70 -30.65 -24.99 25.51
C MET F 70 -31.17 -25.97 24.46
N ILE F 71 -30.74 -27.24 24.56
CA ILE F 71 -31.22 -28.27 23.63
C ILE F 71 -32.72 -28.47 23.77
N LYS F 72 -33.24 -28.52 25.00
CA LYS F 72 -34.67 -28.70 25.20
C LYS F 72 -35.45 -27.52 24.66
N GLU F 73 -34.95 -26.30 24.88
CA GLU F 73 -35.60 -25.13 24.30
C GLU F 73 -35.55 -25.15 22.78
N THR F 74 -34.48 -25.71 22.20
CA THR F 74 -34.42 -25.88 20.75
C THR F 74 -35.51 -26.80 20.24
N TYR F 75 -35.80 -27.87 20.99
CA TYR F 75 -36.91 -28.75 20.64
C TYR F 75 -38.23 -27.99 20.65
N GLN F 76 -38.46 -27.19 21.69
CA GLN F 76 -39.70 -26.39 21.76
C GLN F 76 -39.86 -25.53 20.53
N LEU F 77 -38.82 -24.76 20.19
CA LEU F 77 -38.87 -23.89 19.01
C LEU F 77 -39.18 -24.68 17.75
N ARG F 78 -38.48 -25.81 17.56
CA ARG F 78 -38.69 -26.64 16.38
C ARG F 78 -40.09 -27.23 16.35
N LYS F 79 -40.66 -27.50 17.51
CA LYS F 79 -42.04 -28.00 17.57
C LYS F 79 -43.02 -26.96 17.06
N ALA F 80 -42.84 -25.70 17.49
CA ALA F 80 -43.72 -24.62 17.03
C ALA F 80 -43.48 -24.29 15.57
N VAL F 81 -42.22 -24.35 15.12
CA VAL F 81 -41.87 -24.01 13.74
C VAL F 81 -40.84 -25.04 13.29
N PRO F 82 -41.21 -25.98 12.42
CA PRO F 82 -40.28 -27.08 12.12
C PRO F 82 -38.99 -26.65 11.43
N SER F 83 -39.02 -25.63 10.56
CA SER F 83 -37.81 -25.24 9.83
C SER F 83 -37.02 -24.13 10.53
N ILE F 84 -37.28 -23.85 11.81
CA ILE F 84 -36.67 -22.68 12.43
C ILE F 84 -35.17 -22.92 12.66
N VAL F 85 -34.38 -21.86 12.51
CA VAL F 85 -32.95 -21.90 12.85
C VAL F 85 -32.81 -21.35 14.25
N THR F 86 -32.21 -22.12 15.16
CA THR F 86 -32.11 -21.71 16.55
C THR F 86 -30.79 -21.00 16.81
N LYS F 87 -30.86 -19.83 17.45
CA LYS F 87 -29.68 -19.03 17.76
C LYS F 87 -29.11 -19.42 19.11
N ILE F 88 -27.79 -19.62 19.16
CA ILE F 88 -27.12 -20.08 20.35
C ILE F 88 -25.88 -19.22 20.61
N PRO F 89 -25.77 -18.57 21.77
CA PRO F 89 -24.57 -17.79 22.08
C PRO F 89 -23.32 -18.65 22.07
N VAL F 90 -22.26 -18.11 21.48
CA VAL F 90 -21.00 -18.85 21.34
C VAL F 90 -20.21 -18.60 22.62
N ASN F 91 -20.52 -19.43 23.64
CA ASN F 91 -19.66 -19.61 24.80
C ASN F 91 -19.57 -21.11 25.08
N ALA F 92 -18.97 -21.51 26.21
CA ALA F 92 -18.71 -22.92 26.44
C ALA F 92 -19.99 -23.76 26.40
N GLN F 93 -21.00 -23.34 27.16
CA GLN F 93 -22.24 -24.11 27.14
C GLN F 93 -22.90 -24.05 25.77
N GLY F 94 -22.87 -22.88 25.12
CA GLY F 94 -23.38 -22.78 23.77
C GLY F 94 -22.71 -23.74 22.80
N LEU F 95 -21.37 -23.84 22.88
CA LEU F 95 -20.64 -24.71 21.97
C LEU F 95 -21.00 -26.17 22.17
N ILE F 96 -21.24 -26.58 23.42
CA ILE F 96 -21.73 -27.93 23.70
C ILE F 96 -23.09 -28.16 23.08
N ALA F 97 -23.98 -27.16 23.16
CA ALA F 97 -25.29 -27.31 22.54
C ALA F 97 -25.15 -27.43 21.02
N ILE F 98 -24.31 -26.59 20.41
CA ILE F 98 -24.15 -26.59 18.96
C ILE F 98 -23.66 -27.96 18.48
N LYS F 99 -22.71 -28.57 19.20
CA LYS F 99 -22.18 -29.86 18.77
C LYS F 99 -23.25 -30.94 18.85
N GLU F 100 -24.02 -30.97 19.93
CA GLU F 100 -25.08 -31.97 20.04
C GLU F 100 -26.15 -31.77 18.99
N LEU F 101 -26.56 -30.51 18.78
CA LEU F 101 -27.61 -30.23 17.81
C LEU F 101 -27.16 -30.56 16.39
N THR F 102 -25.91 -30.25 16.06
CA THR F 102 -25.37 -30.58 14.75
C THR F 102 -25.36 -32.09 14.52
N GLN F 103 -25.04 -32.86 15.57
CA GLN F 103 -25.07 -34.31 15.47
C GLN F 103 -26.49 -34.84 15.25
N GLN F 104 -27.50 -34.15 15.78
CA GLN F 104 -28.89 -34.53 15.58
C GLN F 104 -29.47 -33.95 14.29
N GLY F 105 -28.65 -33.30 13.47
CA GLY F 105 -29.10 -32.75 12.21
C GLY F 105 -30.02 -31.56 12.32
N ILE F 106 -29.78 -30.69 13.29
CA ILE F 106 -30.63 -29.53 13.55
C ILE F 106 -29.82 -28.28 13.25
N PRO F 107 -30.31 -27.38 12.40
CA PRO F 107 -29.50 -26.21 12.02
C PRO F 107 -29.43 -25.21 13.17
N THR F 108 -28.26 -24.58 13.31
CA THR F 108 -28.07 -23.61 14.39
C THR F 108 -27.35 -22.37 13.86
N LEU F 109 -27.41 -21.32 14.67
CA LEU F 109 -26.70 -20.08 14.43
C LEU F 109 -25.93 -19.73 15.68
N GLY F 110 -24.64 -19.46 15.53
CA GLY F 110 -23.84 -19.07 16.67
C GLY F 110 -23.84 -17.56 16.81
N THR F 111 -24.48 -17.04 17.86
CA THR F 111 -24.73 -15.61 17.99
C THR F 111 -23.85 -14.99 19.08
N ALA F 112 -24.01 -13.68 19.26
CA ALA F 112 -23.27 -12.92 20.26
C ALA F 112 -21.76 -13.04 20.03
N VAL F 113 -21.35 -12.94 18.78
CA VAL F 113 -19.95 -13.12 18.41
C VAL F 113 -19.28 -11.74 18.37
N TYR F 114 -18.25 -11.57 19.20
CA TYR F 114 -17.49 -10.33 19.29
C TYR F 114 -16.08 -10.49 18.77
N GLY F 115 -15.68 -11.70 18.36
CA GLY F 115 -14.32 -11.95 17.91
C GLY F 115 -14.31 -12.99 16.82
N ALA F 116 -13.33 -12.88 15.92
CA ALA F 116 -13.28 -13.78 14.77
C ALA F 116 -12.97 -15.21 15.19
N GLY F 117 -12.02 -15.38 16.14
CA GLY F 117 -11.74 -16.71 16.64
C GLY F 117 -12.96 -17.38 17.24
N GLN F 118 -13.71 -16.63 18.05
CA GLN F 118 -14.91 -17.14 18.70
C GLN F 118 -15.94 -17.61 17.67
N GLY F 119 -16.25 -16.77 16.68
CA GLY F 119 -17.16 -17.19 15.62
C GLY F 119 -16.64 -18.38 14.82
N PHE F 120 -15.33 -18.43 14.60
CA PHE F 120 -14.78 -19.54 13.83
C PHE F 120 -14.97 -20.87 14.56
N LEU F 121 -14.81 -20.87 15.88
CA LEU F 121 -15.07 -22.07 16.66
C LEU F 121 -16.50 -22.57 16.48
N ALA F 122 -17.47 -21.65 16.46
CA ALA F 122 -18.86 -22.06 16.26
C ALA F 122 -19.04 -22.73 14.89
N ALA F 123 -18.38 -22.20 13.85
CA ALA F 123 -18.48 -22.81 12.53
C ALA F 123 -17.88 -24.21 12.53
N LEU F 124 -16.68 -24.37 13.11
CA LEU F 124 -16.11 -25.70 13.24
C LEU F 124 -17.02 -26.63 14.03
N ALA F 125 -17.71 -26.09 15.04
CA ALA F 125 -18.58 -26.94 15.84
C ALA F 125 -19.81 -27.38 15.07
N GLY F 126 -20.12 -26.75 13.95
CA GLY F 126 -21.28 -27.13 13.15
C GLY F 126 -22.31 -26.04 12.89
N ALA F 127 -22.20 -24.84 13.45
CA ALA F 127 -23.20 -23.80 13.19
C ALA F 127 -23.15 -23.36 11.74
N LYS F 128 -24.30 -23.41 11.07
CA LYS F 128 -24.38 -22.95 9.68
C LYS F 128 -24.18 -21.45 9.58
N TYR F 129 -24.73 -20.70 10.53
CA TYR F 129 -24.71 -19.25 10.55
C TYR F 129 -23.89 -18.77 11.73
N ILE F 130 -23.10 -17.71 11.52
CA ILE F 130 -22.34 -17.05 12.57
C ILE F 130 -22.72 -15.58 12.55
N ALA F 131 -23.16 -15.05 13.69
CA ALA F 131 -23.70 -13.69 13.78
C ALA F 131 -22.81 -12.82 14.66
N PRO F 132 -21.87 -12.09 14.08
CA PRO F 132 -21.16 -11.08 14.87
C PRO F 132 -22.08 -9.91 15.17
N TYR F 133 -21.92 -9.33 16.37
CA TYR F 133 -22.67 -8.14 16.76
C TYR F 133 -21.88 -6.91 16.32
N VAL F 134 -22.08 -6.56 15.06
CA VAL F 134 -21.24 -5.58 14.38
C VAL F 134 -21.19 -4.27 15.16
N ASN F 135 -22.37 -3.72 15.49
CA ASN F 135 -22.40 -2.43 16.15
C ASN F 135 -21.90 -2.51 17.57
N ARG F 136 -22.15 -3.62 18.27
CA ARG F 136 -21.63 -3.77 19.62
C ARG F 136 -20.10 -3.76 19.63
N ILE F 137 -19.47 -4.36 18.61
CA ILE F 137 -18.00 -4.33 18.51
C ILE F 137 -17.49 -2.89 18.36
N ASP F 138 -18.15 -2.09 17.51
CA ASP F 138 -17.80 -0.68 17.39
C ASP F 138 -18.09 0.08 18.68
N ALA F 139 -19.13 -0.32 19.42
CA ALA F 139 -19.54 0.45 20.60
C ALA F 139 -18.58 0.33 21.77
N GLN F 140 -17.80 -0.75 21.85
CA GLN F 140 -16.86 -0.95 22.95
C GLN F 140 -15.42 -0.83 22.47
N GLY F 141 -15.17 0.12 21.58
CA GLY F 141 -13.81 0.47 21.24
C GLY F 141 -13.13 -0.42 20.25
N GLY F 142 -13.87 -1.25 19.52
CA GLY F 142 -13.30 -2.13 18.53
C GLY F 142 -13.38 -1.53 17.14
N ASN F 143 -13.18 -2.39 16.15
CA ASN F 143 -13.30 -2.00 14.75
C ASN F 143 -14.08 -3.12 14.09
N SER F 144 -15.39 -2.90 13.91
CA SER F 144 -16.25 -3.98 13.44
C SER F 144 -15.86 -4.41 12.03
N LYS F 145 -15.44 -3.45 11.19
CA LYS F 145 -15.02 -3.79 9.83
C LYS F 145 -13.87 -4.78 9.83
N ASP F 146 -12.86 -4.56 10.69
CA ASP F 146 -11.73 -5.49 10.77
C ASP F 146 -12.16 -6.87 11.24
N THR F 147 -13.00 -6.92 12.28
CA THR F 147 -13.41 -8.20 12.84
C THR F 147 -14.25 -9.01 11.86
N VAL F 148 -15.14 -8.37 11.12
CA VAL F 148 -15.97 -9.11 10.16
C VAL F 148 -15.12 -9.58 8.97
N LEU F 149 -14.20 -8.75 8.49
CA LEU F 149 -13.29 -9.19 7.42
C LEU F 149 -12.49 -10.41 7.84
N GLU F 150 -11.99 -10.43 9.08
CA GLU F 150 -11.28 -11.60 9.60
C GLU F 150 -12.19 -12.82 9.71
N LEU F 151 -13.39 -12.65 10.27
CA LEU F 151 -14.33 -13.79 10.37
C LEU F 151 -14.66 -14.36 8.99
N GLN F 152 -14.99 -13.48 8.04
CA GLN F 152 -15.34 -13.96 6.70
C GLN F 152 -14.18 -14.70 6.06
N LYS F 153 -12.95 -14.20 6.25
CA LYS F 153 -11.78 -14.84 5.65
C LYS F 153 -11.58 -16.24 6.22
N LEU F 154 -11.76 -16.40 7.52
CA LEU F 154 -11.66 -17.73 8.11
C LEU F 154 -12.67 -18.68 7.50
N LEU F 155 -13.92 -18.25 7.34
CA LEU F 155 -14.91 -19.14 6.75
C LEU F 155 -14.56 -19.47 5.30
N ASP F 156 -14.09 -18.48 4.54
CA ASP F 156 -13.70 -18.74 3.16
C ASP F 156 -12.51 -19.70 3.09
N LEU F 157 -11.54 -19.54 3.99
CA LEU F 157 -10.37 -20.42 3.98
C LEU F 157 -10.70 -21.82 4.47
N HIS F 158 -11.53 -21.94 5.51
CA HIS F 158 -11.53 -23.16 6.29
C HIS F 158 -12.90 -23.80 6.51
N CYS F 159 -14.01 -23.11 6.24
CA CYS F 159 -15.35 -23.63 6.54
CA CYS F 159 -15.35 -23.62 6.54
C CYS F 159 -16.32 -23.13 5.48
N PRO F 160 -16.25 -23.67 4.26
CA PRO F 160 -17.13 -23.19 3.20
C PRO F 160 -18.62 -23.48 3.43
N GLN F 161 -18.96 -24.46 4.29
CA GLN F 161 -20.36 -24.77 4.55
C GLN F 161 -21.05 -23.78 5.49
N SER F 162 -20.31 -22.86 6.09
CA SER F 162 -20.90 -21.89 7.02
C SER F 162 -20.87 -20.52 6.38
N LEU F 163 -21.73 -19.63 6.89
CA LEU F 163 -21.74 -18.26 6.41
C LEU F 163 -21.91 -17.31 7.58
N VAL F 164 -21.49 -16.07 7.34
CA VAL F 164 -21.70 -14.99 8.30
C VAL F 164 -23.12 -14.45 8.10
N LEU F 165 -23.85 -14.28 9.20
CA LEU F 165 -25.11 -13.54 9.18
C LEU F 165 -24.84 -12.26 9.97
N ALA F 166 -24.40 -11.21 9.29
CA ALA F 166 -24.07 -9.96 9.99
C ALA F 166 -25.30 -9.37 10.66
N ALA F 167 -25.13 -8.92 11.90
CA ALA F 167 -26.25 -8.40 12.69
C ALA F 167 -25.79 -7.20 13.52
N SER F 168 -26.78 -6.47 14.06
CA SER F 168 -26.57 -5.36 14.98
C SER F 168 -25.99 -4.14 14.25
N PHE F 169 -26.86 -3.22 13.85
CA PHE F 169 -26.45 -2.10 13.00
C PHE F 169 -27.04 -0.80 13.52
N ARG F 170 -26.24 0.26 13.44
CA ARG F 170 -26.73 1.62 13.62
C ARG F 170 -26.65 2.45 12.36
N THR F 171 -25.77 2.12 11.41
CA THR F 171 -25.65 2.91 10.20
C THR F 171 -25.64 2.01 8.98
N PRO F 172 -26.08 2.52 7.82
CA PRO F 172 -25.95 1.72 6.59
C PRO F 172 -24.51 1.48 6.17
N ARG F 173 -23.55 2.29 6.65
CA ARG F 173 -22.15 2.05 6.31
C ARG F 173 -21.64 0.75 6.93
N GLN F 174 -22.07 0.45 8.16
CA GLN F 174 -21.73 -0.83 8.79
C GLN F 174 -22.30 -2.00 7.99
N ALA F 175 -23.57 -1.90 7.61
CA ALA F 175 -24.19 -2.98 6.85
C ALA F 175 -23.50 -3.16 5.49
N LEU F 176 -23.21 -2.06 4.79
CA LEU F 176 -22.60 -2.17 3.48
C LEU F 176 -21.20 -2.79 3.57
N ASP F 177 -20.40 -2.33 4.52
CA ASP F 177 -19.08 -2.89 4.70
C ASP F 177 -19.12 -4.39 4.96
N CYS F 178 -20.14 -4.89 5.65
CA CYS F 178 -20.26 -6.33 5.86
C CYS F 178 -20.47 -7.09 4.55
N ILE F 179 -21.40 -6.62 3.70
CA ILE F 179 -21.63 -7.39 2.48
C ILE F 179 -20.48 -7.20 1.50
N LEU F 180 -19.76 -6.06 1.58
CA LEU F 180 -18.55 -5.90 0.80
C LEU F 180 -17.47 -6.85 1.26
N ALA F 181 -17.48 -7.25 2.54
CA ALA F 181 -16.49 -8.20 3.03
C ALA F 181 -16.78 -9.61 2.54
N GLY F 182 -18.00 -9.86 2.05
CA GLY F 182 -18.38 -11.15 1.53
C GLY F 182 -19.42 -11.88 2.36
N CYS F 183 -19.95 -11.27 3.42
CA CYS F 183 -21.01 -11.92 4.19
C CYS F 183 -22.18 -12.27 3.28
N LYS F 184 -22.61 -13.53 3.34
CA LYS F 184 -23.67 -14.04 2.47
C LYS F 184 -25.07 -13.84 3.05
N SER F 185 -25.17 -13.35 4.28
CA SER F 185 -26.47 -13.02 4.83
C SER F 185 -26.31 -11.90 5.84
N ILE F 186 -27.39 -11.15 6.02
CA ILE F 186 -27.36 -9.97 6.86
C ILE F 186 -28.80 -9.73 7.35
N THR F 187 -28.92 -9.26 8.59
CA THR F 187 -30.25 -8.94 9.12
C THR F 187 -30.25 -7.48 9.56
N LEU F 188 -31.22 -6.72 9.04
CA LEU F 188 -31.23 -5.28 9.21
C LEU F 188 -32.35 -4.87 10.15
N PRO F 189 -32.10 -3.96 11.10
CA PRO F 189 -33.20 -3.34 11.84
C PRO F 189 -33.98 -2.43 10.91
N VAL F 190 -35.15 -1.99 11.38
CA VAL F 190 -36.08 -1.26 10.51
C VAL F 190 -35.44 0.06 10.07
N ASP F 191 -34.83 0.81 11.00
CA ASP F 191 -34.39 2.15 10.64
C ASP F 191 -33.26 2.11 9.61
N VAL F 192 -32.36 1.13 9.72
CA VAL F 192 -31.25 1.04 8.76
C VAL F 192 -31.76 0.60 7.39
N ALA F 193 -32.67 -0.38 7.36
CA ALA F 193 -33.25 -0.80 6.09
C ALA F 193 -33.90 0.37 5.38
N GLU F 194 -34.65 1.19 6.11
CA GLU F 194 -35.34 2.33 5.49
C GLU F 194 -34.35 3.34 4.91
N LEU F 195 -33.16 3.46 5.51
CA LEU F 195 -32.20 4.47 5.04
C LEU F 195 -31.66 4.08 3.67
N PHE F 196 -31.48 2.78 3.41
CA PHE F 196 -31.00 2.35 2.09
C PHE F 196 -31.93 2.78 0.97
N ILE F 197 -33.20 3.04 1.24
CA ILE F 197 -34.15 3.35 0.18
C ILE F 197 -34.77 4.73 0.35
N SER F 198 -34.15 5.63 1.11
CA SER F 198 -34.69 6.96 1.34
C SER F 198 -33.59 8.02 1.21
N ASP F 199 -33.01 8.12 0.02
CA ASP F 199 -32.00 9.13 -0.26
C ASP F 199 -32.66 10.37 -0.84
N PRO F 200 -32.52 11.54 -0.21
CA PRO F 200 -33.15 12.75 -0.78
C PRO F 200 -32.61 13.11 -2.16
N ALA F 201 -31.43 12.64 -2.54
CA ALA F 201 -30.95 12.87 -3.89
C ALA F 201 -31.82 12.13 -4.91
N VAL F 202 -32.31 10.94 -4.53
CA VAL F 202 -33.16 10.17 -5.44
C VAL F 202 -34.47 10.91 -5.66
N ASP F 203 -35.08 11.40 -4.57
CA ASP F 203 -36.31 12.19 -4.69
C ASP F 203 -36.11 13.40 -5.58
N ALA F 204 -34.96 14.07 -5.44
CA ALA F 204 -34.73 15.30 -6.19
C ALA F 204 -34.61 15.02 -7.68
N VAL F 205 -33.92 13.95 -8.06
CA VAL F 205 -33.75 13.72 -9.49
C VAL F 205 -35.05 13.19 -10.11
N ILE F 206 -35.86 12.46 -9.33
CA ILE F 206 -37.18 12.05 -9.83
C ILE F 206 -38.07 13.27 -10.03
N THR F 207 -38.04 14.20 -9.07
CA THR F 207 -38.78 15.45 -9.22
C THR F 207 -38.37 16.18 -10.49
N LYS F 208 -37.07 16.22 -10.77
CA LYS F 208 -36.60 16.92 -11.98
C LYS F 208 -37.03 16.19 -13.24
N PHE F 209 -36.97 14.85 -13.23
CA PHE F 209 -37.50 14.08 -14.36
C PHE F 209 -38.94 14.44 -14.62
N ASP F 210 -39.78 14.42 -13.57
CA ASP F 210 -41.20 14.70 -13.75
C ASP F 210 -41.44 16.14 -14.17
N GLN F 211 -40.64 17.08 -13.65
CA GLN F 211 -40.76 18.48 -14.04
C GLN F 211 -40.45 18.67 -15.52
N ASP F 212 -39.38 18.04 -16.00
CA ASP F 212 -39.07 18.13 -17.42
C ASP F 212 -40.17 17.51 -18.27
N TRP F 213 -40.70 16.35 -17.84
CA TRP F 213 -41.69 15.66 -18.65
C TRP F 213 -42.95 16.50 -18.82
N CYS F 214 -43.41 17.10 -17.73
CA CYS F 214 -44.66 17.84 -17.79
C CYS F 214 -44.50 19.13 -18.59
N ASN F 215 -43.38 19.85 -18.39
CA ASN F 215 -43.14 21.09 -19.12
C ASN F 215 -43.09 20.89 -20.62
N ALA F 216 -42.92 19.64 -21.08
CA ALA F 216 -42.97 19.32 -22.49
C ALA F 216 -44.23 18.59 -22.93
N PHE F 217 -44.96 17.96 -22.02
CA PHE F 217 -46.07 17.11 -22.42
C PHE F 217 -47.36 17.32 -21.62
N GLY F 218 -47.32 17.92 -20.44
CA GLY F 218 -48.52 18.08 -19.64
C GLY F 218 -48.64 17.09 -18.50
N THR F 219 -49.56 16.14 -18.63
CA THR F 219 -49.72 15.15 -17.57
C THR F 219 -48.60 14.09 -17.64
N LEU F 220 -48.36 13.46 -16.50
CA LEU F 220 -47.33 12.44 -16.36
C LEU F 220 -47.82 11.11 -16.94
N SER F 221 -48.09 11.10 -18.25
CA SER F 221 -48.57 9.90 -18.92
C SER F 221 -47.88 9.73 -20.27
N PHE F 222 -47.83 8.49 -20.74
CA PHE F 222 -47.26 8.20 -22.06
C PHE F 222 -48.26 8.67 -23.12
N GLY G 2 -2.52 29.80 2.50
CA GLY G 2 -3.51 30.63 1.82
C GLY G 2 -4.03 30.00 0.54
N MET G 3 -5.22 30.42 0.11
CA MET G 3 -5.88 29.87 -1.07
C MET G 3 -6.47 31.01 -1.88
N GLU G 4 -6.43 30.88 -3.20
CA GLU G 4 -6.99 31.88 -4.11
C GLU G 4 -8.03 31.23 -5.00
N LEU G 5 -9.28 31.66 -4.88
CA LEU G 5 -10.38 31.11 -5.66
C LEU G 5 -10.83 32.13 -6.69
N TYR G 6 -10.84 31.73 -7.96
CA TYR G 6 -11.23 32.58 -9.07
C TYR G 6 -12.42 31.99 -9.81
N LEU G 7 -13.15 32.86 -10.50
CA LEU G 7 -14.19 32.46 -11.44
C LEU G 7 -13.63 32.49 -12.86
N ASP G 8 -13.92 31.45 -13.63
CA ASP G 8 -13.45 31.30 -15.00
C ASP G 8 -14.62 31.56 -15.94
N THR G 9 -14.87 32.84 -16.24
CA THR G 9 -16.05 33.21 -17.01
C THR G 9 -15.95 34.68 -17.40
N ALA G 10 -16.72 35.06 -18.41
CA ALA G 10 -16.87 36.45 -18.79
C ALA G 10 -18.30 36.94 -18.59
N ASP G 11 -19.16 36.10 -18.03
CA ASP G 11 -20.56 36.44 -17.80
C ASP G 11 -20.66 37.42 -16.64
N ILE G 12 -20.89 38.70 -16.95
CA ILE G 12 -20.92 39.74 -15.92
C ILE G 12 -22.06 39.48 -14.93
N VAL G 13 -23.21 39.05 -15.44
CA VAL G 13 -24.33 38.79 -14.54
C VAL G 13 -23.98 37.65 -13.58
N ALA G 14 -23.38 36.59 -14.10
CA ALA G 14 -23.00 35.47 -13.23
C ALA G 14 -21.89 35.88 -12.25
N ILE G 15 -20.99 36.76 -12.68
CA ILE G 15 -19.87 37.16 -11.82
C ILE G 15 -20.38 37.95 -10.63
N LYS G 16 -21.31 38.88 -10.85
CA LYS G 16 -21.77 39.71 -9.74
C LYS G 16 -22.62 38.91 -8.78
N ARG G 17 -23.37 37.93 -9.28
CA ARG G 17 -24.15 37.07 -8.39
C ARG G 17 -23.24 36.19 -7.54
N LEU G 18 -22.24 35.54 -8.17
CA LEU G 18 -21.40 34.62 -7.43
C LEU G 18 -20.38 35.32 -6.55
N ALA G 19 -19.94 36.53 -6.93
CA ALA G 19 -19.00 37.28 -6.08
C ALA G 19 -19.62 37.61 -4.73
N LYS G 20 -20.95 37.81 -4.69
CA LYS G 20 -21.61 38.07 -3.42
C LYS G 20 -21.66 36.83 -2.54
N VAL G 21 -21.75 35.64 -3.14
CA VAL G 21 -21.86 34.39 -2.39
C VAL G 21 -20.50 33.83 -2.01
N LEU G 22 -19.63 33.72 -2.98
CA LEU G 22 -18.40 32.98 -2.83
C LEU G 22 -17.26 33.90 -2.42
N PRO G 23 -16.29 33.37 -1.68
CA PRO G 23 -15.10 34.19 -1.30
C PRO G 23 -14.05 34.22 -2.40
N ILE G 24 -14.35 34.91 -3.50
CA ILE G 24 -13.49 34.86 -4.68
C ILE G 24 -12.43 35.95 -4.61
N SER G 25 -11.30 35.70 -5.28
CA SER G 25 -10.20 36.64 -5.35
C SER G 25 -10.12 37.36 -6.69
N GLY G 26 -10.95 37.00 -7.66
CA GLY G 26 -10.89 37.62 -8.96
C GLY G 26 -11.46 36.70 -10.03
N VAL G 27 -11.12 37.01 -11.27
CA VAL G 27 -11.70 36.35 -12.45
C VAL G 27 -10.58 36.04 -13.45
N THR G 28 -10.56 34.81 -13.97
CA THR G 28 -9.68 34.44 -15.06
C THR G 28 -10.48 34.39 -16.36
N THR G 29 -9.82 34.78 -17.46
CA THR G 29 -10.40 34.66 -18.79
C THR G 29 -9.43 33.95 -19.72
N ASN G 30 -9.95 33.47 -20.84
CA ASN G 30 -9.11 32.95 -21.92
C ASN G 30 -9.75 33.40 -23.24
N PRO G 31 -9.10 33.20 -24.40
CA PRO G 31 -9.70 33.71 -25.65
C PRO G 31 -11.09 33.20 -25.92
N SER G 32 -11.37 31.92 -25.69
CA SER G 32 -12.72 31.40 -25.95
C SER G 32 -13.74 32.05 -25.02
N ILE G 33 -13.38 32.28 -23.76
CA ILE G 33 -14.32 32.85 -22.80
C ILE G 33 -14.68 34.27 -23.21
N VAL G 34 -13.70 35.06 -23.62
CA VAL G 34 -13.98 36.40 -24.13
C VAL G 34 -14.81 36.33 -25.41
N ALA G 35 -14.52 35.33 -26.26
CA ALA G 35 -15.22 35.25 -27.55
C ALA G 35 -16.70 34.96 -27.35
N LYS G 36 -17.04 34.12 -26.38
CA LYS G 36 -18.44 33.83 -26.10
C LYS G 36 -19.18 35.07 -25.62
N SER G 37 -18.51 35.94 -24.85
CA SER G 37 -19.15 37.12 -24.30
C SER G 37 -19.46 38.16 -25.37
N GLY G 38 -18.74 38.13 -26.48
CA GLY G 38 -18.90 39.10 -27.54
C GLY G 38 -18.39 40.49 -27.22
N LYS G 39 -17.75 40.69 -26.07
CA LYS G 39 -17.35 42.06 -25.87
C LYS G 39 -15.87 42.25 -26.18
N PRO G 40 -15.48 43.38 -26.78
CA PRO G 40 -14.06 43.68 -26.94
C PRO G 40 -13.35 43.68 -25.59
N ILE G 41 -12.11 43.21 -25.60
CA ILE G 41 -11.46 42.81 -24.35
C ILE G 41 -11.23 44.01 -23.44
N PHE G 42 -10.95 45.18 -24.01
CA PHE G 42 -10.71 46.37 -23.19
C PHE G 42 -12.01 46.88 -22.58
N LEU G 43 -13.14 46.71 -23.28
CA LEU G 43 -14.44 46.99 -22.66
C LEU G 43 -14.71 46.00 -21.54
N LEU G 44 -14.57 44.71 -21.83
CA LEU G 44 -14.82 43.68 -20.82
C LEU G 44 -13.91 43.85 -19.61
N LEU G 45 -12.64 44.23 -19.83
CA LEU G 45 -11.77 44.47 -18.69
C LEU G 45 -12.25 45.63 -17.85
N ASN G 46 -12.81 46.67 -18.48
CA ASN G 46 -13.34 47.78 -17.70
C ASN G 46 -14.57 47.37 -16.90
N GLU G 47 -15.49 46.64 -17.52
CA GLU G 47 -16.64 46.12 -16.79
C GLU G 47 -16.19 45.23 -15.63
N LEU G 48 -15.24 44.32 -15.89
CA LEU G 48 -14.77 43.42 -14.85
C LEU G 48 -14.20 44.17 -13.66
N GLN G 49 -13.57 45.33 -13.88
CA GLN G 49 -13.05 46.10 -12.76
C GLN G 49 -14.18 46.78 -11.98
N GLU G 50 -15.17 47.33 -12.69
CA GLU G 50 -16.29 47.98 -12.00
C GLU G 50 -17.08 46.98 -11.17
N VAL G 51 -17.30 45.78 -11.69
CA VAL G 51 -18.09 44.79 -10.97
C VAL G 51 -17.33 44.25 -9.76
N LEU G 52 -16.02 44.02 -9.91
CA LEU G 52 -15.23 43.36 -8.88
C LEU G 52 -14.67 44.32 -7.84
N GLY G 53 -14.25 45.52 -8.25
CA GLY G 53 -13.61 46.44 -7.34
C GLY G 53 -12.09 46.34 -7.39
N SER G 54 -11.46 47.27 -6.67
CA SER G 54 -10.02 47.48 -6.81
C SER G 54 -9.20 46.36 -6.17
N ASP G 55 -9.78 45.59 -5.25
CA ASP G 55 -8.98 44.63 -4.48
C ASP G 55 -8.80 43.29 -5.18
N LYS G 56 -9.55 43.01 -6.24
CA LYS G 56 -9.51 41.70 -6.87
C LYS G 56 -8.36 41.62 -7.89
N LEU G 57 -8.20 40.44 -8.48
CA LEU G 57 -7.13 40.18 -9.43
C LEU G 57 -7.72 39.61 -10.72
N LEU G 58 -7.28 40.14 -11.86
CA LEU G 58 -7.71 39.66 -13.17
C LEU G 58 -6.58 38.92 -13.89
N PHE G 59 -6.96 37.99 -14.76
CA PHE G 59 -6.05 37.23 -15.61
C PHE G 59 -6.54 37.28 -17.05
N ALA G 60 -5.64 37.48 -18.00
CA ALA G 60 -6.02 37.51 -19.41
C ALA G 60 -4.88 36.98 -20.28
N GLN G 61 -5.25 36.44 -21.44
CA GLN G 61 -4.34 35.64 -22.27
C GLN G 61 -3.93 36.40 -23.53
N VAL G 62 -2.62 36.35 -23.83
CA VAL G 62 -2.13 36.86 -25.09
C VAL G 62 -2.70 36.04 -26.23
N LEU G 63 -2.60 36.59 -27.44
CA LEU G 63 -3.20 36.00 -28.63
C LEU G 63 -2.18 35.42 -29.60
N SER G 64 -1.03 36.08 -29.73
CA SER G 64 -0.07 35.78 -30.79
C SER G 64 0.64 34.45 -30.55
N SER G 65 1.40 34.04 -31.57
CA SER G 65 2.27 32.88 -31.47
C SER G 65 3.75 33.22 -31.43
N ASN G 66 4.10 34.49 -31.64
CA ASN G 66 5.48 34.96 -31.59
C ASN G 66 5.75 35.60 -30.24
N ALA G 67 6.89 35.27 -29.64
CA ALA G 67 7.23 35.83 -28.35
C ALA G 67 7.20 37.36 -28.38
N ASP G 68 7.68 37.95 -29.47
CA ASP G 68 7.68 39.41 -29.59
C ASP G 68 6.28 39.99 -29.51
N GLU G 69 5.34 39.41 -30.27
CA GLU G 69 3.98 39.94 -30.28
C GLU G 69 3.22 39.58 -29.00
N MET G 70 3.48 38.39 -28.44
CA MET G 70 2.97 38.07 -27.10
C MET G 70 3.40 39.13 -26.10
N ILE G 71 4.65 39.57 -26.21
CA ILE G 71 5.17 40.56 -25.27
C ILE G 71 4.52 41.91 -25.49
N LYS G 72 4.26 42.26 -26.76
CA LYS G 72 3.50 43.47 -27.03
C LYS G 72 2.12 43.40 -26.42
N GLU G 73 1.42 42.29 -26.65
CA GLU G 73 0.06 42.15 -26.14
C GLU G 73 0.04 42.16 -24.61
N THR G 74 1.12 41.71 -23.96
CA THR G 74 1.22 41.80 -22.50
C THR G 74 1.21 43.26 -22.05
N TYR G 75 1.92 44.14 -22.76
CA TYR G 75 1.98 45.54 -22.38
C TYR G 75 0.66 46.26 -22.63
N GLN G 76 -0.07 45.86 -23.67
CA GLN G 76 -1.41 46.40 -23.88
C GLN G 76 -2.30 46.09 -22.69
N LEU G 77 -2.27 44.83 -22.21
CA LEU G 77 -3.11 44.46 -21.08
C LEU G 77 -2.70 45.19 -19.81
N ARG G 78 -1.39 45.30 -19.56
CA ARG G 78 -0.92 46.01 -18.37
C ARG G 78 -1.27 47.49 -18.44
N LYS G 79 -1.34 48.06 -19.65
CA LYS G 79 -1.73 49.46 -19.78
C LYS G 79 -3.17 49.67 -19.33
N ALA G 80 -4.07 48.74 -19.66
CA ALA G 80 -5.47 48.85 -19.25
C ALA G 80 -5.65 48.50 -17.78
N VAL G 81 -5.12 47.36 -17.36
CA VAL G 81 -5.20 46.90 -15.98
C VAL G 81 -3.78 46.74 -15.46
N PRO G 82 -3.26 47.76 -14.77
CA PRO G 82 -1.86 47.69 -14.28
C PRO G 82 -1.51 46.44 -13.48
N SER G 83 -2.44 45.91 -12.70
CA SER G 83 -2.15 44.77 -11.82
C SER G 83 -2.45 43.42 -12.47
N ILE G 84 -2.85 43.41 -13.75
CA ILE G 84 -3.30 42.18 -14.38
C ILE G 84 -2.15 41.17 -14.47
N VAL G 85 -2.50 39.88 -14.42
CA VAL G 85 -1.58 38.79 -14.66
C VAL G 85 -1.84 38.25 -16.06
N THR G 86 -0.80 38.20 -16.88
CA THR G 86 -0.94 37.76 -18.27
C THR G 86 -0.73 36.26 -18.37
N LYS G 87 -1.58 35.61 -19.15
CA LYS G 87 -1.52 34.18 -19.37
C LYS G 87 -0.79 33.90 -20.69
N ILE G 88 0.19 33.01 -20.63
CA ILE G 88 0.97 32.70 -21.83
C ILE G 88 1.02 31.18 -21.98
N PRO G 89 0.72 30.64 -23.15
CA PRO G 89 0.83 29.20 -23.36
C PRO G 89 2.26 28.73 -23.18
N VAL G 90 2.41 27.55 -22.56
CA VAL G 90 3.74 27.00 -22.29
C VAL G 90 4.13 26.19 -23.53
N ASN G 91 4.74 26.87 -24.49
CA ASN G 91 5.39 26.24 -25.63
C ASN G 91 6.69 27.00 -25.87
N ALA G 92 7.36 26.69 -26.99
CA ALA G 92 8.65 27.29 -27.28
C ALA G 92 8.59 28.81 -27.23
N GLN G 93 7.69 29.42 -28.01
CA GLN G 93 7.60 30.87 -28.02
C GLN G 93 7.06 31.40 -26.70
N GLY G 94 6.17 30.65 -26.05
CA GLY G 94 5.69 31.06 -24.74
C GLY G 94 6.81 31.20 -23.71
N LEU G 95 7.73 30.23 -23.69
CA LEU G 95 8.80 30.28 -22.69
C LEU G 95 9.77 31.43 -22.95
N ILE G 96 9.92 31.84 -24.22
CA ILE G 96 10.74 33.01 -24.52
C ILE G 96 10.12 34.25 -23.89
N ALA G 97 8.79 34.41 -24.06
CA ALA G 97 8.08 35.55 -23.47
C ALA G 97 8.16 35.54 -21.95
N ILE G 98 7.97 34.37 -21.33
CA ILE G 98 7.97 34.32 -19.87
C ILE G 98 9.34 34.69 -19.32
N LYS G 99 10.40 34.23 -19.99
CA LYS G 99 11.76 34.55 -19.56
C LYS G 99 12.02 36.05 -19.64
N GLU G 100 11.53 36.70 -20.69
CA GLU G 100 11.75 38.15 -20.82
C GLU G 100 10.91 38.92 -19.82
N LEU G 101 9.63 38.56 -19.68
CA LEU G 101 8.75 39.28 -18.77
C LEU G 101 9.20 39.13 -17.32
N THR G 102 9.72 37.95 -16.95
CA THR G 102 10.23 37.75 -15.59
C THR G 102 11.42 38.66 -15.31
N GLN G 103 12.34 38.80 -16.27
CA GLN G 103 13.47 39.69 -16.09
C GLN G 103 13.06 41.15 -15.94
N GLN G 104 11.89 41.51 -16.43
CA GLN G 104 11.33 42.85 -16.25
C GLN G 104 10.45 42.96 -15.00
N GLY G 105 10.36 41.90 -14.20
CA GLY G 105 9.51 41.92 -13.03
C GLY G 105 8.03 41.91 -13.31
N ILE G 106 7.61 41.39 -14.46
CA ILE G 106 6.19 41.31 -14.77
C ILE G 106 5.68 39.93 -14.35
N PRO G 107 4.53 39.84 -13.69
CA PRO G 107 4.01 38.53 -13.30
C PRO G 107 3.26 37.87 -14.44
N THR G 108 3.45 36.55 -14.57
CA THR G 108 2.82 35.80 -15.65
C THR G 108 2.22 34.49 -15.13
N LEU G 109 1.33 33.94 -15.93
CA LEU G 109 0.77 32.61 -15.73
C LEU G 109 1.07 31.79 -16.97
N GLY G 110 1.69 30.63 -16.78
CA GLY G 110 1.92 29.71 -17.88
C GLY G 110 0.74 28.78 -18.07
N THR G 111 0.03 28.93 -19.18
CA THR G 111 -1.24 28.25 -19.40
C THR G 111 -1.13 27.15 -20.46
N ALA G 112 -2.25 26.41 -20.62
CA ALA G 112 -2.34 25.27 -21.54
C ALA G 112 -1.35 24.16 -21.20
N VAL G 113 -1.26 23.84 -19.91
CA VAL G 113 -0.33 22.83 -19.42
C VAL G 113 -1.01 21.47 -19.42
N TYR G 114 -0.45 20.54 -20.19
CA TYR G 114 -0.95 19.17 -20.26
C TYR G 114 -0.02 18.17 -19.59
N GLY G 115 1.18 18.57 -19.19
CA GLY G 115 2.08 17.68 -18.49
C GLY G 115 2.86 18.40 -17.42
N ALA G 116 3.32 17.61 -16.44
CA ALA G 116 4.05 18.16 -15.30
C ALA G 116 5.39 18.75 -15.71
N GLY G 117 6.15 18.04 -16.55
CA GLY G 117 7.42 18.59 -17.02
C GLY G 117 7.23 19.90 -17.75
N GLN G 118 6.28 19.96 -18.67
CA GLN G 118 6.01 21.20 -19.39
C GLN G 118 5.71 22.34 -18.42
N GLY G 119 4.83 22.10 -17.44
CA GLY G 119 4.49 23.16 -16.49
C GLY G 119 5.67 23.53 -15.61
N PHE G 120 6.47 22.54 -15.23
CA PHE G 120 7.63 22.79 -14.39
C PHE G 120 8.60 23.77 -15.06
N LEU G 121 8.82 23.61 -16.36
CA LEU G 121 9.74 24.49 -17.08
C LEU G 121 9.24 25.93 -17.07
N ALA G 122 7.93 26.13 -17.14
CA ALA G 122 7.40 27.49 -17.05
C ALA G 122 7.66 28.09 -15.68
N ALA G 123 7.56 27.29 -14.63
CA ALA G 123 7.89 27.77 -13.29
C ALA G 123 9.38 28.10 -13.17
N LEU G 124 10.24 27.26 -13.73
CA LEU G 124 11.67 27.54 -13.74
C LEU G 124 11.99 28.80 -14.53
N ALA G 125 11.23 29.06 -15.60
CA ALA G 125 11.43 30.28 -16.36
C ALA G 125 10.97 31.52 -15.62
N GLY G 126 10.22 31.37 -14.53
CA GLY G 126 9.76 32.49 -13.74
C GLY G 126 8.27 32.74 -13.70
N ALA G 127 7.40 31.91 -14.30
CA ALA G 127 5.98 32.15 -14.17
C ALA G 127 5.50 31.87 -12.74
N LYS G 128 4.80 32.84 -12.16
CA LYS G 128 4.27 32.67 -10.81
C LYS G 128 3.21 31.58 -10.76
N TYR G 129 2.28 31.58 -11.71
CA TYR G 129 1.20 30.61 -11.75
C TYR G 129 1.41 29.64 -12.91
N ILE G 130 1.00 28.40 -12.70
CA ILE G 130 1.03 27.34 -13.72
C ILE G 130 -0.37 26.76 -13.79
N ALA G 131 -1.01 26.82 -14.96
CA ALA G 131 -2.39 26.38 -15.08
C ALA G 131 -2.49 25.10 -15.91
N PRO G 132 -2.56 23.93 -15.30
CA PRO G 132 -2.92 22.73 -16.04
C PRO G 132 -4.37 22.79 -16.48
N TYR G 133 -4.66 22.29 -17.67
CA TYR G 133 -6.03 22.15 -18.15
C TYR G 133 -6.54 20.79 -17.69
N VAL G 134 -7.04 20.76 -16.45
CA VAL G 134 -7.37 19.50 -15.78
C VAL G 134 -8.29 18.64 -16.63
N ASN G 135 -9.43 19.22 -17.05
CA ASN G 135 -10.42 18.42 -17.79
C ASN G 135 -9.92 17.99 -19.16
N ARG G 136 -9.12 18.83 -19.83
CA ARG G 136 -8.63 18.44 -21.14
C ARG G 136 -7.69 17.24 -21.05
N ILE G 137 -6.94 17.11 -19.94
CA ILE G 137 -6.10 15.94 -19.74
C ILE G 137 -6.96 14.69 -19.60
N ASP G 138 -8.06 14.77 -18.83
CA ASP G 138 -9.01 13.66 -18.77
C ASP G 138 -9.66 13.40 -20.12
N ALA G 139 -9.89 14.45 -20.92
CA ALA G 139 -10.62 14.30 -22.16
C ALA G 139 -9.82 13.55 -23.22
N GLN G 140 -8.49 13.60 -23.13
CA GLN G 140 -7.60 13.03 -24.11
C GLN G 140 -6.89 11.77 -23.61
N GLY G 141 -7.59 10.98 -22.81
CA GLY G 141 -7.09 9.68 -22.41
C GLY G 141 -6.04 9.69 -21.33
N GLY G 142 -5.82 10.82 -20.65
CA GLY G 142 -4.89 10.92 -19.56
C GLY G 142 -5.55 10.72 -18.21
N ASN G 143 -4.81 11.08 -17.16
CA ASN G 143 -5.32 11.03 -15.79
C ASN G 143 -4.94 12.35 -15.11
N SER G 144 -5.89 13.28 -15.08
CA SER G 144 -5.59 14.63 -14.62
C SER G 144 -5.14 14.62 -13.16
N LYS G 145 -5.74 13.77 -12.34
CA LYS G 145 -5.36 13.69 -10.94
C LYS G 145 -3.88 13.34 -10.79
N ASP G 146 -3.39 12.38 -11.58
CA ASP G 146 -1.96 12.04 -11.56
C ASP G 146 -1.11 13.23 -11.99
N THR G 147 -1.47 13.87 -13.13
CA THR G 147 -0.67 14.97 -13.65
C THR G 147 -0.60 16.13 -12.67
N VAL G 148 -1.73 16.47 -12.03
CA VAL G 148 -1.75 17.57 -11.07
C VAL G 148 -0.92 17.24 -9.84
N LEU G 149 -1.02 16.01 -9.34
CA LEU G 149 -0.17 15.57 -8.23
C LEU G 149 1.31 15.74 -8.57
N GLU G 150 1.72 15.27 -9.75
CA GLU G 150 3.13 15.39 -10.13
C GLU G 150 3.56 16.84 -10.25
N LEU G 151 2.74 17.68 -10.89
CA LEU G 151 3.09 19.08 -11.08
C LEU G 151 3.26 19.80 -9.74
N GLN G 152 2.32 19.58 -8.81
CA GLN G 152 2.39 20.20 -7.49
C GLN G 152 3.59 19.70 -6.70
N LYS G 153 3.89 18.40 -6.81
CA LYS G 153 5.07 17.87 -6.15
C LYS G 153 6.34 18.55 -6.67
N LEU G 154 6.42 18.79 -7.98
CA LEU G 154 7.58 19.48 -8.53
C LEU G 154 7.72 20.89 -7.98
N LEU G 155 6.61 21.64 -7.89
CA LEU G 155 6.70 23.00 -7.36
C LEU G 155 7.06 22.98 -5.87
N ASP G 156 6.52 22.03 -5.12
CA ASP G 156 6.89 21.91 -3.71
C ASP G 156 8.37 21.59 -3.55
N LEU G 157 8.91 20.71 -4.39
CA LEU G 157 10.30 20.30 -4.23
C LEU G 157 11.26 21.39 -4.70
N HIS G 158 10.91 22.12 -5.76
CA HIS G 158 11.89 22.87 -6.53
C HIS G 158 11.54 24.33 -6.80
N CYS G 159 10.28 24.75 -6.71
CA CYS G 159 9.89 26.11 -7.09
C CYS G 159 8.94 26.69 -6.06
N PRO G 160 9.43 27.02 -4.87
CA PRO G 160 8.54 27.53 -3.81
C PRO G 160 7.92 28.87 -4.13
N GLN G 161 8.46 29.62 -5.10
CA GLN G 161 7.88 30.90 -5.47
C GLN G 161 6.73 30.80 -6.46
N SER G 162 6.45 29.61 -7.00
CA SER G 162 5.38 29.43 -7.97
C SER G 162 4.23 28.63 -7.35
N LEU G 163 3.08 28.64 -8.02
CA LEU G 163 1.95 27.86 -7.56
C LEU G 163 1.08 27.41 -8.73
N VAL G 164 0.36 26.32 -8.53
CA VAL G 164 -0.57 25.82 -9.54
C VAL G 164 -1.87 26.60 -9.44
N LEU G 165 -2.37 27.04 -10.60
CA LEU G 165 -3.72 27.59 -10.69
C LEU G 165 -4.51 26.56 -11.50
N ALA G 166 -5.22 25.67 -10.79
CA ALA G 166 -5.93 24.58 -11.44
C ALA G 166 -7.12 25.12 -12.21
N ALA G 167 -7.28 24.66 -13.45
CA ALA G 167 -8.29 25.21 -14.35
C ALA G 167 -8.86 24.12 -15.22
N SER G 168 -10.00 24.43 -15.85
CA SER G 168 -10.69 23.56 -16.80
C SER G 168 -11.36 22.41 -16.05
N PHE G 169 -12.65 22.55 -15.75
CA PHE G 169 -13.35 21.55 -14.95
C PHE G 169 -14.73 21.27 -15.50
N ARG G 170 -15.10 19.98 -15.51
CA ARG G 170 -16.47 19.57 -15.74
C ARG G 170 -17.16 19.00 -14.50
N THR G 171 -16.42 18.57 -13.48
CA THR G 171 -17.04 18.03 -12.28
C THR G 171 -16.40 18.64 -11.03
N PRO G 172 -17.16 18.78 -9.94
CA PRO G 172 -16.54 19.21 -8.67
C PRO G 172 -15.53 18.21 -8.14
N ARG G 173 -15.61 16.94 -8.55
CA ARG G 173 -14.64 15.95 -8.12
C ARG G 173 -13.24 16.29 -8.64
N GLN G 174 -13.15 16.77 -9.88
CA GLN G 174 -11.87 17.21 -10.43
C GLN G 174 -11.32 18.38 -9.64
N ALA G 175 -12.18 19.38 -9.37
CA ALA G 175 -11.73 20.56 -8.65
C ALA G 175 -11.27 20.20 -7.24
N LEU G 176 -12.02 19.34 -6.55
CA LEU G 176 -11.66 18.96 -5.19
C LEU G 176 -10.34 18.19 -5.17
N ASP G 177 -10.14 17.29 -6.15
CA ASP G 177 -8.89 16.55 -6.19
C ASP G 177 -7.69 17.48 -6.33
N CYS G 178 -7.86 18.58 -7.08
CA CYS G 178 -6.77 19.55 -7.25
C CYS G 178 -6.42 20.23 -5.94
N ILE G 179 -7.41 20.75 -5.21
CA ILE G 179 -7.06 21.39 -3.95
C ILE G 179 -6.57 20.37 -2.92
N LEU G 180 -7.07 19.12 -2.97
CA LEU G 180 -6.51 18.09 -2.11
C LEU G 180 -5.05 17.79 -2.48
N ALA G 181 -4.69 17.96 -3.75
CA ALA G 181 -3.31 17.75 -4.17
C ALA G 181 -2.36 18.81 -3.61
N GLY G 182 -2.90 19.93 -3.10
CA GLY G 182 -2.09 21.03 -2.60
C GLY G 182 -2.13 22.29 -3.44
N CYS G 183 -2.89 22.31 -4.54
CA CYS G 183 -2.91 23.50 -5.40
C CYS G 183 -3.36 24.71 -4.60
N LYS G 184 -2.54 25.76 -4.61
CA LYS G 184 -2.84 26.95 -3.84
C LYS G 184 -3.83 27.89 -4.52
N SER G 185 -4.22 27.61 -5.76
CA SER G 185 -5.21 28.45 -6.43
C SER G 185 -5.96 27.61 -7.43
N ILE G 186 -7.17 28.07 -7.77
CA ILE G 186 -8.07 27.33 -8.64
C ILE G 186 -9.06 28.34 -9.21
N THR G 187 -9.46 28.14 -10.47
CA THR G 187 -10.50 28.94 -11.09
C THR G 187 -11.61 28.02 -11.58
N LEU G 188 -12.87 28.34 -11.21
CA LEU G 188 -14.01 27.47 -11.46
C LEU G 188 -14.96 28.05 -12.51
N PRO G 189 -15.45 27.25 -13.45
CA PRO G 189 -16.57 27.69 -14.28
C PRO G 189 -17.83 27.74 -13.42
N VAL G 190 -18.83 28.48 -13.93
CA VAL G 190 -20.01 28.80 -13.14
C VAL G 190 -20.74 27.55 -12.69
N ASP G 191 -20.92 26.58 -13.60
CA ASP G 191 -21.74 25.43 -13.26
C ASP G 191 -21.07 24.55 -12.20
N VAL G 192 -19.75 24.38 -12.26
CA VAL G 192 -19.08 23.63 -11.20
C VAL G 192 -19.13 24.41 -9.89
N ALA G 193 -18.93 25.72 -9.93
CA ALA G 193 -18.96 26.53 -8.72
C ALA G 193 -20.29 26.35 -7.99
N GLU G 194 -21.40 26.45 -8.73
CA GLU G 194 -22.73 26.34 -8.12
C GLU G 194 -22.99 24.94 -7.54
N LEU G 195 -22.43 23.88 -8.13
CA LEU G 195 -22.66 22.54 -7.60
C LEU G 195 -22.08 22.38 -6.20
N PHE G 196 -20.98 23.08 -5.89
CA PHE G 196 -20.41 22.99 -4.55
C PHE G 196 -21.38 23.47 -3.47
N ILE G 197 -22.35 24.31 -3.83
CA ILE G 197 -23.24 24.89 -2.84
C ILE G 197 -24.71 24.58 -3.14
N SER G 198 -24.99 23.44 -3.76
CA SER G 198 -26.40 23.11 -4.04
C SER G 198 -26.64 21.61 -3.99
N ASP G 199 -26.41 21.03 -2.85
CA ASP G 199 -26.62 19.62 -2.55
C ASP G 199 -28.04 19.41 -2.01
N PRO G 200 -28.83 18.50 -2.61
CA PRO G 200 -30.20 18.27 -2.10
C PRO G 200 -30.26 17.78 -0.66
N ALA G 201 -29.20 17.17 -0.16
CA ALA G 201 -29.20 16.70 1.22
C ALA G 201 -29.16 17.87 2.20
N VAL G 202 -28.49 18.96 1.82
CA VAL G 202 -28.47 20.13 2.69
C VAL G 202 -29.87 20.73 2.81
N ASP G 203 -30.55 20.90 1.68
CA ASP G 203 -31.91 21.43 1.72
C ASP G 203 -32.83 20.52 2.52
N ALA G 204 -32.64 19.21 2.41
CA ALA G 204 -33.52 18.30 3.14
C ALA G 204 -33.34 18.42 4.65
N VAL G 205 -32.09 18.48 5.13
CA VAL G 205 -31.90 18.53 6.57
C VAL G 205 -32.30 19.90 7.12
N ILE G 206 -32.05 20.98 6.37
CA ILE G 206 -32.49 22.31 6.81
C ILE G 206 -34.01 22.37 6.91
N THR G 207 -34.70 21.74 5.96
CA THR G 207 -36.16 21.68 5.98
C THR G 207 -36.65 20.92 7.21
N LYS G 208 -36.01 19.81 7.55
CA LYS G 208 -36.40 19.05 8.73
C LYS G 208 -36.20 19.86 10.00
N PHE G 209 -35.06 20.54 10.14
CA PHE G 209 -34.85 21.46 11.27
C PHE G 209 -36.00 22.46 11.40
N ASP G 210 -36.37 23.09 10.29
CA ASP G 210 -37.35 24.16 10.33
C ASP G 210 -38.73 23.62 10.65
N GLN G 211 -39.04 22.43 10.15
CA GLN G 211 -40.35 21.82 10.42
C GLN G 211 -40.45 21.36 11.86
N ASP G 212 -39.36 20.83 12.43
CA ASP G 212 -39.32 20.51 13.86
C ASP G 212 -39.56 21.75 14.71
N TRP G 213 -38.86 22.84 14.40
CA TRP G 213 -38.99 24.08 15.17
C TRP G 213 -40.42 24.60 15.12
N CYS G 214 -41.00 24.65 13.91
CA CYS G 214 -42.31 25.26 13.75
C CYS G 214 -43.42 24.39 14.34
N ASN G 215 -43.27 23.07 14.30
CA ASN G 215 -44.26 22.20 14.94
C ASN G 215 -44.30 22.40 16.45
N ALA G 216 -43.16 22.73 17.08
CA ALA G 216 -43.13 22.96 18.52
C ALA G 216 -43.55 24.38 18.91
N PHE G 217 -43.08 25.41 18.21
CA PHE G 217 -43.24 26.79 18.63
C PHE G 217 -44.14 27.62 17.72
N GLY G 218 -44.57 27.09 16.58
CA GLY G 218 -45.58 27.76 15.80
C GLY G 218 -45.13 28.98 15.03
N THR G 219 -43.85 29.37 15.11
CA THR G 219 -43.29 30.41 14.26
C THR G 219 -41.82 30.13 14.04
N LEU G 220 -41.30 30.64 12.93
CA LEU G 220 -39.88 30.50 12.61
C LEU G 220 -39.14 31.75 13.11
N SER G 221 -39.12 31.89 14.42
CA SER G 221 -38.50 33.04 15.05
C SER G 221 -38.10 32.68 16.48
N PHE G 222 -37.15 33.45 17.02
CA PHE G 222 -36.73 33.32 18.41
C PHE G 222 -37.73 34.00 19.33
N GLY H 2 -17.88 -10.21 -22.34
CA GLY H 2 -18.64 -9.34 -23.24
C GLY H 2 -18.80 -7.93 -22.70
N MET H 3 -19.17 -7.01 -23.58
CA MET H 3 -19.37 -5.61 -23.22
C MET H 3 -20.52 -5.05 -24.05
N GLU H 4 -21.48 -4.42 -23.38
CA GLU H 4 -22.61 -3.77 -24.05
C GLU H 4 -22.38 -2.27 -23.95
N LEU H 5 -22.24 -1.60 -25.09
CA LEU H 5 -22.08 -0.16 -25.16
C LEU H 5 -23.34 0.46 -25.75
N TYR H 6 -23.93 1.41 -25.03
CA TYR H 6 -25.16 2.07 -25.42
C TYR H 6 -24.93 3.57 -25.53
N LEU H 7 -25.83 4.23 -26.27
CA LEU H 7 -25.82 5.68 -26.37
C LEU H 7 -26.99 6.26 -25.58
N ASP H 8 -26.71 7.33 -24.84
CA ASP H 8 -27.67 7.91 -23.90
C ASP H 8 -28.21 9.21 -24.50
N THR H 9 -29.16 9.08 -25.42
CA THR H 9 -29.56 10.23 -26.22
C THR H 9 -30.86 9.93 -26.96
N ALA H 10 -31.53 11.01 -27.38
CA ALA H 10 -32.68 10.95 -28.28
C ALA H 10 -32.37 11.62 -29.62
N ASP H 11 -31.10 11.89 -29.89
CA ASP H 11 -30.66 12.64 -31.06
C ASP H 11 -30.50 11.65 -32.21
N ILE H 12 -31.52 11.57 -33.08
CA ILE H 12 -31.52 10.54 -34.12
C ILE H 12 -30.33 10.71 -35.06
N VAL H 13 -30.03 11.96 -35.44
CA VAL H 13 -28.91 12.21 -36.34
C VAL H 13 -27.60 11.72 -35.72
N ALA H 14 -27.35 12.09 -34.46
CA ALA H 14 -26.12 11.67 -33.81
C ALA H 14 -26.05 10.15 -33.67
N ILE H 15 -27.17 9.53 -33.34
CA ILE H 15 -27.19 8.07 -33.20
C ILE H 15 -26.82 7.40 -34.51
N LYS H 16 -27.43 7.86 -35.61
CA LYS H 16 -27.09 7.29 -36.91
C LYS H 16 -25.61 7.44 -37.22
N ARG H 17 -25.05 8.61 -36.94
CA ARG H 17 -23.64 8.84 -37.16
C ARG H 17 -22.77 7.98 -36.24
N LEU H 18 -23.08 7.97 -34.94
CA LEU H 18 -22.24 7.25 -33.98
C LEU H 18 -22.37 5.75 -34.11
N ALA H 19 -23.56 5.24 -34.46
CA ALA H 19 -23.70 3.80 -34.62
C ALA H 19 -22.94 3.28 -35.83
N LYS H 20 -22.65 4.15 -36.81
CA LYS H 20 -21.77 3.75 -37.91
C LYS H 20 -20.33 3.57 -37.45
N VAL H 21 -19.88 4.39 -36.49
CA VAL H 21 -18.48 4.36 -36.04
C VAL H 21 -18.28 3.39 -34.89
N LEU H 22 -19.11 3.48 -33.85
CA LEU H 22 -18.92 2.72 -32.62
C LEU H 22 -19.71 1.41 -32.65
N PRO H 23 -19.22 0.40 -31.95
CA PRO H 23 -19.99 -0.84 -31.77
C PRO H 23 -21.13 -0.67 -30.76
N ILE H 24 -22.25 -0.14 -31.26
CA ILE H 24 -23.37 0.30 -30.45
C ILE H 24 -24.38 -0.84 -30.30
N SER H 25 -24.72 -1.19 -29.05
CA SER H 25 -25.70 -2.24 -28.78
C SER H 25 -27.12 -1.73 -28.61
N GLY H 26 -27.33 -0.41 -28.54
CA GLY H 26 -28.67 0.11 -28.37
C GLY H 26 -28.63 1.51 -27.77
N VAL H 27 -29.78 1.94 -27.28
CA VAL H 27 -29.99 3.31 -26.82
C VAL H 27 -30.76 3.29 -25.52
N THR H 28 -30.31 4.07 -24.55
CA THR H 28 -31.05 4.30 -23.32
C THR H 28 -31.67 5.69 -23.36
N THR H 29 -32.87 5.79 -22.78
CA THR H 29 -33.56 7.07 -22.62
C THR H 29 -33.97 7.24 -21.16
N ASN H 30 -34.33 8.47 -20.83
CA ASN H 30 -34.91 8.78 -19.53
C ASN H 30 -35.89 9.92 -19.75
N PRO H 31 -36.71 10.25 -18.73
CA PRO H 31 -37.77 11.24 -18.97
C PRO H 31 -37.27 12.61 -19.44
N SER H 32 -36.08 13.04 -19.00
CA SER H 32 -35.56 14.33 -19.47
C SER H 32 -35.09 14.24 -20.91
N ILE H 33 -34.39 13.15 -21.27
CA ILE H 33 -33.94 12.97 -22.63
C ILE H 33 -35.13 12.93 -23.60
N VAL H 34 -36.19 12.23 -23.21
CA VAL H 34 -37.38 12.17 -24.05
C VAL H 34 -38.04 13.54 -24.15
N ALA H 35 -38.21 14.21 -23.00
CA ALA H 35 -38.86 15.52 -23.00
C ALA H 35 -38.06 16.53 -23.81
N LYS H 36 -36.73 16.44 -23.76
CA LYS H 36 -35.87 17.37 -24.50
C LYS H 36 -36.05 17.21 -26.01
N SER H 37 -36.28 15.98 -26.47
CA SER H 37 -36.52 15.76 -27.89
C SER H 37 -37.88 16.28 -28.35
N GLY H 38 -38.79 16.57 -27.42
CA GLY H 38 -40.11 17.02 -27.77
C GLY H 38 -40.99 15.99 -28.46
N LYS H 39 -40.51 14.76 -28.65
CA LYS H 39 -41.27 13.70 -29.32
C LYS H 39 -41.94 12.78 -28.33
N PRO H 40 -43.25 12.55 -28.46
CA PRO H 40 -43.91 11.59 -27.57
C PRO H 40 -43.23 10.24 -27.64
N ILE H 41 -43.22 9.54 -26.51
CA ILE H 41 -42.31 8.40 -26.31
C ILE H 41 -42.52 7.32 -27.38
N PHE H 42 -43.78 7.07 -27.78
CA PHE H 42 -44.00 6.04 -28.79
C PHE H 42 -43.52 6.49 -30.16
N LEU H 43 -43.56 7.79 -30.45
CA LEU H 43 -42.92 8.29 -31.66
C LEU H 43 -41.40 8.09 -31.61
N LEU H 44 -40.78 8.49 -30.50
CA LEU H 44 -39.32 8.40 -30.41
C LEU H 44 -38.86 6.94 -30.49
N LEU H 45 -39.60 6.03 -29.85
CA LEU H 45 -39.19 4.63 -29.85
C LEU H 45 -39.24 4.03 -31.24
N ASN H 46 -40.27 4.35 -32.02
CA ASN H 46 -40.30 3.90 -33.40
C ASN H 46 -39.17 4.50 -34.22
N GLU H 47 -38.86 5.77 -33.99
CA GLU H 47 -37.75 6.40 -34.70
C GLU H 47 -36.41 5.78 -34.28
N LEU H 48 -36.27 5.38 -33.01
CA LEU H 48 -35.05 4.73 -32.58
C LEU H 48 -34.93 3.34 -33.18
N GLN H 49 -36.03 2.58 -33.22
CA GLN H 49 -36.02 1.27 -33.86
C GLN H 49 -35.59 1.36 -35.32
N GLU H 50 -36.05 2.40 -36.02
CA GLU H 50 -35.71 2.55 -37.42
C GLU H 50 -34.23 2.84 -37.63
N VAL H 51 -33.66 3.74 -36.82
CA VAL H 51 -32.25 4.10 -37.02
C VAL H 51 -31.33 2.99 -36.54
N LEU H 52 -31.70 2.31 -35.46
CA LEU H 52 -30.86 1.25 -34.91
C LEU H 52 -31.00 -0.07 -35.68
N GLY H 53 -32.17 -0.34 -36.25
CA GLY H 53 -32.42 -1.65 -36.79
C GLY H 53 -32.97 -2.58 -35.72
N SER H 54 -33.03 -3.86 -36.09
CA SER H 54 -33.86 -4.81 -35.34
C SER H 54 -33.14 -5.51 -34.20
N ASP H 55 -31.82 -5.71 -34.28
CA ASP H 55 -31.10 -6.44 -33.25
C ASP H 55 -30.44 -5.53 -32.22
N LYS H 56 -31.09 -4.43 -31.83
CA LYS H 56 -30.54 -3.52 -30.83
C LYS H 56 -31.53 -3.37 -29.68
N LEU H 57 -31.01 -3.09 -28.49
CA LEU H 57 -31.82 -3.02 -27.28
C LEU H 57 -32.16 -1.57 -26.94
N LEU H 58 -33.41 -1.34 -26.56
CA LEU H 58 -33.86 -0.04 -26.08
C LEU H 58 -34.21 -0.10 -24.60
N PHE H 59 -34.00 1.03 -23.90
CA PHE H 59 -34.36 1.20 -22.50
C PHE H 59 -35.20 2.47 -22.36
N ALA H 60 -36.29 2.36 -21.59
CA ALA H 60 -37.16 3.50 -21.35
C ALA H 60 -37.69 3.43 -19.91
N GLN H 61 -38.01 4.60 -19.36
CA GLN H 61 -38.30 4.74 -17.93
C GLN H 61 -39.78 5.00 -17.68
N VAL H 62 -40.32 4.35 -16.65
CA VAL H 62 -41.66 4.64 -16.16
C VAL H 62 -41.70 6.04 -15.57
N LEU H 63 -42.91 6.54 -15.35
CA LEU H 63 -43.18 7.91 -14.92
C LEU H 63 -43.78 8.00 -13.53
N SER H 64 -44.70 7.10 -13.19
CA SER H 64 -45.49 7.26 -11.98
C SER H 64 -44.67 6.96 -10.73
N SER H 65 -45.13 7.51 -9.61
CA SER H 65 -44.55 7.22 -8.31
C SER H 65 -45.22 6.04 -7.61
N ASN H 66 -46.21 5.43 -8.25
CA ASN H 66 -46.98 4.36 -7.65
C ASN H 66 -46.67 3.03 -8.35
N ALA H 67 -46.41 2.00 -7.56
CA ALA H 67 -45.96 0.72 -8.11
C ALA H 67 -46.99 0.12 -9.07
N ASP H 68 -48.28 0.19 -8.72
CA ASP H 68 -49.32 -0.34 -9.61
C ASP H 68 -49.29 0.38 -10.95
N GLU H 69 -49.21 1.71 -10.92
CA GLU H 69 -49.14 2.48 -12.14
C GLU H 69 -47.80 2.30 -12.86
N MET H 70 -46.71 2.05 -12.12
CA MET H 70 -45.45 1.73 -12.79
C MET H 70 -45.56 0.46 -13.60
N ILE H 71 -46.26 -0.54 -13.05
CA ILE H 71 -46.41 -1.82 -13.74
C ILE H 71 -47.25 -1.64 -15.00
N LYS H 72 -48.31 -0.86 -14.93
CA LYS H 72 -49.13 -0.63 -16.12
C LYS H 72 -48.34 0.07 -17.20
N GLU H 73 -47.51 1.05 -16.82
CA GLU H 73 -46.66 1.73 -17.78
C GLU H 73 -45.64 0.77 -18.39
N THR H 74 -45.11 -0.16 -17.59
CA THR H 74 -44.25 -1.20 -18.15
C THR H 74 -44.98 -1.99 -19.24
N TYR H 75 -46.26 -2.31 -19.01
CA TYR H 75 -47.01 -3.05 -20.02
C TYR H 75 -47.17 -2.23 -21.30
N GLN H 76 -47.38 -0.92 -21.17
CA GLN H 76 -47.45 -0.07 -22.36
C GLN H 76 -46.15 -0.09 -23.14
N LEU H 77 -45.01 -0.05 -22.44
CA LEU H 77 -43.74 -0.02 -23.17
C LEU H 77 -43.49 -1.33 -23.91
N ARG H 78 -43.77 -2.47 -23.26
CA ARG H 78 -43.56 -3.77 -23.89
CA ARG H 78 -43.53 -3.75 -23.92
C ARG H 78 -44.49 -3.95 -25.09
N LYS H 79 -45.72 -3.45 -24.99
CA LYS H 79 -46.62 -3.48 -26.14
C LYS H 79 -46.01 -2.76 -27.33
N ALA H 80 -45.39 -1.60 -27.09
CA ALA H 80 -44.79 -0.84 -28.18
C ALA H 80 -43.53 -1.52 -28.71
N VAL H 81 -42.66 -1.96 -27.81
CA VAL H 81 -41.36 -2.53 -28.14
C VAL H 81 -41.21 -3.82 -27.34
N PRO H 82 -41.55 -4.99 -27.90
CA PRO H 82 -41.59 -6.21 -27.07
C PRO H 82 -40.32 -6.54 -26.31
N SER H 83 -39.13 -6.18 -26.80
CA SER H 83 -37.89 -6.54 -26.11
C SER H 83 -37.40 -5.46 -25.14
N ILE H 84 -38.19 -4.42 -24.89
CA ILE H 84 -37.67 -3.23 -24.21
C ILE H 84 -37.33 -3.56 -22.75
N VAL H 85 -36.28 -2.93 -22.24
CA VAL H 85 -35.93 -3.00 -20.82
C VAL H 85 -36.48 -1.75 -20.15
N THR H 86 -37.27 -1.94 -19.10
CA THR H 86 -37.96 -0.83 -18.43
C THR H 86 -37.14 -0.32 -17.25
N LYS H 87 -36.90 0.99 -17.22
CA LYS H 87 -36.12 1.61 -16.15
C LYS H 87 -37.05 2.01 -15.01
N ILE H 88 -36.69 1.64 -13.79
CA ILE H 88 -37.51 1.89 -12.62
C ILE H 88 -36.62 2.50 -11.54
N PRO H 89 -36.96 3.66 -11.00
CA PRO H 89 -36.12 4.25 -9.94
C PRO H 89 -36.15 3.37 -8.70
N VAL H 90 -34.98 3.24 -8.05
CA VAL H 90 -34.83 2.35 -6.90
C VAL H 90 -35.17 3.16 -5.66
N ASN H 91 -36.46 3.17 -5.33
CA ASN H 91 -36.99 3.65 -4.06
C ASN H 91 -38.02 2.60 -3.61
N ALA H 92 -38.80 2.88 -2.57
CA ALA H 92 -39.67 1.85 -2.01
C ALA H 92 -40.68 1.35 -3.03
N GLN H 93 -41.34 2.28 -3.76
CA GLN H 93 -42.36 1.86 -4.72
C GLN H 93 -41.74 1.19 -5.94
N GLY H 94 -40.55 1.64 -6.35
CA GLY H 94 -39.88 0.98 -7.46
C GLY H 94 -39.49 -0.45 -7.14
N LEU H 95 -39.06 -0.69 -5.90
CA LEU H 95 -38.74 -2.05 -5.46
C LEU H 95 -39.97 -2.95 -5.51
N ILE H 96 -41.13 -2.43 -5.11
CA ILE H 96 -42.37 -3.20 -5.22
C ILE H 96 -42.62 -3.56 -6.67
N ALA H 97 -42.53 -2.58 -7.57
CA ALA H 97 -42.69 -2.84 -9.00
C ALA H 97 -41.69 -3.88 -9.49
N ILE H 98 -40.41 -3.72 -9.10
CA ILE H 98 -39.37 -4.62 -9.61
C ILE H 98 -39.63 -6.06 -9.18
N LYS H 99 -40.03 -6.27 -7.91
CA LYS H 99 -40.27 -7.63 -7.45
C LYS H 99 -41.40 -8.28 -8.22
N GLU H 100 -42.44 -7.52 -8.53
CA GLU H 100 -43.60 -8.06 -9.25
C GLU H 100 -43.27 -8.35 -10.70
N LEU H 101 -42.62 -7.40 -11.38
CA LEU H 101 -42.20 -7.63 -12.76
C LEU H 101 -41.24 -8.80 -12.87
N THR H 102 -40.36 -8.97 -11.88
CA THR H 102 -39.47 -10.12 -11.89
C THR H 102 -40.25 -11.42 -11.83
N GLN H 103 -41.30 -11.47 -11.01
CA GLN H 103 -42.11 -12.69 -10.90
C GLN H 103 -42.79 -13.02 -12.23
N GLN H 104 -43.07 -12.01 -13.06
CA GLN H 104 -43.65 -12.18 -14.38
C GLN H 104 -42.62 -12.38 -15.48
N GLY H 105 -41.33 -12.45 -15.15
CA GLY H 105 -40.30 -12.67 -16.15
C GLY H 105 -40.00 -11.49 -17.04
N ILE H 106 -40.39 -10.28 -16.64
CA ILE H 106 -40.20 -9.05 -17.43
C ILE H 106 -38.88 -8.41 -16.99
N PRO H 107 -38.03 -7.97 -17.92
CA PRO H 107 -36.72 -7.46 -17.53
C PRO H 107 -36.76 -5.99 -17.16
N THR H 108 -35.97 -5.64 -16.15
CA THR H 108 -35.98 -4.29 -15.60
C THR H 108 -34.56 -3.82 -15.34
N LEU H 109 -34.44 -2.50 -15.24
CA LEU H 109 -33.24 -1.80 -14.86
C LEU H 109 -33.59 -0.95 -13.65
N GLY H 110 -32.77 -1.04 -12.61
CA GLY H 110 -32.96 -0.17 -11.45
C GLY H 110 -32.12 1.08 -11.62
N THR H 111 -32.78 2.24 -11.75
CA THR H 111 -32.09 3.48 -12.12
C THR H 111 -32.10 4.46 -10.95
N ALA H 112 -31.46 5.61 -11.17
CA ALA H 112 -31.30 6.65 -10.15
C ALA H 112 -30.59 6.11 -8.91
N VAL H 113 -29.52 5.35 -9.13
CA VAL H 113 -28.77 4.73 -8.03
C VAL H 113 -27.65 5.67 -7.61
N TYR H 114 -27.63 6.03 -6.32
CA TYR H 114 -26.61 6.91 -5.75
C TYR H 114 -25.77 6.23 -4.69
N GLY H 115 -26.09 5.00 -4.32
CA GLY H 115 -25.34 4.29 -3.30
C GLY H 115 -25.31 2.82 -3.63
N ALA H 116 -24.22 2.17 -3.23
CA ALA H 116 -24.04 0.76 -3.58
C ALA H 116 -25.12 -0.12 -2.94
N GLY H 117 -25.43 0.12 -1.66
CA GLY H 117 -26.48 -0.64 -1.01
C GLY H 117 -27.82 -0.49 -1.71
N GLN H 118 -28.18 0.74 -2.06
CA GLN H 118 -29.43 0.97 -2.77
C GLN H 118 -29.50 0.17 -4.06
N GLY H 119 -28.42 0.19 -4.85
CA GLY H 119 -28.42 -0.56 -6.10
C GLY H 119 -28.45 -2.05 -5.88
N PHE H 120 -27.69 -2.53 -4.90
CA PHE H 120 -27.69 -3.95 -4.56
C PHE H 120 -29.09 -4.46 -4.22
N LEU H 121 -29.89 -3.65 -3.52
CA LEU H 121 -31.24 -4.09 -3.19
C LEU H 121 -32.07 -4.32 -4.44
N ALA H 122 -31.86 -3.50 -5.47
CA ALA H 122 -32.59 -3.71 -6.72
C ALA H 122 -32.20 -5.02 -7.37
N ALA H 123 -30.89 -5.33 -7.38
CA ALA H 123 -30.43 -6.57 -7.97
C ALA H 123 -31.03 -7.77 -7.27
N LEU H 124 -31.02 -7.76 -5.93
CA LEU H 124 -31.68 -8.80 -5.14
C LEU H 124 -33.16 -8.88 -5.45
N ALA H 125 -33.81 -7.74 -5.70
CA ALA H 125 -35.22 -7.79 -6.08
C ALA H 125 -35.44 -8.35 -7.48
N GLY H 126 -34.39 -8.48 -8.30
CA GLY H 126 -34.53 -9.10 -9.60
C GLY H 126 -34.16 -8.23 -10.79
N ALA H 127 -33.76 -6.97 -10.60
CA ALA H 127 -33.42 -6.12 -11.73
C ALA H 127 -32.14 -6.63 -12.38
N LYS H 128 -32.19 -6.83 -13.70
CA LYS H 128 -31.02 -7.31 -14.42
C LYS H 128 -29.94 -6.24 -14.51
N TYR H 129 -30.33 -4.98 -14.75
CA TYR H 129 -29.37 -3.90 -14.86
C TYR H 129 -29.49 -2.94 -13.69
N ILE H 130 -28.35 -2.47 -13.17
CA ILE H 130 -28.30 -1.46 -12.12
C ILE H 130 -27.54 -0.25 -12.68
N ALA H 131 -28.16 0.92 -12.64
CA ALA H 131 -27.62 2.12 -13.29
C ALA H 131 -27.27 3.18 -12.25
N PRO H 132 -26.05 3.20 -11.74
CA PRO H 132 -25.66 4.31 -10.86
C PRO H 132 -25.51 5.58 -11.71
N TYR H 133 -25.86 6.72 -11.10
CA TYR H 133 -25.73 8.01 -11.78
C TYR H 133 -24.35 8.57 -11.45
N VAL H 134 -23.36 8.12 -12.23
CA VAL H 134 -21.94 8.34 -11.92
C VAL H 134 -21.65 9.83 -11.73
N ASN H 135 -21.98 10.66 -12.72
CA ASN H 135 -21.60 12.06 -12.61
C ASN H 135 -22.37 12.78 -11.50
N ARG H 136 -23.63 12.38 -11.26
CA ARG H 136 -24.41 13.00 -10.17
C ARG H 136 -23.80 12.70 -8.81
N ILE H 137 -23.20 11.52 -8.64
CA ILE H 137 -22.50 11.22 -7.40
C ILE H 137 -21.31 12.16 -7.22
N ASP H 138 -20.54 12.38 -8.28
CA ASP H 138 -19.45 13.36 -8.19
C ASP H 138 -20.00 14.77 -7.98
N ALA H 139 -21.17 15.05 -8.56
CA ALA H 139 -21.73 16.39 -8.52
C ALA H 139 -22.14 16.80 -7.13
N GLN H 140 -22.48 15.83 -6.28
CA GLN H 140 -23.01 16.09 -4.95
C GLN H 140 -21.98 15.77 -3.86
N GLY H 141 -20.70 15.92 -4.19
CA GLY H 141 -19.67 15.80 -3.18
C GLY H 141 -19.31 14.39 -2.80
N GLY H 142 -19.70 13.41 -3.61
CA GLY H 142 -19.31 12.04 -3.39
C GLY H 142 -18.07 11.68 -4.18
N ASN H 143 -17.85 10.37 -4.33
CA ASN H 143 -16.73 9.85 -5.09
C ASN H 143 -17.28 8.73 -5.97
N SER H 144 -17.61 9.06 -7.23
CA SER H 144 -18.28 8.08 -8.07
C SER H 144 -17.43 6.84 -8.28
N LYS H 145 -16.11 7.03 -8.41
CA LYS H 145 -15.21 5.89 -8.60
C LYS H 145 -15.38 4.87 -7.47
N ASP H 146 -15.37 5.34 -6.21
CA ASP H 146 -15.53 4.44 -5.07
C ASP H 146 -16.90 3.76 -5.07
N THR H 147 -17.95 4.53 -5.35
CA THR H 147 -19.31 3.97 -5.29
C THR H 147 -19.50 2.90 -6.35
N VAL H 148 -18.97 3.12 -7.56
CA VAL H 148 -19.10 2.13 -8.61
C VAL H 148 -18.29 0.87 -8.29
N LEU H 149 -17.07 1.05 -7.74
CA LEU H 149 -16.26 -0.10 -7.36
C LEU H 149 -17.01 -0.98 -6.36
N GLU H 150 -17.63 -0.37 -5.35
CA GLU H 150 -18.40 -1.10 -4.35
C GLU H 150 -19.60 -1.81 -4.97
N LEU H 151 -20.37 -1.10 -5.80
CA LEU H 151 -21.53 -1.71 -6.43
C LEU H 151 -21.14 -2.91 -7.29
N GLN H 152 -20.09 -2.76 -8.11
CA GLN H 152 -19.65 -3.88 -8.95
C GLN H 152 -19.18 -5.04 -8.09
N LYS H 153 -18.43 -4.75 -7.02
CA LYS H 153 -17.95 -5.81 -6.14
C LYS H 153 -19.11 -6.59 -5.54
N LEU H 154 -20.16 -5.90 -5.09
CA LEU H 154 -21.34 -6.57 -4.55
C LEU H 154 -21.99 -7.48 -5.58
N LEU H 155 -22.08 -7.03 -6.83
CA LEU H 155 -22.67 -7.89 -7.84
C LEU H 155 -21.77 -9.09 -8.14
N ASP H 156 -20.44 -8.89 -8.16
CA ASP H 156 -19.53 -10.03 -8.39
C ASP H 156 -19.62 -11.05 -7.26
N LEU H 157 -19.77 -10.59 -6.01
CA LEU H 157 -19.84 -11.51 -4.87
C LEU H 157 -21.19 -12.21 -4.77
N HIS H 158 -22.28 -11.52 -5.09
CA HIS H 158 -23.60 -11.99 -4.65
C HIS H 158 -24.67 -12.10 -5.72
N CYS H 159 -24.57 -11.44 -6.87
CA CYS H 159 -25.64 -11.41 -7.86
CA CYS H 159 -25.64 -11.41 -7.86
C CYS H 159 -25.09 -11.70 -9.25
N PRO H 160 -24.78 -12.97 -9.53
CA PRO H 160 -24.21 -13.31 -10.85
C PRO H 160 -25.13 -13.05 -12.03
N GLN H 161 -26.43 -12.89 -11.80
CA GLN H 161 -27.38 -12.65 -12.88
C GLN H 161 -27.60 -11.17 -13.17
N SER H 162 -27.01 -10.27 -12.41
CA SER H 162 -27.19 -8.84 -12.65
C SER H 162 -25.87 -8.21 -13.10
N LEU H 163 -25.98 -7.01 -13.68
CA LEU H 163 -24.78 -6.29 -14.09
C LEU H 163 -25.02 -4.79 -13.89
N VAL H 164 -23.93 -4.03 -13.90
CA VAL H 164 -24.01 -2.58 -13.79
C VAL H 164 -24.05 -2.00 -15.20
N LEU H 165 -24.98 -1.09 -15.42
CA LEU H 165 -25.01 -0.28 -16.63
C LEU H 165 -24.65 1.13 -16.17
N ALA H 166 -23.37 1.47 -16.23
CA ALA H 166 -22.91 2.76 -15.74
C ALA H 166 -23.45 3.88 -16.63
N ALA H 167 -23.95 4.94 -16.00
CA ALA H 167 -24.61 6.02 -16.73
C ALA H 167 -24.26 7.37 -16.11
N SER H 168 -24.51 8.42 -16.88
CA SER H 168 -24.39 9.81 -16.47
C SER H 168 -22.93 10.24 -16.40
N PHE H 169 -22.45 10.89 -17.47
CA PHE H 169 -21.02 11.14 -17.62
C PHE H 169 -20.75 12.55 -18.12
N ARG H 170 -19.68 13.15 -17.60
CA ARG H 170 -19.16 14.39 -18.16
C ARG H 170 -17.74 14.28 -18.69
N THR H 171 -16.99 13.23 -18.34
CA THR H 171 -15.62 13.06 -18.82
C THR H 171 -15.41 11.60 -19.21
N PRO H 172 -14.57 11.36 -20.23
CA PRO H 172 -14.16 9.97 -20.51
C PRO H 172 -13.44 9.29 -19.34
N ARG H 173 -12.84 10.06 -18.44
CA ARG H 173 -12.19 9.48 -17.27
C ARG H 173 -13.18 8.73 -16.40
N GLN H 174 -14.33 9.35 -16.13
CA GLN H 174 -15.39 8.66 -15.39
C GLN H 174 -15.80 7.37 -16.09
N ALA H 175 -15.99 7.44 -17.40
CA ALA H 175 -16.46 6.27 -18.14
C ALA H 175 -15.42 5.16 -18.13
N LEU H 176 -14.14 5.51 -18.34
CA LEU H 176 -13.08 4.50 -18.33
C LEU H 176 -12.93 3.85 -16.96
N ASP H 177 -13.03 4.64 -15.89
CA ASP H 177 -12.93 4.06 -14.56
C ASP H 177 -14.06 3.05 -14.29
N CYS H 178 -15.24 3.26 -14.88
CA CYS H 178 -16.34 2.31 -14.70
C CYS H 178 -16.06 0.97 -15.37
N ILE H 179 -15.60 0.99 -16.62
CA ILE H 179 -15.33 -0.28 -17.28
C ILE H 179 -14.09 -0.94 -16.68
N LEU H 180 -13.12 -0.14 -16.19
CA LEU H 180 -12.00 -0.71 -15.46
C LEU H 180 -12.45 -1.38 -14.16
N ALA H 181 -13.49 -0.84 -13.51
CA ALA H 181 -14.02 -1.46 -12.31
C ALA H 181 -14.71 -2.79 -12.60
N GLY H 182 -14.97 -3.09 -13.86
CA GLY H 182 -15.62 -4.33 -14.24
C GLY H 182 -17.05 -4.20 -14.73
N CYS H 183 -17.62 -3.00 -14.85
CA CYS H 183 -18.99 -2.88 -15.31
C CYS H 183 -19.12 -3.45 -16.72
N LYS H 184 -20.11 -4.29 -16.92
CA LYS H 184 -20.27 -5.00 -18.18
C LYS H 184 -21.16 -4.27 -19.18
N SER H 185 -21.70 -3.11 -18.81
CA SER H 185 -22.43 -2.30 -19.77
C SER H 185 -22.33 -0.85 -19.34
N ILE H 186 -22.54 0.05 -20.30
CA ILE H 186 -22.33 1.46 -20.08
C ILE H 186 -23.09 2.21 -21.16
N THR H 187 -23.62 3.38 -20.81
CA THR H 187 -24.27 4.20 -21.81
C THR H 187 -23.67 5.59 -21.79
N LEU H 188 -23.26 6.06 -22.95
CA LEU H 188 -22.52 7.30 -23.06
C LEU H 188 -23.35 8.39 -23.73
N PRO H 189 -23.29 9.60 -23.22
CA PRO H 189 -23.81 10.75 -23.97
C PRO H 189 -22.90 11.04 -25.15
N VAL H 190 -23.41 11.86 -26.07
CA VAL H 190 -22.74 12.05 -27.36
C VAL H 190 -21.35 12.66 -27.19
N ASP H 191 -21.24 13.72 -26.37
CA ASP H 191 -19.96 14.43 -26.32
C ASP H 191 -18.85 13.54 -25.75
N VAL H 192 -19.17 12.72 -24.75
CA VAL H 192 -18.16 11.84 -24.15
C VAL H 192 -17.76 10.74 -25.12
N ALA H 193 -18.74 10.15 -25.81
CA ALA H 193 -18.42 9.11 -26.79
C ALA H 193 -17.48 9.64 -27.87
N GLU H 194 -17.70 10.87 -28.33
CA GLU H 194 -16.83 11.43 -29.35
C GLU H 194 -15.41 11.65 -28.84
N LEU H 195 -15.25 12.00 -27.56
CA LEU H 195 -13.93 12.31 -27.03
C LEU H 195 -13.00 11.11 -27.10
N PHE H 196 -13.55 9.90 -26.97
CA PHE H 196 -12.71 8.70 -27.00
C PHE H 196 -11.99 8.56 -28.33
N ILE H 197 -12.56 9.10 -29.41
CA ILE H 197 -12.08 8.84 -30.75
C ILE H 197 -11.57 10.11 -31.44
N SER H 198 -11.29 11.16 -30.69
CA SER H 198 -10.80 12.41 -31.28
C SER H 198 -9.62 12.95 -30.48
N ASP H 199 -8.56 12.15 -30.36
CA ASP H 199 -7.34 12.61 -29.70
C ASP H 199 -6.47 13.39 -30.69
N PRO H 200 -6.04 14.62 -30.35
CA PRO H 200 -5.15 15.36 -31.26
C PRO H 200 -3.81 14.68 -31.48
N ALA H 201 -3.35 13.85 -30.55
CA ALA H 201 -2.09 13.14 -30.77
C ALA H 201 -2.19 12.19 -31.95
N VAL H 202 -3.37 11.59 -32.16
CA VAL H 202 -3.51 10.61 -33.23
C VAL H 202 -3.46 11.30 -34.58
N ASP H 203 -4.18 12.42 -34.73
CA ASP H 203 -4.13 13.16 -35.98
C ASP H 203 -2.69 13.56 -36.31
N ALA H 204 -1.92 13.96 -35.28
CA ALA H 204 -0.58 14.47 -35.53
C ALA H 204 0.36 13.35 -35.97
N VAL H 205 0.20 12.16 -35.44
CA VAL H 205 1.08 11.08 -35.89
C VAL H 205 0.66 10.57 -37.27
N ILE H 206 -0.64 10.65 -37.60
CA ILE H 206 -1.07 10.33 -38.96
C ILE H 206 -0.48 11.31 -39.95
N THR H 207 -0.41 12.58 -39.56
CA THR H 207 0.14 13.60 -40.46
C THR H 207 1.63 13.37 -40.69
N LYS H 208 2.36 12.98 -39.64
CA LYS H 208 3.78 12.69 -39.82
C LYS H 208 3.99 11.47 -40.71
N PHE H 209 3.16 10.43 -40.53
CA PHE H 209 3.22 9.27 -41.42
C PHE H 209 3.01 9.67 -42.88
N ASP H 210 2.08 10.59 -43.14
CA ASP H 210 1.80 11.00 -44.52
C ASP H 210 2.97 11.80 -45.11
N GLN H 211 3.47 12.78 -44.34
CA GLN H 211 4.61 13.56 -44.81
C GLN H 211 5.81 12.66 -45.10
N ASP H 212 6.11 11.71 -44.20
CA ASP H 212 7.19 10.78 -44.47
C ASP H 212 6.93 9.99 -45.76
N TRP H 213 5.69 9.54 -45.95
CA TRP H 213 5.38 8.76 -47.14
C TRP H 213 5.49 9.62 -48.40
N CYS H 214 4.95 10.84 -48.36
CA CYS H 214 4.97 11.68 -49.55
C CYS H 214 6.36 12.22 -49.85
N ASN H 215 7.19 12.42 -48.82
CA ASN H 215 8.56 12.86 -49.07
C ASN H 215 9.35 11.83 -49.85
N ALA H 216 9.05 10.55 -49.67
CA ALA H 216 9.84 9.47 -50.26
C ALA H 216 9.22 8.87 -51.51
N PHE H 217 7.92 9.08 -51.75
CA PHE H 217 7.23 8.44 -52.86
C PHE H 217 6.42 9.37 -53.74
N GLY H 218 6.04 10.56 -53.25
CA GLY H 218 5.38 11.52 -54.09
C GLY H 218 3.87 11.54 -53.98
N THR H 219 3.25 10.36 -53.93
CA THR H 219 1.81 10.25 -53.80
C THR H 219 1.48 9.40 -52.59
N LEU H 220 0.27 9.60 -52.06
CA LEU H 220 -0.21 8.83 -50.90
C LEU H 220 -1.03 7.65 -51.41
N SER H 221 -0.31 6.73 -52.07
CA SER H 221 -0.90 5.47 -52.52
C SER H 221 0.18 4.41 -52.55
N PHE H 222 -0.23 3.18 -52.76
CA PHE H 222 0.71 2.07 -52.86
C PHE H 222 1.23 2.00 -54.30
N MET I 3 9.20 -28.92 -6.40
CA MET I 3 10.49 -28.29 -6.11
C MET I 3 11.69 -29.19 -6.35
N GLU I 4 12.73 -28.64 -6.99
CA GLU I 4 14.00 -29.33 -7.21
C GLU I 4 15.10 -28.58 -6.46
N LEU I 5 15.73 -29.24 -5.50
CA LEU I 5 16.83 -28.67 -4.73
C LEU I 5 18.15 -29.31 -5.16
N TYR I 6 19.10 -28.49 -5.60
CA TYR I 6 20.41 -28.98 -6.01
C TYR I 6 21.49 -28.36 -5.13
N LEU I 7 22.65 -28.99 -5.12
CA LEU I 7 23.83 -28.45 -4.47
C LEU I 7 24.76 -27.84 -5.53
N ASP I 8 25.32 -26.67 -5.23
CA ASP I 8 26.17 -25.95 -6.18
C ASP I 8 27.63 -26.09 -5.72
N THR I 9 28.28 -27.18 -6.10
CA THR I 9 29.62 -27.47 -5.59
C THR I 9 30.19 -28.69 -6.29
N ALA I 10 31.50 -28.86 -6.12
CA ALA I 10 32.21 -30.04 -6.60
C ALA I 10 32.88 -30.82 -5.47
N ASP I 11 32.67 -30.43 -4.21
CA ASP I 11 33.30 -31.08 -3.05
C ASP I 11 32.60 -32.41 -2.78
N ILE I 12 33.25 -33.51 -3.19
CA ILE I 12 32.63 -34.84 -3.12
C ILE I 12 32.33 -35.22 -1.67
N VAL I 13 33.22 -34.85 -0.74
CA VAL I 13 32.96 -35.16 0.67
C VAL I 13 31.72 -34.41 1.17
N ALA I 14 31.62 -33.13 0.86
CA ALA I 14 30.46 -32.34 1.28
C ALA I 14 29.17 -32.86 0.63
N ILE I 15 29.22 -33.21 -0.66
CA ILE I 15 28.01 -33.69 -1.34
C ILE I 15 27.49 -34.96 -0.70
N LYS I 16 28.39 -35.92 -0.45
CA LYS I 16 27.99 -37.18 0.17
C LYS I 16 27.35 -36.95 1.54
N ARG I 17 27.90 -36.01 2.31
CA ARG I 17 27.32 -35.69 3.60
C ARG I 17 25.95 -35.04 3.44
N LEU I 18 25.86 -34.00 2.60
CA LEU I 18 24.60 -33.26 2.52
C LEU I 18 23.53 -34.04 1.76
N ALA I 19 23.91 -34.92 0.85
CA ALA I 19 22.90 -35.74 0.17
C ALA I 19 22.23 -36.71 1.13
N LYS I 20 22.94 -37.14 2.18
CA LYS I 20 22.29 -38.00 3.17
C LYS I 20 21.28 -37.20 3.98
N VAL I 21 21.52 -35.91 4.18
CA VAL I 21 20.73 -35.07 5.06
C VAL I 21 19.55 -34.42 4.32
N LEU I 22 19.82 -33.73 3.23
CA LEU I 22 18.90 -32.90 2.47
C LEU I 22 18.20 -33.72 1.38
N PRO I 23 16.98 -33.35 1.00
CA PRO I 23 16.30 -34.01 -0.14
C PRO I 23 16.72 -33.35 -1.46
N ILE I 24 17.92 -33.69 -1.94
CA ILE I 24 18.47 -33.04 -3.12
C ILE I 24 18.12 -33.83 -4.37
N SER I 25 18.08 -33.12 -5.50
CA SER I 25 17.86 -33.74 -6.80
C SER I 25 19.14 -33.93 -7.61
N GLY I 26 20.25 -33.42 -7.13
CA GLY I 26 21.48 -33.51 -7.91
C GLY I 26 22.37 -32.32 -7.60
N VAL I 27 23.30 -32.08 -8.54
CA VAL I 27 24.43 -31.20 -8.32
C VAL I 27 24.66 -30.35 -9.57
N THR I 28 24.83 -29.05 -9.39
CA THR I 28 25.16 -28.14 -10.48
C THR I 28 26.63 -27.75 -10.36
N THR I 29 27.30 -27.62 -11.50
CA THR I 29 28.66 -27.09 -11.54
C THR I 29 28.74 -25.95 -12.55
N ASN I 30 29.82 -25.16 -12.46
CA ASN I 30 30.14 -24.14 -13.45
C ASN I 30 31.67 -24.16 -13.60
N PRO I 31 32.27 -23.41 -14.53
CA PRO I 31 33.72 -23.56 -14.72
C PRO I 31 34.56 -23.18 -13.50
N SER I 32 34.15 -22.19 -12.73
CA SER I 32 34.90 -21.84 -11.52
C SER I 32 34.82 -22.95 -10.48
N ILE I 33 33.63 -23.55 -10.31
CA ILE I 33 33.48 -24.65 -9.37
C ILE I 33 34.37 -25.82 -9.76
N VAL I 34 34.40 -26.17 -11.05
CA VAL I 34 35.29 -27.25 -11.46
C VAL I 34 36.75 -26.86 -11.28
N ALA I 35 37.11 -25.62 -11.63
CA ALA I 35 38.47 -25.15 -11.44
C ALA I 35 38.93 -25.32 -9.99
N LYS I 36 38.14 -24.80 -9.04
CA LYS I 36 38.53 -24.86 -7.64
C LYS I 36 38.74 -26.29 -7.17
N SER I 37 38.04 -27.27 -7.76
CA SER I 37 38.26 -28.66 -7.40
C SER I 37 39.62 -29.16 -7.87
N GLY I 38 40.17 -28.54 -8.92
CA GLY I 38 41.41 -29.03 -9.49
C GLY I 38 41.31 -30.36 -10.21
N LYS I 39 40.10 -30.86 -10.45
CA LYS I 39 40.06 -32.14 -11.16
C LYS I 39 39.63 -31.93 -12.61
N PRO I 40 40.22 -32.66 -13.57
CA PRO I 40 39.68 -32.65 -14.93
C PRO I 40 38.21 -33.03 -14.92
N ILE I 41 37.47 -32.44 -15.87
CA ILE I 41 36.02 -32.43 -15.72
C ILE I 41 35.44 -33.84 -15.82
N PHE I 42 36.04 -34.69 -16.65
CA PHE I 42 35.49 -36.04 -16.81
C PHE I 42 35.81 -36.92 -15.60
N LEU I 43 37.00 -36.78 -15.03
CA LEU I 43 37.27 -37.44 -13.76
C LEU I 43 36.29 -36.99 -12.68
N LEU I 44 36.02 -35.68 -12.62
CA LEU I 44 35.10 -35.15 -11.62
C LEU I 44 33.66 -35.66 -11.84
N LEU I 45 33.20 -35.67 -13.10
CA LEU I 45 31.82 -36.07 -13.36
C LEU I 45 31.59 -37.54 -12.99
N ASN I 46 32.53 -38.42 -13.35
CA ASN I 46 32.41 -39.82 -12.96
C ASN I 46 32.40 -39.95 -11.45
N GLU I 47 33.21 -39.15 -10.75
CA GLU I 47 33.17 -39.10 -9.30
C GLU I 47 31.79 -38.67 -8.81
N LEU I 48 31.19 -37.68 -9.46
CA LEU I 48 29.88 -37.19 -9.05
C LEU I 48 28.80 -38.24 -9.27
N GLN I 49 28.83 -38.94 -10.42
CA GLN I 49 27.82 -39.95 -10.70
C GLN I 49 27.95 -41.15 -9.77
N GLU I 50 29.16 -41.46 -9.32
CA GLU I 50 29.32 -42.56 -8.37
C GLU I 50 28.79 -42.18 -6.99
N VAL I 51 28.99 -40.93 -6.57
CA VAL I 51 28.52 -40.52 -5.26
C VAL I 51 27.01 -40.31 -5.25
N LEU I 52 26.48 -39.69 -6.31
CA LEU I 52 25.05 -39.36 -6.34
C LEU I 52 24.19 -40.59 -6.56
N GLY I 53 24.70 -41.58 -7.27
CA GLY I 53 23.86 -42.67 -7.74
C GLY I 53 23.18 -42.33 -9.05
N SER I 54 22.57 -43.35 -9.65
CA SER I 54 21.97 -43.21 -10.98
C SER I 54 20.65 -42.46 -10.98
N ASP I 55 20.16 -42.00 -9.83
CA ASP I 55 18.82 -41.43 -9.73
C ASP I 55 18.83 -39.92 -9.54
N LYS I 56 19.90 -39.23 -9.92
CA LYS I 56 20.00 -37.80 -9.72
C LYS I 56 20.31 -37.12 -11.05
N LEU I 57 20.57 -35.80 -10.99
CA LEU I 57 20.67 -34.98 -12.19
C LEU I 57 21.87 -34.05 -12.07
N LEU I 58 22.68 -34.00 -13.12
CA LEU I 58 23.88 -33.17 -13.15
C LEU I 58 23.71 -32.01 -14.13
N PHE I 59 24.38 -30.90 -13.84
CA PHE I 59 24.44 -29.74 -14.73
C PHE I 59 25.91 -29.35 -14.93
N ALA I 60 26.30 -29.05 -16.17
CA ALA I 60 27.66 -28.58 -16.44
C ALA I 60 27.63 -27.60 -17.61
N GLN I 61 28.60 -26.70 -17.61
CA GLN I 61 28.59 -25.52 -18.46
C GLN I 61 29.59 -25.66 -19.61
N VAL I 62 29.19 -25.19 -20.79
CA VAL I 62 30.10 -25.10 -21.91
C VAL I 62 31.16 -24.04 -21.64
N LEU I 63 32.26 -24.14 -22.40
CA LEU I 63 33.37 -23.20 -22.30
C LEU I 63 33.44 -22.25 -23.48
N SER I 64 33.12 -22.74 -24.68
CA SER I 64 33.34 -21.98 -25.89
C SER I 64 32.44 -20.75 -25.96
N SER I 65 32.90 -19.74 -26.70
CA SER I 65 32.14 -18.54 -26.99
C SER I 65 31.44 -18.61 -28.36
N ASN I 66 31.66 -19.67 -29.11
CA ASN I 66 31.13 -19.84 -30.46
C ASN I 66 30.07 -20.95 -30.43
N ALA I 67 28.93 -20.70 -31.09
CA ALA I 67 27.79 -21.62 -30.95
C ALA I 67 28.11 -23.02 -31.44
N ASP I 68 28.82 -23.12 -32.57
CA ASP I 68 29.16 -24.44 -33.10
C ASP I 68 29.98 -25.24 -32.10
N GLU I 69 30.97 -24.60 -31.48
CA GLU I 69 31.81 -25.31 -30.52
C GLU I 69 31.08 -25.56 -29.19
N MET I 70 30.15 -24.68 -28.81
CA MET I 70 29.28 -25.00 -27.68
C MET I 70 28.52 -26.30 -27.91
N ILE I 71 28.08 -26.52 -29.15
CA ILE I 71 27.32 -27.73 -29.49
C ILE I 71 28.20 -28.96 -29.32
N LYS I 72 29.40 -28.94 -29.93
CA LYS I 72 30.32 -30.06 -29.78
C LYS I 72 30.68 -30.30 -28.31
N GLU I 73 30.86 -29.22 -27.54
CA GLU I 73 31.14 -29.40 -26.11
C GLU I 73 29.96 -30.07 -25.41
N THR I 74 28.73 -29.73 -25.82
CA THR I 74 27.57 -30.41 -25.25
C THR I 74 27.63 -31.90 -25.54
N TYR I 75 28.01 -32.29 -26.77
CA TYR I 75 28.11 -33.71 -27.12
C TYR I 75 29.11 -34.41 -26.22
N GLN I 76 30.29 -33.81 -26.02
CA GLN I 76 31.24 -34.34 -25.04
C GLN I 76 30.58 -34.55 -23.68
N LEU I 77 29.82 -33.56 -23.22
CA LEU I 77 29.17 -33.68 -21.92
C LEU I 77 28.16 -34.84 -21.91
N ARG I 78 27.28 -34.90 -22.93
CA ARG I 78 26.30 -35.98 -22.98
C ARG I 78 26.97 -37.35 -23.08
N LYS I 79 28.09 -37.45 -23.81
CA LYS I 79 28.77 -38.73 -23.89
C LYS I 79 29.26 -39.20 -22.52
N ALA I 80 29.71 -38.27 -21.68
CA ALA I 80 30.20 -38.65 -20.35
C ALA I 80 29.04 -38.92 -19.41
N VAL I 81 27.98 -38.12 -19.49
CA VAL I 81 26.83 -38.20 -18.60
C VAL I 81 25.58 -38.05 -19.45
N PRO I 82 24.96 -39.17 -19.88
CA PRO I 82 23.95 -39.07 -20.96
C PRO I 82 22.75 -38.19 -20.63
N SER I 83 22.32 -38.11 -19.37
CA SER I 83 21.18 -37.28 -19.01
C SER I 83 21.56 -35.87 -18.55
N ILE I 84 22.81 -35.44 -18.77
CA ILE I 84 23.27 -34.17 -18.23
C ILE I 84 22.50 -33.02 -18.87
N VAL I 85 22.27 -31.96 -18.10
CA VAL I 85 21.73 -30.70 -18.60
C VAL I 85 22.88 -29.74 -18.82
N THR I 86 22.98 -29.17 -20.01
CA THR I 86 24.11 -28.32 -20.36
C THR I 86 23.76 -26.86 -20.11
N LYS I 87 24.67 -26.14 -19.46
CA LYS I 87 24.46 -24.74 -19.12
C LYS I 87 25.14 -23.90 -20.18
N ILE I 88 24.39 -22.96 -20.76
CA ILE I 88 24.85 -22.18 -21.89
C ILE I 88 24.62 -20.71 -21.55
N PRO I 89 25.65 -19.87 -21.58
CA PRO I 89 25.45 -18.47 -21.19
C PRO I 89 24.48 -17.80 -22.16
N VAL I 90 23.59 -16.97 -21.62
CA VAL I 90 22.55 -16.35 -22.44
C VAL I 90 23.12 -15.07 -23.04
N ASN I 91 23.72 -15.22 -24.22
CA ASN I 91 24.09 -14.12 -25.10
C ASN I 91 23.72 -14.53 -26.51
N ALA I 92 24.13 -13.72 -27.50
CA ALA I 92 23.74 -14.00 -28.88
C ALA I 92 24.17 -15.40 -29.33
N GLN I 93 25.44 -15.75 -29.12
CA GLN I 93 25.89 -17.08 -29.52
C GLN I 93 25.22 -18.17 -28.68
N GLY I 94 24.99 -17.89 -27.39
CA GLY I 94 24.32 -18.87 -26.57
C GLY I 94 22.91 -19.16 -27.02
N LEU I 95 22.17 -18.12 -27.44
CA LEU I 95 20.81 -18.30 -27.94
C LEU I 95 20.80 -19.19 -29.17
N ILE I 96 21.75 -18.98 -30.08
CA ILE I 96 21.83 -19.82 -31.28
C ILE I 96 22.03 -21.27 -30.87
N ALA I 97 22.92 -21.52 -29.91
CA ALA I 97 23.16 -22.89 -29.47
C ALA I 97 21.92 -23.51 -28.83
N ILE I 98 21.20 -22.72 -28.01
CA ILE I 98 20.03 -23.25 -27.32
C ILE I 98 18.93 -23.64 -28.31
N LYS I 99 18.60 -22.74 -29.24
CA LYS I 99 17.66 -23.08 -30.32
C LYS I 99 18.05 -24.41 -30.95
N GLU I 100 19.30 -24.54 -31.35
CA GLU I 100 19.71 -25.72 -32.09
C GLU I 100 19.65 -26.97 -31.22
N LEU I 101 20.10 -26.87 -29.98
CA LEU I 101 20.07 -28.03 -29.09
C LEU I 101 18.64 -28.45 -28.78
N THR I 102 17.74 -27.46 -28.61
CA THR I 102 16.32 -27.76 -28.45
C THR I 102 15.81 -28.60 -29.63
N GLN I 103 16.22 -28.25 -30.85
CA GLN I 103 15.74 -29.00 -32.01
C GLN I 103 16.26 -30.43 -32.02
N GLN I 104 17.42 -30.67 -31.41
CA GLN I 104 17.93 -32.02 -31.27
C GLN I 104 17.33 -32.76 -30.09
N GLY I 105 16.46 -32.12 -29.30
CA GLY I 105 15.92 -32.76 -28.13
C GLY I 105 16.87 -32.83 -26.96
N ILE I 106 17.81 -31.90 -26.87
CA ILE I 106 18.81 -31.89 -25.80
C ILE I 106 18.44 -30.78 -24.82
N PRO I 107 18.19 -31.09 -23.56
CA PRO I 107 17.76 -30.05 -22.63
C PRO I 107 18.91 -29.12 -22.28
N THR I 108 18.58 -27.85 -22.10
CA THR I 108 19.57 -26.83 -21.79
C THR I 108 19.13 -26.00 -20.60
N LEU I 109 20.12 -25.38 -19.97
CA LEU I 109 19.93 -24.34 -18.96
C LEU I 109 20.55 -23.06 -19.51
N GLY I 110 19.77 -21.99 -19.52
CA GLY I 110 20.32 -20.69 -19.89
C GLY I 110 20.88 -20.00 -18.67
N THR I 111 22.19 -19.81 -18.60
CA THR I 111 22.84 -19.35 -17.36
C THR I 111 23.38 -17.93 -17.51
N ALA I 112 23.93 -17.43 -16.39
CA ALA I 112 24.51 -16.09 -16.35
C ALA I 112 23.47 -15.03 -16.70
N VAL I 113 22.28 -15.19 -16.14
CA VAL I 113 21.16 -14.28 -16.41
C VAL I 113 21.18 -13.17 -15.36
N TYR I 114 21.28 -11.93 -15.82
CA TYR I 114 21.30 -10.76 -14.95
C TYR I 114 20.04 -9.92 -15.07
N GLY I 115 19.18 -10.19 -16.06
CA GLY I 115 17.96 -9.44 -16.22
C GLY I 115 16.83 -10.35 -16.68
N ALA I 116 15.60 -9.91 -16.38
CA ALA I 116 14.42 -10.71 -16.67
C ALA I 116 14.19 -10.87 -18.17
N GLY I 117 14.31 -9.77 -18.93
CA GLY I 117 14.18 -9.88 -20.38
C GLY I 117 15.18 -10.85 -21.00
N GLN I 118 16.45 -10.75 -20.60
CA GLN I 118 17.48 -11.67 -21.10
C GLN I 118 17.11 -13.12 -20.81
N GLY I 119 16.74 -13.42 -19.56
CA GLY I 119 16.40 -14.79 -19.22
C GLY I 119 15.14 -15.27 -19.91
N PHE I 120 14.19 -14.37 -20.10
CA PHE I 120 12.95 -14.75 -20.79
C PHE I 120 13.23 -15.20 -22.23
N LEU I 121 14.20 -14.55 -22.89
CA LEU I 121 14.52 -14.92 -24.27
C LEU I 121 15.09 -16.33 -24.36
N ALA I 122 15.90 -16.73 -23.38
CA ALA I 122 16.42 -18.10 -23.39
C ALA I 122 15.30 -19.12 -23.21
N ALA I 123 14.28 -18.77 -22.42
CA ALA I 123 13.13 -19.67 -22.26
C ALA I 123 12.34 -19.79 -23.57
N LEU I 124 12.04 -18.67 -24.23
CA LEU I 124 11.40 -18.74 -25.54
C LEU I 124 12.26 -19.47 -26.57
N ALA I 125 13.58 -19.44 -26.42
CA ALA I 125 14.42 -20.16 -27.37
C ALA I 125 14.45 -21.65 -27.09
N GLY I 126 13.89 -22.10 -25.98
CA GLY I 126 13.75 -23.53 -25.72
C GLY I 126 14.44 -24.01 -24.46
N ALA I 127 15.13 -23.15 -23.71
CA ALA I 127 15.85 -23.60 -22.53
C ALA I 127 14.84 -23.97 -21.45
N LYS I 128 14.96 -25.18 -20.90
CA LYS I 128 14.05 -25.59 -19.85
C LYS I 128 14.33 -24.86 -18.54
N TYR I 129 15.60 -24.73 -18.16
CA TYR I 129 16.00 -24.03 -16.95
C TYR I 129 16.57 -22.66 -17.29
N ILE I 130 16.28 -21.67 -16.44
CA ILE I 130 16.82 -20.33 -16.53
C ILE I 130 17.45 -20.00 -15.17
N ALA I 131 18.76 -19.71 -15.15
CA ALA I 131 19.49 -19.46 -13.90
C ALA I 131 19.90 -18.00 -13.74
N PRO I 132 19.13 -17.17 -13.05
CA PRO I 132 19.64 -15.84 -12.71
C PRO I 132 20.75 -15.96 -11.69
N TYR I 133 21.76 -15.10 -11.81
CA TYR I 133 22.84 -15.04 -10.83
C TYR I 133 22.43 -14.09 -9.71
N VAL I 134 21.70 -14.63 -8.73
CA VAL I 134 21.04 -13.80 -7.72
C VAL I 134 22.06 -12.91 -7.00
N ASN I 135 23.10 -13.51 -6.43
CA ASN I 135 24.04 -12.71 -5.65
C ASN I 135 24.82 -11.73 -6.52
N ARG I 136 25.13 -12.09 -7.76
CA ARG I 136 25.88 -11.17 -8.61
C ARG I 136 25.06 -9.92 -8.90
N ILE I 137 23.76 -10.07 -9.13
CA ILE I 137 22.88 -8.92 -9.32
C ILE I 137 22.94 -8.01 -8.09
N ASP I 138 22.86 -8.61 -6.88
CA ASP I 138 23.00 -7.82 -5.66
C ASP I 138 24.39 -7.19 -5.57
N ALA I 139 25.42 -7.91 -6.01
CA ALA I 139 26.79 -7.42 -5.83
C ALA I 139 27.10 -6.23 -6.72
N GLN I 140 26.33 -6.04 -7.78
CA GLN I 140 26.59 -5.01 -8.78
C GLN I 140 25.51 -3.92 -8.77
N GLY I 141 25.06 -3.53 -7.58
CA GLY I 141 24.14 -2.42 -7.43
C GLY I 141 22.70 -2.70 -7.83
N GLY I 142 22.32 -3.96 -8.03
CA GLY I 142 20.96 -4.30 -8.37
C GLY I 142 20.12 -4.67 -7.16
N ASN I 143 18.95 -5.24 -7.45
CA ASN I 143 18.04 -5.76 -6.44
C ASN I 143 17.59 -7.14 -6.92
N SER I 144 18.25 -8.19 -6.46
CA SER I 144 17.98 -9.51 -7.03
C SER I 144 16.54 -9.95 -6.80
N LYS I 145 15.95 -9.56 -5.66
CA LYS I 145 14.58 -9.97 -5.39
C LYS I 145 13.64 -9.41 -6.45
N ASP I 146 13.85 -8.16 -6.88
CA ASP I 146 13.05 -7.59 -7.97
C ASP I 146 13.29 -8.34 -9.28
N THR I 147 14.54 -8.63 -9.61
CA THR I 147 14.80 -9.27 -10.90
C THR I 147 14.20 -10.67 -10.95
N VAL I 148 14.27 -11.40 -9.85
CA VAL I 148 13.76 -12.76 -9.84
C VAL I 148 12.24 -12.77 -9.88
N LEU I 149 11.60 -11.83 -9.18
CA LEU I 149 10.14 -11.73 -9.25
C LEU I 149 9.69 -11.46 -10.69
N GLU I 150 10.38 -10.57 -11.40
CA GLU I 150 10.00 -10.25 -12.77
C GLU I 150 10.18 -11.46 -13.69
N LEU I 151 11.32 -12.14 -13.57
CA LEU I 151 11.57 -13.30 -14.42
C LEU I 151 10.54 -14.39 -14.19
N GLN I 152 10.28 -14.72 -12.92
CA GLN I 152 9.30 -15.77 -12.62
C GLN I 152 7.91 -15.40 -13.18
N LYS I 153 7.52 -14.13 -13.02
CA LYS I 153 6.25 -13.65 -13.59
C LYS I 153 6.19 -13.86 -15.11
N LEU I 154 7.28 -13.55 -15.82
CA LEU I 154 7.28 -13.74 -17.27
C LEU I 154 7.05 -15.22 -17.62
N LEU I 155 7.75 -16.12 -16.91
CA LEU I 155 7.59 -17.53 -17.18
C LEU I 155 6.18 -18.01 -16.85
N ASP I 156 5.61 -17.51 -15.73
CA ASP I 156 4.24 -17.88 -15.39
C ASP I 156 3.25 -17.42 -16.45
N LEU I 157 3.46 -16.23 -17.01
CA LEU I 157 2.55 -15.69 -18.01
C LEU I 157 2.73 -16.35 -19.37
N HIS I 158 3.93 -16.82 -19.72
CA HIS I 158 4.17 -17.19 -21.12
C HIS I 158 5.00 -18.44 -21.36
N CYS I 159 5.59 -19.09 -20.36
CA CYS I 159 6.49 -20.22 -20.57
C CYS I 159 6.25 -21.32 -19.56
N PRO I 160 5.12 -22.02 -19.66
CA PRO I 160 4.81 -23.05 -18.66
C PRO I 160 5.81 -24.18 -18.62
N GLN I 161 6.45 -24.51 -19.74
CA GLN I 161 7.41 -25.59 -19.78
C GLN I 161 8.80 -25.19 -19.26
N SER I 162 9.03 -23.93 -18.93
CA SER I 162 10.32 -23.50 -18.43
C SER I 162 10.20 -23.11 -16.96
N LEU I 163 11.33 -23.18 -16.24
CA LEU I 163 11.32 -22.81 -14.82
C LEU I 163 12.63 -22.10 -14.47
N VAL I 164 12.56 -21.29 -13.42
CA VAL I 164 13.77 -20.63 -12.92
C VAL I 164 14.54 -21.62 -12.07
N LEU I 165 15.84 -21.74 -12.32
CA LEU I 165 16.76 -22.45 -11.42
C LEU I 165 17.59 -21.36 -10.73
N ALA I 166 17.16 -20.95 -9.54
CA ALA I 166 17.83 -19.84 -8.87
C ALA I 166 19.22 -20.25 -8.38
N ALA I 167 20.22 -19.39 -8.59
CA ALA I 167 21.60 -19.76 -8.31
C ALA I 167 22.38 -18.54 -7.84
N SER I 168 23.59 -18.79 -7.31
CA SER I 168 24.51 -17.75 -6.84
C SER I 168 24.02 -17.13 -5.53
N PHE I 169 24.49 -17.65 -4.39
CA PHE I 169 23.95 -17.23 -3.10
C PHE I 169 25.05 -17.02 -2.07
N ARG I 170 24.92 -15.93 -1.31
CA ARG I 170 25.69 -15.73 -0.09
C ARG I 170 24.87 -15.80 1.19
N THR I 171 23.54 -15.66 1.12
CA THR I 171 22.73 -15.70 2.34
C THR I 171 21.48 -16.55 2.14
N PRO I 172 21.04 -17.24 3.20
CA PRO I 172 19.75 -17.93 3.12
C PRO I 172 18.60 -17.00 2.79
N ARG I 173 18.70 -15.73 3.18
CA ARG I 173 17.64 -14.76 2.85
C ARG I 173 17.43 -14.66 1.35
N GLN I 174 18.53 -14.59 0.60
CA GLN I 174 18.43 -14.56 -0.86
C GLN I 174 17.73 -15.81 -1.38
N ALA I 175 18.15 -16.99 -0.91
CA ALA I 175 17.57 -18.23 -1.40
C ALA I 175 16.08 -18.31 -1.06
N LEU I 176 15.70 -17.90 0.16
CA LEU I 176 14.30 -17.97 0.55
C LEU I 176 13.44 -17.05 -0.31
N ASP I 177 13.92 -15.82 -0.56
CA ASP I 177 13.14 -14.90 -1.40
C ASP I 177 12.90 -15.48 -2.80
N CYS I 178 13.84 -16.27 -3.34
CA CYS I 178 13.61 -16.89 -4.65
C CYS I 178 12.49 -17.92 -4.62
N ILE I 179 12.49 -18.82 -3.63
CA ILE I 179 11.41 -19.80 -3.65
C ILE I 179 10.08 -19.16 -3.24
N LEU I 180 10.11 -18.10 -2.44
CA LEU I 180 8.90 -17.33 -2.19
C LEU I 180 8.37 -16.66 -3.46
N ALA I 181 9.26 -16.31 -4.39
CA ALA I 181 8.84 -15.72 -5.65
C ALA I 181 8.22 -16.74 -6.59
N GLY I 182 8.35 -18.03 -6.31
CA GLY I 182 7.74 -19.06 -7.12
C GLY I 182 8.72 -19.95 -7.85
N CYS I 183 10.03 -19.63 -7.84
CA CYS I 183 11.03 -20.46 -8.52
C CYS I 183 10.87 -21.92 -8.13
N LYS I 184 10.82 -22.80 -9.13
CA LYS I 184 10.58 -24.21 -8.90
C LYS I 184 11.86 -25.01 -8.72
N SER I 185 13.02 -24.39 -8.86
CA SER I 185 14.25 -25.11 -8.61
C SER I 185 15.28 -24.12 -8.08
N ILE I 186 16.29 -24.64 -7.38
CA ILE I 186 17.27 -23.78 -6.73
C ILE I 186 18.50 -24.62 -6.46
N THR I 187 19.67 -24.00 -6.55
CA THR I 187 20.90 -24.69 -6.24
C THR I 187 21.68 -23.90 -5.20
N LEU I 188 22.11 -24.58 -4.15
CA LEU I 188 22.66 -23.89 -2.99
C LEU I 188 24.13 -24.26 -2.80
N PRO I 189 24.99 -23.30 -2.52
CA PRO I 189 26.34 -23.65 -2.06
C PRO I 189 26.29 -24.28 -0.68
N VAL I 190 27.39 -24.93 -0.30
CA VAL I 190 27.41 -25.71 0.93
C VAL I 190 27.13 -24.81 2.15
N ASP I 191 27.75 -23.63 2.22
CA ASP I 191 27.59 -22.82 3.42
C ASP I 191 26.15 -22.35 3.59
N VAL I 192 25.48 -21.98 2.50
CA VAL I 192 24.10 -21.53 2.62
C VAL I 192 23.18 -22.69 2.99
N ALA I 193 23.39 -23.86 2.36
CA ALA I 193 22.56 -25.03 2.65
C ALA I 193 22.63 -25.39 4.13
N GLU I 194 23.83 -25.42 4.69
CA GLU I 194 23.99 -25.77 6.10
C GLU I 194 23.37 -24.73 7.04
N LEU I 195 23.37 -23.45 6.64
CA LEU I 195 22.78 -22.43 7.50
C LEU I 195 21.30 -22.68 7.71
N PHE I 196 20.62 -23.29 6.74
CA PHE I 196 19.19 -23.56 6.86
C PHE I 196 18.90 -24.54 7.99
N ILE I 197 19.84 -25.41 8.32
CA ILE I 197 19.62 -26.45 9.32
C ILE I 197 20.54 -26.31 10.53
N SER I 198 21.08 -25.11 10.79
CA SER I 198 21.99 -24.93 11.92
C SER I 198 21.66 -23.66 12.72
N ASP I 199 20.37 -23.39 12.91
CA ASP I 199 19.93 -22.29 13.77
C ASP I 199 20.23 -22.60 15.23
N PRO I 200 20.99 -21.75 15.95
CA PRO I 200 21.26 -22.05 17.36
C PRO I 200 20.01 -22.09 18.22
N ALA I 201 18.93 -21.39 17.85
CA ALA I 201 17.69 -21.46 18.62
C ALA I 201 17.15 -22.89 18.67
N VAL I 202 17.41 -23.69 17.64
CA VAL I 202 16.86 -25.05 17.59
C VAL I 202 17.60 -25.96 18.56
N ASP I 203 18.94 -25.91 18.54
CA ASP I 203 19.71 -26.65 19.54
C ASP I 203 19.33 -26.24 20.96
N ALA I 204 19.06 -24.95 21.16
CA ALA I 204 18.76 -24.46 22.49
C ALA I 204 17.42 -25.00 23.01
N VAL I 205 16.41 -25.10 22.14
CA VAL I 205 15.12 -25.57 22.61
C VAL I 205 15.15 -27.09 22.81
N ILE I 206 15.94 -27.81 22.02
CA ILE I 206 16.07 -29.25 22.25
C ILE I 206 16.82 -29.50 23.55
N THR I 207 17.82 -28.67 23.85
CA THR I 207 18.52 -28.81 25.13
C THR I 207 17.56 -28.62 26.29
N LYS I 208 16.69 -27.61 26.21
CA LYS I 208 15.71 -27.39 27.26
C LYS I 208 14.73 -28.57 27.35
N PHE I 209 14.25 -29.06 26.20
CA PHE I 209 13.42 -30.27 26.17
C PHE I 209 14.08 -31.40 26.95
N ASP I 210 15.34 -31.70 26.63
CA ASP I 210 16.05 -32.78 27.29
C ASP I 210 16.21 -32.52 28.80
N GLN I 211 16.45 -31.26 29.18
CA GLN I 211 16.56 -30.94 30.60
C GLN I 211 15.25 -31.20 31.33
N ASP I 212 14.14 -30.71 30.79
CA ASP I 212 12.83 -30.93 31.43
C ASP I 212 12.53 -32.42 31.55
N TRP I 213 12.88 -33.19 30.52
CA TRP I 213 12.58 -34.63 30.49
C TRP I 213 13.46 -35.37 31.50
N CYS I 214 14.76 -35.07 31.52
CA CYS I 214 15.63 -35.75 32.47
C CYS I 214 15.32 -35.36 33.90
N ASN I 215 14.90 -34.12 34.13
CA ASN I 215 14.53 -33.71 35.48
C ASN I 215 13.28 -34.44 35.97
N ALA I 216 12.35 -34.72 35.05
CA ALA I 216 11.13 -35.42 35.42
C ALA I 216 11.33 -36.92 35.57
N PHE I 217 12.19 -37.54 34.74
CA PHE I 217 12.17 -38.98 34.61
C PHE I 217 13.49 -39.68 34.89
N GLY I 218 14.63 -38.99 34.81
CA GLY I 218 15.90 -39.61 35.11
C GLY I 218 16.55 -40.42 34.00
N THR I 219 15.88 -40.57 32.84
CA THR I 219 16.46 -41.16 31.63
C THR I 219 15.99 -40.37 30.43
N LEU I 220 16.85 -40.28 29.42
CA LEU I 220 16.44 -39.73 28.12
C LEU I 220 15.94 -40.86 27.21
N SER I 221 14.89 -41.53 27.69
CA SER I 221 14.32 -42.66 26.97
C SER I 221 12.84 -42.75 27.33
N PHE I 222 12.11 -43.54 26.55
CA PHE I 222 10.71 -43.80 26.83
C PHE I 222 10.62 -44.91 27.88
N GLY J 2 1.51 -18.20 -24.23
CA GLY J 2 2.46 -17.99 -25.32
C GLY J 2 2.79 -16.53 -25.55
N MET J 3 3.85 -16.26 -26.31
CA MET J 3 4.32 -14.91 -26.57
C MET J 3 4.70 -14.75 -28.04
N GLU J 4 4.21 -13.68 -28.68
CA GLU J 4 4.58 -13.36 -30.06
C GLU J 4 5.53 -12.18 -30.05
N LEU J 5 6.75 -12.38 -30.56
CA LEU J 5 7.77 -11.34 -30.62
C LEU J 5 8.01 -10.95 -32.07
N TYR J 6 7.83 -9.66 -32.36
CA TYR J 6 8.03 -9.13 -33.69
C TYR J 6 9.17 -8.11 -33.67
N LEU J 7 9.75 -7.88 -34.84
CA LEU J 7 10.71 -6.82 -35.06
C LEU J 7 10.04 -5.67 -35.82
N ASP J 8 10.31 -4.45 -35.36
CA ASP J 8 9.72 -3.23 -35.92
C ASP J 8 10.77 -2.55 -36.79
N THR J 9 10.96 -3.08 -38.00
CA THR J 9 12.01 -2.60 -38.88
C THR J 9 11.78 -3.08 -40.30
N ALA J 10 12.56 -2.50 -41.22
CA ALA J 10 12.64 -2.97 -42.60
C ALA J 10 14.07 -3.27 -43.03
N ASP J 11 15.01 -3.31 -42.07
CA ASP J 11 16.42 -3.56 -42.32
C ASP J 11 16.61 -5.06 -42.54
N ILE J 12 16.70 -5.47 -43.82
CA ILE J 12 16.76 -6.90 -44.14
C ILE J 12 18.00 -7.52 -43.53
N VAL J 13 19.12 -6.79 -43.50
CA VAL J 13 20.33 -7.31 -42.88
C VAL J 13 20.11 -7.56 -41.40
N ALA J 14 19.51 -6.60 -40.70
CA ALA J 14 19.30 -6.77 -39.26
C ALA J 14 18.25 -7.85 -38.97
N ILE J 15 17.18 -7.90 -39.78
CA ILE J 15 16.15 -8.93 -39.58
C ILE J 15 16.76 -10.31 -39.70
N LYS J 16 17.53 -10.55 -40.77
CA LYS J 16 18.17 -11.84 -40.97
C LYS J 16 19.09 -12.18 -39.81
N ARG J 17 19.82 -11.18 -39.29
CA ARG J 17 20.74 -11.42 -38.19
C ARG J 17 19.98 -11.72 -36.89
N LEU J 18 18.92 -10.96 -36.61
CA LEU J 18 18.23 -11.12 -35.35
C LEU J 18 17.30 -12.35 -35.34
N ALA J 19 16.79 -12.77 -36.50
CA ALA J 19 15.94 -13.97 -36.55
C ALA J 19 16.73 -15.23 -36.23
N LYS J 20 18.04 -15.25 -36.53
CA LYS J 20 18.87 -16.39 -36.16
C LYS J 20 19.18 -16.41 -34.67
N VAL J 21 19.10 -15.27 -33.99
CA VAL J 21 19.40 -15.18 -32.56
C VAL J 21 18.13 -15.21 -31.72
N LEU J 22 17.16 -14.36 -32.03
CA LEU J 22 15.96 -14.24 -31.22
C LEU J 22 14.82 -15.10 -31.78
N PRO J 23 13.93 -15.55 -30.91
CA PRO J 23 12.74 -16.31 -31.38
C PRO J 23 11.64 -15.37 -31.86
N ILE J 24 11.74 -14.94 -33.11
CA ILE J 24 10.82 -13.92 -33.64
C ILE J 24 9.73 -14.60 -34.45
N SER J 25 8.56 -13.97 -34.44
CA SER J 25 7.39 -14.48 -35.15
C SER J 25 7.09 -13.70 -36.42
N GLY J 26 7.81 -12.63 -36.70
CA GLY J 26 7.53 -11.85 -37.89
C GLY J 26 8.02 -10.42 -37.72
N VAL J 27 7.48 -9.55 -38.57
CA VAL J 27 7.98 -8.19 -38.74
C VAL J 27 6.78 -7.26 -38.91
N THR J 28 6.79 -6.13 -38.20
CA THR J 28 5.80 -5.08 -38.37
C THR J 28 6.45 -3.89 -39.08
N THR J 29 5.66 -3.22 -39.91
CA THR J 29 6.07 -1.98 -40.55
C THR J 29 5.00 -0.91 -40.31
N ASN J 30 5.35 0.33 -40.59
CA ASN J 30 4.39 1.45 -40.58
C ASN J 30 4.81 2.38 -41.71
N PRO J 31 4.01 3.41 -42.07
CA PRO J 31 4.35 4.21 -43.25
C PRO J 31 5.72 4.89 -43.16
N SER J 32 6.18 5.25 -41.96
CA SER J 32 7.50 5.89 -41.83
C SER J 32 8.63 4.88 -42.01
N ILE J 33 8.45 3.67 -41.49
CA ILE J 33 9.48 2.63 -41.65
C ILE J 33 9.67 2.29 -43.12
N VAL J 34 8.57 2.19 -43.87
CA VAL J 34 8.66 1.89 -45.29
C VAL J 34 9.26 3.06 -46.05
N ALA J 35 8.80 4.27 -45.77
CA ALA J 35 9.34 5.46 -46.42
C ALA J 35 10.85 5.54 -46.22
N LYS J 36 11.31 5.30 -44.99
CA LYS J 36 12.75 5.34 -44.70
C LYS J 36 13.53 4.25 -45.44
N SER J 37 12.84 3.20 -45.92
CA SER J 37 13.52 2.14 -46.66
C SER J 37 13.92 2.59 -48.05
N GLY J 38 13.17 3.54 -48.62
CA GLY J 38 13.33 3.87 -50.01
C GLY J 38 12.77 2.85 -50.98
N LYS J 39 12.28 1.72 -50.49
CA LYS J 39 11.73 0.68 -51.35
C LYS J 39 10.22 0.81 -51.47
N PRO J 40 9.66 0.66 -52.68
CA PRO J 40 8.20 0.57 -52.80
C PRO J 40 7.68 -0.62 -52.01
N ILE J 41 6.44 -0.49 -51.53
CA ILE J 41 5.98 -1.36 -50.46
C ILE J 41 5.83 -2.81 -50.93
N PHE J 42 5.37 -3.02 -52.17
CA PHE J 42 5.22 -4.39 -52.66
C PHE J 42 6.59 -5.05 -52.89
N LEU J 43 7.59 -4.29 -53.30
CA LEU J 43 8.95 -4.82 -53.35
C LEU J 43 9.45 -5.16 -51.95
N LEU J 44 9.26 -4.26 -50.99
CA LEU J 44 9.68 -4.54 -49.63
C LEU J 44 8.96 -5.75 -49.07
N LEU J 45 7.64 -5.85 -49.29
CA LEU J 45 6.89 -6.99 -48.75
C LEU J 45 7.40 -8.31 -49.34
N ASN J 46 7.75 -8.31 -50.63
CA ASN J 46 8.33 -9.52 -51.22
C ASN J 46 9.64 -9.89 -50.54
N GLU J 47 10.52 -8.90 -50.32
CA GLU J 47 11.79 -9.18 -49.66
C GLU J 47 11.59 -9.69 -48.23
N LEU J 48 10.62 -9.13 -47.51
CA LEU J 48 10.40 -9.56 -46.14
C LEU J 48 9.93 -11.01 -46.09
N GLN J 49 9.03 -11.40 -46.99
CA GLN J 49 8.64 -12.81 -47.09
C GLN J 49 9.86 -13.69 -47.37
N GLU J 50 10.68 -13.29 -48.34
CA GLU J 50 11.86 -14.07 -48.69
C GLU J 50 12.80 -14.22 -47.50
N VAL J 51 13.05 -13.13 -46.77
CA VAL J 51 13.98 -13.19 -45.65
C VAL J 51 13.41 -14.03 -44.51
N LEU J 52 12.11 -13.93 -44.27
CA LEU J 52 11.50 -14.56 -43.10
C LEU J 52 11.05 -15.99 -43.35
N GLY J 53 10.72 -16.34 -44.60
CA GLY J 53 10.06 -17.61 -44.85
C GLY J 53 8.57 -17.53 -44.56
N SER J 54 7.91 -18.68 -44.72
CA SER J 54 6.45 -18.71 -44.71
C SER J 54 5.83 -18.82 -43.32
N ASP J 55 6.55 -19.33 -42.34
CA ASP J 55 6.00 -19.54 -41.01
C ASP J 55 6.03 -18.27 -40.15
N LYS J 56 6.06 -17.09 -40.76
CA LYS J 56 6.12 -15.83 -40.04
C LYS J 56 4.91 -14.96 -40.42
N LEU J 57 4.70 -13.90 -39.66
CA LEU J 57 3.56 -13.02 -39.86
C LEU J 57 4.03 -11.61 -40.14
N LEU J 58 3.36 -10.93 -41.07
CA LEU J 58 3.71 -9.58 -41.50
C LEU J 58 2.58 -8.60 -41.19
N PHE J 59 2.96 -7.36 -40.86
CA PHE J 59 2.02 -6.29 -40.59
C PHE J 59 2.35 -5.07 -41.44
N ALA J 60 1.34 -4.50 -42.10
CA ALA J 60 1.49 -3.28 -42.87
C ALA J 60 0.25 -2.42 -42.70
N GLN J 61 0.42 -1.11 -42.86
CA GLN J 61 -0.59 -0.12 -42.51
C GLN J 61 -1.16 0.58 -43.73
N VAL J 62 -2.47 0.81 -43.72
CA VAL J 62 -3.16 1.58 -44.75
C VAL J 62 -2.66 3.02 -44.74
N LEU J 63 -3.03 3.78 -45.77
CA LEU J 63 -2.57 5.15 -45.93
C LEU J 63 -3.67 6.19 -45.80
N SER J 64 -4.86 5.96 -46.37
CA SER J 64 -5.74 7.11 -46.51
C SER J 64 -6.53 7.36 -45.22
N SER J 65 -7.18 8.51 -45.17
CA SER J 65 -8.02 8.87 -44.06
C SER J 65 -9.48 8.47 -44.26
N ASN J 66 -9.87 8.07 -45.47
CA ASN J 66 -11.24 7.69 -45.76
C ASN J 66 -11.41 6.18 -45.63
N ALA J 67 -12.51 5.76 -45.01
CA ALA J 67 -12.69 4.34 -44.67
C ALA J 67 -12.83 3.48 -45.92
N ASP J 68 -13.52 3.98 -46.95
CA ASP J 68 -13.66 3.22 -48.20
C ASP J 68 -12.29 2.96 -48.83
N GLU J 69 -11.45 3.99 -48.90
CA GLU J 69 -10.13 3.79 -49.48
C GLU J 69 -9.24 2.92 -48.59
N MET J 70 -9.43 2.98 -47.26
CA MET J 70 -8.67 2.09 -46.39
C MET J 70 -8.98 0.64 -46.70
N ILE J 71 -10.25 0.34 -46.95
CA ILE J 71 -10.66 -1.02 -47.29
C ILE J 71 -10.03 -1.44 -48.62
N LYS J 72 -10.08 -0.57 -49.62
CA LYS J 72 -9.40 -0.83 -50.88
C LYS J 72 -7.92 -1.14 -50.65
N GLU J 73 -7.26 -0.30 -49.85
CA GLU J 73 -5.84 -0.51 -49.57
C GLU J 73 -5.61 -1.83 -48.85
N THR J 74 -6.54 -2.24 -47.99
CA THR J 74 -6.42 -3.55 -47.34
C THR J 74 -6.44 -4.67 -48.37
N TYR J 75 -7.35 -4.60 -49.34
CA TYR J 75 -7.39 -5.65 -50.37
C TYR J 75 -6.08 -5.73 -51.13
N GLN J 76 -5.48 -4.58 -51.47
CA GLN J 76 -4.20 -4.59 -52.16
C GLN J 76 -3.13 -5.29 -51.33
N LEU J 77 -3.13 -5.09 -50.00
CA LEU J 77 -2.15 -5.76 -49.16
C LEU J 77 -2.40 -7.25 -49.10
N ARG J 78 -3.67 -7.65 -48.95
CA ARG J 78 -3.99 -9.08 -48.92
C ARG J 78 -3.68 -9.74 -50.26
N LYS J 79 -3.84 -9.01 -51.37
CA LYS J 79 -3.44 -9.58 -52.66
C LYS J 79 -1.94 -9.81 -52.70
N ALA J 80 -1.16 -8.92 -52.10
CA ALA J 80 0.29 -9.02 -52.14
C ALA J 80 0.80 -10.08 -51.16
N VAL J 81 0.28 -10.09 -49.94
CA VAL J 81 0.69 -11.02 -48.88
C VAL J 81 -0.58 -11.55 -48.22
N PRO J 82 -1.08 -12.73 -48.61
CA PRO J 82 -2.44 -13.13 -48.22
C PRO J 82 -2.65 -13.34 -46.72
N SER J 83 -1.61 -13.65 -45.95
CA SER J 83 -1.79 -13.83 -44.51
C SER J 83 -1.53 -12.56 -43.71
N ILE J 84 -1.33 -11.43 -44.40
CA ILE J 84 -0.87 -10.23 -43.72
C ILE J 84 -1.95 -9.70 -42.78
N VAL J 85 -1.51 -8.95 -41.77
CA VAL J 85 -2.39 -8.26 -40.84
C VAL J 85 -2.29 -6.77 -41.14
N THR J 86 -3.43 -6.16 -41.49
CA THR J 86 -3.50 -4.76 -41.88
C THR J 86 -3.65 -3.86 -40.66
N LYS J 87 -2.83 -2.82 -40.58
CA LYS J 87 -2.89 -1.86 -39.47
C LYS J 87 -3.78 -0.69 -39.86
N ILE J 88 -4.71 -0.34 -38.97
CA ILE J 88 -5.65 0.76 -39.16
C ILE J 88 -5.55 1.71 -37.98
N PRO J 89 -5.32 3.01 -38.19
CA PRO J 89 -5.30 3.94 -37.05
C PRO J 89 -6.69 4.05 -36.42
N VAL J 90 -6.73 3.96 -35.10
CA VAL J 90 -8.00 3.97 -34.39
C VAL J 90 -8.53 5.39 -34.27
N ASN J 91 -9.22 5.85 -35.30
CA ASN J 91 -10.04 7.05 -35.27
C ASN J 91 -11.41 6.73 -35.88
N ALA J 92 -12.26 7.76 -36.05
CA ALA J 92 -13.63 7.53 -36.54
C ALA J 92 -13.65 6.74 -37.85
N GLN J 93 -12.85 7.15 -38.82
CA GLN J 93 -12.84 6.43 -40.10
C GLN J 93 -12.21 5.04 -39.95
N GLY J 94 -11.15 4.92 -39.16
CA GLY J 94 -10.57 3.62 -38.96
C GLY J 94 -11.53 2.65 -38.31
N LEU J 95 -12.37 3.14 -37.39
CA LEU J 95 -13.36 2.28 -36.75
C LEU J 95 -14.38 1.77 -37.75
N ILE J 96 -14.87 2.64 -38.65
CA ILE J 96 -15.74 2.18 -39.73
C ILE J 96 -15.05 1.10 -40.55
N ALA J 97 -13.80 1.37 -40.94
CA ALA J 97 -13.04 0.40 -41.72
C ALA J 97 -12.87 -0.92 -40.96
N ILE J 98 -12.61 -0.85 -39.65
CA ILE J 98 -12.37 -2.06 -38.87
C ILE J 98 -13.64 -2.89 -38.75
N LYS J 99 -14.79 -2.24 -38.54
CA LYS J 99 -16.05 -2.98 -38.46
C LYS J 99 -16.39 -3.67 -39.78
N GLU J 100 -16.10 -3.00 -40.90
CA GLU J 100 -16.40 -3.58 -42.21
C GLU J 100 -15.51 -4.78 -42.51
N LEU J 101 -14.21 -4.69 -42.17
CA LEU J 101 -13.28 -5.76 -42.49
C LEU J 101 -13.48 -6.97 -41.58
N THR J 102 -13.95 -6.75 -40.34
CA THR J 102 -14.28 -7.85 -39.46
C THR J 102 -15.48 -8.64 -39.96
N GLN J 103 -16.50 -7.96 -40.46
CA GLN J 103 -17.61 -8.64 -41.10
C GLN J 103 -17.12 -9.53 -42.25
N GLN J 104 -16.10 -9.09 -42.97
CA GLN J 104 -15.55 -9.82 -44.11
C GLN J 104 -14.52 -10.87 -43.73
N GLY J 105 -14.22 -11.04 -42.44
CA GLY J 105 -13.24 -12.04 -42.04
C GLY J 105 -11.79 -11.66 -42.26
N ILE J 106 -11.49 -10.38 -42.44
CA ILE J 106 -10.12 -9.91 -42.67
C ILE J 106 -9.56 -9.45 -41.33
N PRO J 107 -8.42 -9.98 -40.88
CA PRO J 107 -7.89 -9.61 -39.56
C PRO J 107 -7.19 -8.25 -39.59
N THR J 108 -7.32 -7.52 -38.47
CA THR J 108 -6.83 -6.15 -38.43
C THR J 108 -6.11 -5.90 -37.10
N LEU J 109 -5.34 -4.81 -37.11
CA LEU J 109 -4.68 -4.30 -35.92
C LEU J 109 -5.07 -2.84 -35.80
N GLY J 110 -5.66 -2.46 -34.67
CA GLY J 110 -5.95 -1.06 -34.41
C GLY J 110 -4.70 -0.38 -33.88
N THR J 111 -4.18 0.61 -34.62
CA THR J 111 -2.87 1.21 -34.32
C THR J 111 -3.02 2.68 -33.92
N ALA J 112 -1.88 3.29 -33.56
CA ALA J 112 -1.83 4.68 -33.12
C ALA J 112 -2.72 4.90 -31.90
N VAL J 113 -2.64 3.96 -30.96
CA VAL J 113 -3.46 3.99 -29.76
C VAL J 113 -2.70 4.73 -28.68
N TYR J 114 -3.29 5.83 -28.21
CA TYR J 114 -2.69 6.65 -27.16
C TYR J 114 -3.46 6.58 -25.86
N GLY J 115 -4.60 5.90 -25.82
CA GLY J 115 -5.41 5.84 -24.62
C GLY J 115 -6.15 4.51 -24.52
N ALA J 116 -6.40 4.09 -23.27
CA ALA J 116 -7.00 2.78 -23.06
C ALA J 116 -8.40 2.69 -23.68
N GLY J 117 -9.23 3.73 -23.50
CA GLY J 117 -10.57 3.69 -24.04
C GLY J 117 -10.58 3.62 -25.56
N GLN J 118 -9.73 4.43 -26.21
CA GLN J 118 -9.60 4.37 -27.66
C GLN J 118 -9.22 2.97 -28.13
N GLY J 119 -8.26 2.34 -27.46
CA GLY J 119 -7.84 1.01 -27.88
C GLY J 119 -8.93 -0.04 -27.68
N PHE J 120 -9.67 0.08 -26.58
CA PHE J 120 -10.74 -0.85 -26.26
C PHE J 120 -11.85 -0.84 -27.32
N LEU J 121 -12.22 0.35 -27.80
CA LEU J 121 -13.27 0.43 -28.82
C LEU J 121 -12.85 -0.27 -30.11
N ALA J 122 -11.57 -0.21 -30.46
CA ALA J 122 -11.10 -0.92 -31.63
C ALA J 122 -11.23 -2.43 -31.45
N ALA J 123 -10.88 -2.93 -30.26
CA ALA J 123 -11.10 -4.34 -29.94
C ALA J 123 -12.58 -4.72 -30.06
N LEU J 124 -13.46 -3.91 -29.45
CA LEU J 124 -14.90 -4.17 -29.56
C LEU J 124 -15.36 -4.12 -31.01
N ALA J 125 -14.73 -3.29 -31.82
CA ALA J 125 -15.09 -3.21 -33.22
C ALA J 125 -14.62 -4.43 -34.00
N GLY J 126 -13.70 -5.21 -33.44
CA GLY J 126 -13.29 -6.45 -34.08
C GLY J 126 -11.80 -6.62 -34.34
N ALA J 127 -11.00 -5.62 -34.01
CA ALA J 127 -9.56 -5.70 -34.24
C ALA J 127 -8.93 -6.71 -33.29
N LYS J 128 -8.21 -7.68 -33.87
CA LYS J 128 -7.58 -8.71 -33.05
C LYS J 128 -6.42 -8.17 -32.25
N TYR J 129 -5.63 -7.27 -32.83
CA TYR J 129 -4.47 -6.67 -32.17
C TYR J 129 -4.72 -5.19 -31.94
N ILE J 130 -4.29 -4.70 -30.77
CA ILE J 130 -4.35 -3.29 -30.41
C ILE J 130 -2.92 -2.85 -30.10
N ALA J 131 -2.46 -1.80 -30.79
CA ALA J 131 -1.07 -1.36 -30.67
C ALA J 131 -1.02 0.01 -29.99
N PRO J 132 -0.79 0.07 -28.68
CA PRO J 132 -0.49 1.36 -28.05
C PRO J 132 0.87 1.82 -28.51
N TYR J 133 1.02 3.15 -28.64
CA TYR J 133 2.31 3.75 -28.98
C TYR J 133 3.02 4.11 -27.68
N VAL J 134 3.62 3.08 -27.07
CA VAL J 134 4.16 3.18 -25.70
C VAL J 134 5.07 4.39 -25.54
N ASN J 135 6.12 4.48 -26.37
CA ASN J 135 7.08 5.57 -26.18
C ASN J 135 6.47 6.93 -26.52
N ARG J 136 5.50 6.96 -27.43
CA ARG J 136 4.86 8.23 -27.75
C ARG J 136 4.00 8.73 -26.60
N ILE J 137 3.37 7.83 -25.84
CA ILE J 137 2.61 8.26 -24.66
C ILE J 137 3.56 8.88 -23.63
N ASP J 138 4.73 8.29 -23.44
CA ASP J 138 5.73 8.85 -22.53
C ASP J 138 6.27 10.17 -23.05
N ALA J 139 6.43 10.29 -24.39
CA ALA J 139 7.01 11.51 -24.96
C ALA J 139 6.08 12.70 -24.85
N GLN J 140 4.79 12.46 -24.68
CA GLN J 140 3.81 13.54 -24.64
C GLN J 140 3.26 13.75 -23.23
N GLY J 141 4.07 13.47 -22.22
CA GLY J 141 3.70 13.81 -20.86
C GLY J 141 2.80 12.82 -20.17
N GLY J 142 2.60 11.64 -20.74
CA GLY J 142 1.78 10.63 -20.12
C GLY J 142 2.59 9.67 -19.28
N ASN J 143 1.98 8.53 -19.00
CA ASN J 143 2.63 7.44 -18.28
C ASN J 143 2.27 6.18 -19.05
N SER J 144 3.17 5.75 -19.93
CA SER J 144 2.86 4.59 -20.77
C SER J 144 2.61 3.34 -19.91
N LYS J 145 3.36 3.19 -18.82
CA LYS J 145 3.14 2.05 -17.94
C LYS J 145 1.68 1.98 -17.49
N ASP J 146 1.10 3.12 -17.08
CA ASP J 146 -0.28 3.11 -16.61
C ASP J 146 -1.25 2.84 -17.76
N THR J 147 -1.04 3.46 -18.93
CA THR J 147 -1.99 3.29 -20.02
C THR J 147 -2.02 1.85 -20.50
N VAL J 148 -0.85 1.21 -20.61
CA VAL J 148 -0.80 -0.19 -21.05
C VAL J 148 -1.47 -1.11 -20.03
N LEU J 149 -1.24 -0.85 -18.73
CA LEU J 149 -1.89 -1.66 -17.70
C LEU J 149 -3.41 -1.53 -17.82
N GLU J 150 -3.90 -0.30 -18.01
CA GLU J 150 -5.33 -0.09 -18.22
C GLU J 150 -5.85 -0.80 -19.47
N LEU J 151 -5.09 -0.74 -20.59
CA LEU J 151 -5.56 -1.37 -21.81
C LEU J 151 -5.61 -2.88 -21.66
N GLN J 152 -4.58 -3.46 -21.06
CA GLN J 152 -4.56 -4.91 -20.88
C GLN J 152 -5.70 -5.34 -19.96
N LYS J 153 -5.95 -4.60 -18.88
CA LYS J 153 -7.04 -4.92 -17.98
C LYS J 153 -8.39 -4.95 -18.70
N LEU J 154 -8.65 -3.98 -19.57
CA LEU J 154 -9.92 -3.96 -20.28
C LEU J 154 -10.10 -5.19 -21.15
N LEU J 155 -9.04 -5.61 -21.86
CA LEU J 155 -9.14 -6.79 -22.70
C LEU J 155 -9.31 -8.05 -21.88
N ASP J 156 -8.60 -8.15 -20.75
CA ASP J 156 -8.77 -9.30 -19.84
C ASP J 156 -10.21 -9.40 -19.36
N LEU J 157 -10.82 -8.27 -18.98
CA LEU J 157 -12.14 -8.32 -18.37
C LEU J 157 -13.25 -8.48 -19.40
N HIS J 158 -13.09 -7.90 -20.59
CA HIS J 158 -14.21 -7.69 -21.50
C HIS J 158 -13.98 -8.16 -22.93
N CYS J 159 -12.76 -8.49 -23.33
CA CYS J 159 -12.50 -8.79 -24.73
C CYS J 159 -11.29 -9.70 -24.87
N PRO J 160 -11.33 -10.92 -24.33
CA PRO J 160 -10.10 -11.73 -24.22
C PRO J 160 -9.62 -12.32 -25.53
N GLN J 161 -10.46 -12.32 -26.57
CA GLN J 161 -10.09 -12.73 -27.92
C GLN J 161 -9.18 -11.73 -28.62
N SER J 162 -9.01 -10.53 -28.07
CA SER J 162 -8.10 -9.53 -28.61
C SER J 162 -6.85 -9.48 -27.74
N LEU J 163 -5.77 -8.95 -28.30
CA LEU J 163 -4.53 -8.87 -27.55
C LEU J 163 -3.79 -7.57 -27.86
N VAL J 164 -3.00 -7.12 -26.89
CA VAL J 164 -2.17 -5.94 -27.07
C VAL J 164 -0.92 -6.34 -27.84
N LEU J 165 -0.63 -5.60 -28.90
CA LEU J 165 0.68 -5.66 -29.56
C LEU J 165 1.40 -4.37 -29.20
N ALA J 166 2.23 -4.44 -28.15
CA ALA J 166 2.91 -3.25 -27.67
C ALA J 166 3.97 -2.80 -28.67
N ALA J 167 4.01 -1.50 -28.97
CA ALA J 167 4.90 -0.96 -30.00
C ALA J 167 5.48 0.36 -29.53
N SER J 168 6.52 0.81 -30.26
CA SER J 168 7.17 2.11 -30.05
C SER J 168 7.96 2.13 -28.75
N PHE J 169 9.27 1.85 -28.84
CA PHE J 169 10.12 1.71 -27.68
C PHE J 169 11.42 2.47 -27.86
N ARG J 170 11.90 3.09 -26.77
CA ARG J 170 13.26 3.60 -26.67
C ARG J 170 14.13 2.85 -25.66
N THR J 171 13.52 2.15 -24.70
CA THR J 171 14.26 1.44 -23.68
C THR J 171 13.72 0.03 -23.49
N PRO J 172 14.59 -0.93 -23.17
CA PRO J 172 14.13 -2.27 -22.74
C PRO J 172 13.21 -2.23 -21.52
N ARG J 173 13.30 -1.20 -20.68
CA ARG J 173 12.45 -1.13 -19.49
C ARG J 173 10.99 -0.89 -19.89
N GLN J 174 10.75 -0.01 -20.85
CA GLN J 174 9.42 0.11 -21.44
C GLN J 174 8.91 -1.24 -21.94
N ALA J 175 9.74 -1.93 -22.72
CA ALA J 175 9.29 -3.19 -23.32
C ALA J 175 8.98 -4.23 -22.25
N LEU J 176 9.89 -4.37 -21.28
CA LEU J 176 9.71 -5.36 -20.23
C LEU J 176 8.45 -5.07 -19.40
N ASP J 177 8.21 -3.80 -19.08
CA ASP J 177 6.98 -3.45 -18.36
C ASP J 177 5.73 -3.86 -19.14
N CYS J 178 5.77 -3.77 -20.48
CA CYS J 178 4.61 -4.15 -21.27
C CYS J 178 4.33 -5.63 -21.15
N ILE J 179 5.37 -6.45 -21.27
CA ILE J 179 5.12 -7.88 -21.16
C ILE J 179 4.83 -8.30 -19.71
N LEU J 180 5.40 -7.59 -18.72
CA LEU J 180 5.00 -7.83 -17.33
C LEU J 180 3.53 -7.49 -17.10
N ALA J 181 3.01 -6.49 -17.83
CA ALA J 181 1.61 -6.15 -17.69
C ALA J 181 0.68 -7.20 -18.30
N GLY J 182 1.22 -8.16 -19.03
CA GLY J 182 0.41 -9.19 -19.64
C GLY J 182 0.22 -9.08 -21.15
N CYS J 183 0.79 -8.06 -21.81
CA CYS J 183 0.69 -8.01 -23.27
C CYS J 183 1.21 -9.29 -23.89
N LYS J 184 0.39 -9.88 -24.75
CA LYS J 184 0.73 -11.17 -25.35
C LYS J 184 1.52 -11.05 -26.65
N SER J 185 1.75 -9.83 -27.13
CA SER J 185 2.60 -9.65 -28.30
C SER J 185 3.30 -8.29 -28.18
N ILE J 186 4.44 -8.17 -28.84
CA ILE J 186 5.24 -6.96 -28.76
C ILE J 186 6.11 -6.90 -30.00
N THR J 187 6.39 -5.68 -30.47
CA THR J 187 7.27 -5.52 -31.61
C THR J 187 8.39 -4.55 -31.22
N LEU J 188 9.62 -4.96 -31.45
CA LEU J 188 10.77 -4.24 -30.93
C LEU J 188 11.59 -3.64 -32.06
N PRO J 189 12.02 -2.39 -31.93
CA PRO J 189 13.06 -1.87 -32.83
C PRO J 189 14.38 -2.59 -32.58
N VAL J 190 15.26 -2.48 -33.57
CA VAL J 190 16.51 -3.24 -33.56
C VAL J 190 17.31 -2.94 -32.30
N ASP J 191 17.50 -1.65 -31.99
CA ASP J 191 18.46 -1.31 -30.95
C ASP J 191 17.97 -1.75 -29.58
N VAL J 192 16.67 -1.67 -29.32
CA VAL J 192 16.14 -2.17 -28.06
C VAL J 192 16.28 -3.69 -27.98
N ALA J 193 15.99 -4.38 -29.09
CA ALA J 193 16.11 -5.84 -29.10
C ALA J 193 17.54 -6.28 -28.77
N GLU J 194 18.55 -5.61 -29.33
CA GLU J 194 19.92 -6.00 -29.06
C GLU J 194 20.35 -5.65 -27.64
N LEU J 195 19.73 -4.63 -27.03
CA LEU J 195 20.09 -4.31 -25.66
C LEU J 195 19.76 -5.46 -24.70
N PHE J 196 18.71 -6.22 -24.99
CA PHE J 196 18.37 -7.34 -24.09
C PHE J 196 19.48 -8.39 -24.02
N ILE J 197 20.33 -8.49 -25.04
CA ILE J 197 21.35 -9.53 -25.05
C ILE J 197 22.77 -8.95 -25.14
N SER J 198 22.99 -7.76 -24.57
CA SER J 198 24.34 -7.20 -24.60
C SER J 198 24.74 -6.62 -23.25
N ASP J 199 24.23 -7.18 -22.16
CA ASP J 199 24.62 -6.72 -20.83
C ASP J 199 26.12 -6.95 -20.60
N PRO J 200 26.89 -5.90 -20.25
CA PRO J 200 28.33 -6.12 -20.01
C PRO J 200 28.63 -7.00 -18.80
N ALA J 201 27.74 -7.09 -17.81
CA ALA J 201 27.94 -8.03 -16.71
C ALA J 201 28.10 -9.48 -17.19
N VAL J 202 27.41 -9.86 -18.27
CA VAL J 202 27.50 -11.22 -18.79
C VAL J 202 28.91 -11.51 -19.30
N ASP J 203 29.43 -10.62 -20.15
CA ASP J 203 30.80 -10.77 -20.65
C ASP J 203 31.82 -10.84 -19.52
N ALA J 204 31.60 -10.07 -18.45
CA ALA J 204 32.58 -10.05 -17.38
C ALA J 204 32.60 -11.36 -16.61
N VAL J 205 31.44 -11.97 -16.36
CA VAL J 205 31.43 -13.18 -15.55
C VAL J 205 31.94 -14.36 -16.37
N ILE J 206 31.74 -14.33 -17.69
CA ILE J 206 32.31 -15.33 -18.57
C ILE J 206 33.84 -15.25 -18.57
N THR J 207 34.37 -14.03 -18.71
CA THR J 207 35.82 -13.82 -18.62
C THR J 207 36.37 -14.36 -17.30
N LYS J 208 35.70 -14.09 -16.19
CA LYS J 208 36.17 -14.63 -14.92
C LYS J 208 36.16 -16.15 -14.94
N PHE J 209 35.10 -16.76 -15.48
CA PHE J 209 35.04 -18.21 -15.62
C PHE J 209 36.25 -18.73 -16.38
N ASP J 210 36.57 -18.09 -17.51
CA ASP J 210 37.68 -18.56 -18.34
C ASP J 210 39.02 -18.39 -17.62
N GLN J 211 39.18 -17.28 -16.90
CA GLN J 211 40.42 -17.06 -16.16
C GLN J 211 40.60 -18.12 -15.09
N ASP J 212 39.54 -18.43 -14.33
CA ASP J 212 39.61 -19.51 -13.36
C ASP J 212 39.99 -20.83 -14.03
N TRP J 213 39.29 -21.17 -15.12
CA TRP J 213 39.57 -22.43 -15.81
C TRP J 213 41.02 -22.48 -16.29
N CYS J 214 41.48 -21.41 -16.93
CA CYS J 214 42.82 -21.42 -17.51
C CYS J 214 43.90 -21.52 -16.44
N ASN J 215 43.74 -20.79 -15.32
CA ASN J 215 44.72 -20.89 -14.23
C ASN J 215 44.86 -22.33 -13.74
N ALA J 216 43.75 -23.07 -13.69
CA ALA J 216 43.77 -24.42 -13.15
C ALA J 216 44.15 -25.48 -14.18
N PHE J 217 43.85 -25.27 -15.46
CA PHE J 217 44.02 -26.32 -16.46
C PHE J 217 44.85 -25.94 -17.66
N GLY J 218 45.08 -24.67 -17.94
CA GLY J 218 45.92 -24.28 -19.06
C GLY J 218 45.26 -24.04 -20.40
N THR J 219 44.33 -24.91 -20.80
CA THR J 219 43.61 -24.76 -22.05
C THR J 219 42.12 -24.59 -21.77
N LEU J 220 41.47 -23.75 -22.56
CA LEU J 220 40.04 -23.50 -22.44
C LEU J 220 39.25 -24.58 -23.20
N SER J 221 39.41 -25.81 -22.74
CA SER J 221 38.76 -26.96 -23.36
C SER J 221 38.53 -28.02 -22.30
N PHE J 222 37.79 -29.06 -22.69
CA PHE J 222 37.58 -30.21 -21.82
C PHE J 222 38.72 -31.21 -21.97
#